data_6WG6
#
_entry.id   6WG6
#
_cell.length_a   123.985
_cell.length_b   145.021
_cell.length_c   315.949
_cell.angle_alpha   90.000
_cell.angle_beta   90.000
_cell.angle_gamma   90.000
#
_symmetry.space_group_name_H-M   'P 21 21 21'
#
loop_
_entity.id
_entity.type
_entity.pdbx_description
1 polymer 'Structural maintenance of chromosomes protein'
2 polymer 'Structural maintenance of chromosomes protein 3'
3 polymer poly(dT)
#
loop_
_entity_poly.entity_id
_entity_poly.type
_entity_poly.pdbx_seq_one_letter_code
_entity_poly.pdbx_strand_id
1 'polypeptide(L)'
;GPEINKELNQVMEQLGDARIDRQESSRQQRKAEIMESIKRLYPGSVYGRLIDLCQPTQKKYQIAVTKVLGKNMDAIIVDS
EKTGRDCIQYIKEQRGEPETFLPLDYLEVKPTDEKLRELKGAKLVIDVIRYEPPHIKKALQYACGNALVCDNVEDARRIA
FGGHQRHKTVALDGTLFQKSGVISGGASDLKAKARRWDEKAVDKLKEKKERLTEELKEQMKAKRKEAELRQVQ
;
A,C,E,G,I,K
2 'polypeptide(L)'
;GPLGSGRPQSERNYLWREENAEQQALAAKREDLEKKQQLLRAATGKAILNGIDSINKVLDHFRRKGINQHVQNGYHGIVM
NNFECEPAFYTCVEVTAGNRLFYHIVDSDEVSTKILMEFNKMNLPGEVTFLPLNKLDVRDTAYPETNDAIPMISKLRYNP
RFDKAFKHVFGKTLICRSMEVSTQLARAFTMDCITLEGDQVSHRGALTGGYYDTRKSRLELQKDVRKAEEELGELEAKLN
ENLRRNIERINNEIDQ
;
B,D,F,H,J,L
3 'polydeoxyribonucleotide' (DT)(DT)(DT)(DT)(DT)(DT)(DT)(DT)(DT)(DT) M,N
#
loop_
_chem_comp.id
_chem_comp.type
_chem_comp.name
_chem_comp.formula
DT DNA linking THYMIDINE-5'-MONOPHOSPHATE 'C10 H15 N2 O8 P'
#
# COMPACT_ATOMS: atom_id res chain seq x y z
N SER A 26 29.57 -4.01 8.32
CA SER A 26 29.25 -3.04 9.36
C SER A 26 27.75 -2.89 9.54
N ARG A 27 27.21 -3.55 10.56
CA ARG A 27 25.76 -3.53 10.79
C ARG A 27 25.31 -2.19 11.35
N GLN A 28 26.12 -1.58 12.22
CA GLN A 28 25.78 -0.29 12.81
C GLN A 28 25.69 0.81 11.75
N GLN A 29 26.51 0.73 10.71
CA GLN A 29 26.49 1.72 9.64
C GLN A 29 25.17 1.72 8.89
N ARG A 30 24.73 0.54 8.44
CA ARG A 30 23.44 0.45 7.74
C ARG A 30 22.27 0.69 8.68
N LYS A 31 22.43 0.34 9.96
CA LYS A 31 21.40 0.66 10.96
C LYS A 31 21.19 2.17 11.07
N ALA A 32 22.30 2.92 11.22
CA ALA A 32 22.20 4.37 11.28
C ALA A 32 21.76 4.97 9.95
N GLU A 33 22.06 4.30 8.84
CA GLU A 33 21.63 4.78 7.52
C GLU A 33 20.11 4.72 7.39
N ILE A 34 19.52 3.55 7.65
CA ILE A 34 18.06 3.41 7.66
C ILE A 34 17.44 4.30 8.72
N MET A 35 18.13 4.49 9.85
CA MET A 35 17.65 5.37 10.91
C MET A 35 17.53 6.81 10.44
N GLU A 36 18.57 7.34 9.79
CA GLU A 36 18.52 8.70 9.27
C GLU A 36 17.50 8.83 8.14
N SER A 37 17.30 7.76 7.37
CA SER A 37 16.29 7.78 6.32
C SER A 37 14.88 7.93 6.90
N ILE A 38 14.55 7.14 7.95
CA ILE A 38 13.25 7.31 8.59
C ILE A 38 13.18 8.61 9.38
N LYS A 39 14.33 9.16 9.79
CA LYS A 39 14.32 10.47 10.44
C LYS A 39 13.93 11.57 9.46
N ARG A 40 14.40 11.46 8.21
CA ARG A 40 14.06 12.46 7.21
C ARG A 40 12.71 12.20 6.54
N LEU A 41 12.17 10.98 6.65
CA LEU A 41 10.87 10.72 6.04
C LEU A 41 9.72 11.23 6.90
N TYR A 42 9.72 10.92 8.20
CA TYR A 42 8.68 11.31 9.13
C TYR A 42 9.34 12.16 10.21
N PRO A 43 9.60 13.43 9.93
CA PRO A 43 10.54 14.21 10.75
C PRO A 43 9.95 14.79 12.03
N GLY A 44 8.67 15.15 12.01
CA GLY A 44 8.04 15.60 13.23
C GLY A 44 7.54 14.48 14.12
N SER A 45 7.96 13.25 13.85
CA SER A 45 7.38 12.10 14.53
C SER A 45 8.37 10.98 14.81
N VAL A 46 9.63 11.09 14.40
CA VAL A 46 10.67 10.12 14.73
C VAL A 46 11.70 10.87 15.57
N TYR A 47 11.59 10.72 16.89
CA TYR A 47 12.41 11.52 17.81
C TYR A 47 13.85 11.03 17.86
N GLY A 48 14.06 9.74 17.71
CA GLY A 48 15.38 9.14 17.79
C GLY A 48 15.38 7.89 18.62
N ARG A 49 16.58 7.34 18.80
CA ARG A 49 16.74 6.26 19.78
C ARG A 49 16.67 6.83 21.19
N LEU A 50 16.69 5.92 22.16
CA LEU A 50 16.62 6.37 23.55
C LEU A 50 17.97 6.81 24.07
N ILE A 51 19.08 6.26 23.55
CA ILE A 51 20.39 6.70 24.01
C ILE A 51 20.67 8.13 23.55
N ASP A 52 20.41 8.45 22.29
CA ASP A 52 20.65 9.78 21.76
C ASP A 52 19.65 10.81 22.25
N LEU A 53 18.70 10.39 23.09
CA LEU A 53 17.64 11.25 23.58
C LEU A 53 17.66 11.42 25.10
N CYS A 54 18.54 10.72 25.81
CA CYS A 54 18.60 10.84 27.25
C CYS A 54 19.99 10.44 27.74
N GLN A 55 20.32 10.89 28.95
CA GLN A 55 21.61 10.65 29.60
C GLN A 55 21.40 10.87 31.10
N PRO A 56 22.17 10.21 31.97
CA PRO A 56 21.85 10.24 33.40
C PRO A 56 22.34 11.53 34.05
N THR A 57 22.03 11.66 35.34
CA THR A 57 22.36 12.89 36.05
C THR A 57 23.85 12.98 36.32
N GLN A 58 24.45 11.90 36.81
CA GLN A 58 25.89 11.85 37.06
C GLN A 58 26.55 10.92 36.04
N LYS A 59 27.75 10.44 36.40
CA LYS A 59 28.44 9.39 35.66
C LYS A 59 28.43 8.07 36.41
N LYS A 60 28.24 8.11 37.74
CA LYS A 60 28.20 6.90 38.56
C LYS A 60 27.09 5.95 38.13
N TYR A 61 25.92 6.51 37.80
CA TYR A 61 24.72 5.72 37.57
C TYR A 61 24.70 5.07 36.20
N GLN A 62 25.74 5.32 35.37
CA GLN A 62 25.87 4.80 34.02
C GLN A 62 25.64 3.30 33.93
N ILE A 63 26.16 2.55 34.91
CA ILE A 63 25.93 1.11 34.97
C ILE A 63 24.45 0.83 35.20
N ALA A 64 23.91 1.38 36.29
CA ALA A 64 22.59 0.99 36.76
C ALA A 64 21.51 1.32 35.76
N VAL A 65 21.57 2.52 35.17
CA VAL A 65 20.64 2.93 34.13
C VAL A 65 20.68 1.95 32.95
N THR A 66 21.89 1.54 32.54
CA THR A 66 22.02 0.60 31.43
C THR A 66 21.49 -0.78 31.78
N LYS A 67 21.36 -1.10 33.07
CA LYS A 67 20.72 -2.36 33.42
C LYS A 67 19.21 -2.24 33.41
N VAL A 68 18.67 -1.05 33.70
CA VAL A 68 17.22 -0.92 33.79
C VAL A 68 16.61 -0.68 32.42
N LEU A 69 17.28 0.09 31.56
CA LEU A 69 16.73 0.36 30.24
C LEU A 69 16.83 -0.86 29.32
N GLY A 70 17.99 -1.53 29.33
CA GLY A 70 18.16 -2.77 28.59
C GLY A 70 18.01 -2.58 27.10
N LYS A 71 17.17 -3.43 26.49
CA LYS A 71 16.88 -3.34 25.06
C LYS A 71 16.26 -2.00 24.70
N ASN A 72 15.59 -1.34 25.67
CA ASN A 72 15.03 -0.03 25.43
C ASN A 72 16.09 1.02 25.09
N MET A 73 17.36 0.77 25.38
CA MET A 73 18.41 1.68 24.94
C MET A 73 18.45 1.81 23.42
N ASP A 74 18.13 0.74 22.70
CA ASP A 74 18.10 0.79 21.24
C ASP A 74 16.69 0.92 20.69
N ALA A 75 15.72 1.24 21.54
CA ALA A 75 14.34 1.41 21.08
C ALA A 75 14.15 2.79 20.48
N ILE A 76 13.56 2.84 19.29
CA ILE A 76 13.32 4.10 18.59
C ILE A 76 12.02 4.69 19.11
N ILE A 77 12.06 5.97 19.47
CA ILE A 77 10.95 6.65 20.14
C ILE A 77 10.20 7.45 19.08
N VAL A 78 8.96 7.04 18.77
CA VAL A 78 8.14 7.70 17.75
C VAL A 78 6.81 8.11 18.36
N ASP A 79 6.11 9.02 17.69
CA ASP A 79 5.02 9.74 18.34
C ASP A 79 3.77 8.90 18.50
N SER A 80 3.44 8.07 17.50
CA SER A 80 2.21 7.31 17.56
C SER A 80 2.37 6.00 16.79
N GLU A 81 1.34 5.17 16.89
CA GLU A 81 1.39 3.81 16.36
C GLU A 81 1.42 3.79 14.84
N LYS A 82 0.75 4.76 14.20
CA LYS A 82 0.77 4.88 12.74
C LYS A 82 2.20 5.03 12.21
N THR A 83 2.95 5.96 12.80
CA THR A 83 4.35 6.14 12.42
C THR A 83 5.17 4.91 12.77
N GLY A 84 4.76 4.17 13.80
CA GLY A 84 5.43 2.90 14.12
C GLY A 84 5.32 1.89 12.99
N ARG A 85 4.09 1.61 12.53
CA ARG A 85 3.93 0.69 11.41
C ARG A 85 4.57 1.22 10.14
N ASP A 86 4.54 2.54 9.92
CA ASP A 86 5.15 3.10 8.71
C ASP A 86 6.65 2.88 8.71
N CYS A 87 7.31 3.17 9.82
CA CYS A 87 8.75 2.94 9.92
C CYS A 87 9.09 1.45 9.84
N ILE A 88 8.27 0.59 10.45
CA ILE A 88 8.54 -0.84 10.40
C ILE A 88 8.44 -1.36 8.97
N GLN A 89 7.41 -0.94 8.23
CA GLN A 89 7.29 -1.40 6.85
C GLN A 89 8.36 -0.81 5.96
N TYR A 90 8.85 0.40 6.26
CA TYR A 90 9.95 0.93 5.46
C TYR A 90 11.25 0.17 5.73
N ILE A 91 11.47 -0.23 6.98
CA ILE A 91 12.63 -1.08 7.28
C ILE A 91 12.51 -2.42 6.56
N LYS A 92 11.29 -2.96 6.50
CA LYS A 92 11.09 -4.22 5.79
C LYS A 92 11.31 -4.07 4.28
N GLU A 93 10.94 -2.91 3.72
CA GLU A 93 11.20 -2.67 2.31
C GLU A 93 12.69 -2.55 2.03
N GLN A 94 13.44 -1.97 2.96
CA GLN A 94 14.89 -1.85 2.80
C GLN A 94 15.64 -3.10 3.25
N ARG A 95 14.91 -4.14 3.71
CA ARG A 95 15.47 -5.44 4.08
C ARG A 95 16.52 -5.30 5.19
N GLY A 96 16.24 -4.43 6.16
CA GLY A 96 17.21 -4.09 7.18
C GLY A 96 17.03 -4.88 8.48
N GLU A 97 17.86 -4.53 9.45
CA GLU A 97 17.77 -5.12 10.78
C GLU A 97 16.48 -4.67 11.46
N PRO A 98 15.70 -5.59 12.01
CA PRO A 98 14.48 -5.17 12.72
C PRO A 98 14.81 -4.44 14.02
N GLU A 99 14.05 -3.38 14.28
CA GLU A 99 14.27 -2.54 15.46
C GLU A 99 12.98 -2.39 16.24
N THR A 100 13.11 -1.85 17.44
CA THR A 100 12.01 -1.73 18.40
C THR A 100 11.55 -0.27 18.47
N PHE A 101 10.23 -0.08 18.44
CA PHE A 101 9.64 1.25 18.48
C PHE A 101 8.73 1.41 19.69
N LEU A 102 8.80 2.59 20.29
CA LEU A 102 7.90 2.98 21.37
C LEU A 102 7.02 4.12 20.87
N PRO A 103 5.74 3.89 20.64
CA PRO A 103 4.80 4.98 20.30
C PRO A 103 4.28 5.64 21.57
N LEU A 104 4.50 6.95 21.70
CA LEU A 104 4.13 7.66 22.93
C LEU A 104 2.62 7.63 23.16
N ASP A 105 1.83 7.91 22.13
CA ASP A 105 0.39 7.98 22.28
C ASP A 105 -0.23 6.61 22.52
N TYR A 106 0.44 5.53 22.12
CA TYR A 106 -0.09 4.19 22.20
C TYR A 106 0.49 3.40 23.38
N LEU A 107 1.49 3.96 24.06
CA LEU A 107 2.22 3.25 25.11
C LEU A 107 1.38 3.17 26.39
N GLU A 108 1.42 2.00 27.04
CA GLU A 108 0.73 1.78 28.29
C GLU A 108 1.67 2.12 29.44
N VAL A 109 1.38 3.21 30.14
CA VAL A 109 2.18 3.63 31.29
C VAL A 109 1.24 3.89 32.47
N LYS A 110 1.80 3.82 33.66
CA LYS A 110 1.20 4.32 34.87
C LYS A 110 1.99 5.53 35.35
N PRO A 111 1.34 6.54 35.94
CA PRO A 111 2.08 7.71 36.42
C PRO A 111 3.10 7.36 37.49
N THR A 112 4.20 8.10 37.47
CA THR A 112 5.33 7.82 38.36
C THR A 112 4.92 8.07 39.81
N ASP A 113 5.16 7.07 40.67
CA ASP A 113 4.69 7.12 42.05
C ASP A 113 5.44 8.20 42.80
N GLU A 114 4.74 9.30 43.11
CA GLU A 114 5.36 10.45 43.75
C GLU A 114 5.79 10.14 45.18
N LYS A 115 5.06 9.25 45.87
CA LYS A 115 5.39 8.88 47.25
C LYS A 115 6.80 8.32 47.37
N LEU A 116 7.27 7.62 46.34
CA LEU A 116 8.60 7.04 46.35
C LEU A 116 9.72 8.07 46.25
N ARG A 117 9.41 9.32 45.87
CA ARG A 117 10.43 10.35 46.04
C ARG A 117 10.66 10.65 47.51
N GLU A 118 9.64 10.49 48.34
CA GLU A 118 9.76 10.65 49.79
C GLU A 118 10.18 9.32 50.41
N LEU A 119 11.45 8.97 50.15
CA LEU A 119 12.00 7.69 50.58
C LEU A 119 13.27 7.94 51.40
N LYS A 120 13.56 6.99 52.28
CA LYS A 120 14.65 7.18 53.25
C LYS A 120 16.01 7.16 52.57
N GLY A 121 16.26 6.16 51.73
CA GLY A 121 17.62 5.93 51.26
C GLY A 121 17.87 5.96 49.77
N ALA A 122 16.84 6.25 48.97
CA ALA A 122 17.00 6.24 47.51
C ALA A 122 15.90 7.08 46.88
N LYS A 123 16.07 7.34 45.58
CA LYS A 123 15.06 7.98 44.76
C LYS A 123 14.95 7.20 43.46
N LEU A 124 14.04 7.64 42.59
CA LEU A 124 13.67 6.82 41.44
C LEU A 124 14.65 6.99 40.30
N VAL A 125 14.81 5.92 39.51
CA VAL A 125 15.78 5.89 38.42
C VAL A 125 15.37 6.85 37.31
N ILE A 126 14.07 7.10 37.17
CA ILE A 126 13.60 8.07 36.17
C ILE A 126 14.02 9.49 36.57
N ASP A 127 14.09 9.79 37.88
CA ASP A 127 14.64 11.07 38.32
C ASP A 127 16.16 11.13 38.19
N VAL A 128 16.81 9.99 37.94
CA VAL A 128 18.27 9.95 37.75
C VAL A 128 18.65 10.27 36.30
N ILE A 129 17.70 10.21 35.37
CA ILE A 129 17.96 10.53 33.97
C ILE A 129 17.19 11.78 33.58
N ARG A 130 17.69 12.46 32.53
CA ARG A 130 17.05 13.61 31.94
C ARG A 130 16.73 13.34 30.47
N TYR A 131 15.66 13.97 29.97
CA TYR A 131 15.14 13.65 28.64
C TYR A 131 15.85 14.51 27.61
N GLU A 132 15.25 14.77 26.45
CA GLU A 132 15.84 15.84 25.65
C GLU A 132 14.73 16.68 24.98
N PRO A 133 13.68 16.10 24.38
CA PRO A 133 12.44 16.86 24.24
C PRO A 133 11.47 16.47 25.35
N PRO A 134 10.85 17.43 26.02
CA PRO A 134 10.01 17.09 27.18
C PRO A 134 8.71 16.37 26.82
N HIS A 135 8.46 16.11 25.55
CA HIS A 135 7.30 15.33 25.17
C HIS A 135 7.50 13.85 25.49
N ILE A 136 8.75 13.38 25.56
CA ILE A 136 9.05 11.95 25.48
C ILE A 136 8.91 11.27 26.84
N LYS A 137 8.42 12.02 27.84
CA LYS A 137 8.41 11.56 29.23
C LYS A 137 7.74 10.21 29.40
N LYS A 138 6.65 9.98 28.65
CA LYS A 138 5.90 8.72 28.70
C LYS A 138 6.80 7.52 28.44
N ALA A 139 7.69 7.62 27.44
CA ALA A 139 8.60 6.53 27.15
C ALA A 139 9.52 6.24 28.32
N LEU A 140 10.01 7.29 28.99
CA LEU A 140 10.85 7.06 30.16
C LEU A 140 10.02 6.72 31.39
N GLN A 141 8.70 6.87 31.32
CA GLN A 141 7.86 6.25 32.33
C GLN A 141 7.75 4.75 32.09
N TYR A 142 7.85 4.31 30.84
CA TYR A 142 7.65 2.90 30.53
C TYR A 142 8.93 2.11 30.69
N ALA A 143 10.07 2.72 30.36
CA ALA A 143 11.34 2.02 30.45
C ALA A 143 11.85 1.95 31.89
N CYS A 144 11.42 2.86 32.75
CA CYS A 144 11.84 2.87 34.15
C CYS A 144 10.72 2.49 35.11
N GLY A 145 9.59 3.20 35.04
CA GLY A 145 8.53 2.93 35.99
C GLY A 145 8.91 3.46 37.37
N ASN A 146 8.73 2.62 38.39
CA ASN A 146 9.08 2.94 39.76
C ASN A 146 10.34 2.20 40.20
N ALA A 147 11.34 2.14 39.34
CA ALA A 147 12.62 1.54 39.73
C ALA A 147 13.38 2.51 40.64
N LEU A 148 14.20 1.94 41.52
CA LEU A 148 14.99 2.72 42.47
C LEU A 148 16.44 2.27 42.43
N VAL A 149 17.35 3.19 42.75
CA VAL A 149 18.79 2.95 42.61
C VAL A 149 19.47 3.29 43.93
N CYS A 150 20.35 2.39 44.37
CA CYS A 150 20.99 2.52 45.68
C CYS A 150 22.51 2.39 45.57
N ASP A 151 23.19 3.00 46.55
CA ASP A 151 24.65 3.12 46.54
C ASP A 151 25.32 1.76 46.58
N ASN A 152 25.03 0.97 47.61
CA ASN A 152 25.61 -0.34 47.78
C ASN A 152 24.52 -1.40 47.72
N VAL A 153 24.96 -2.66 47.74
CA VAL A 153 24.04 -3.78 47.59
C VAL A 153 23.16 -3.94 48.83
N GLU A 154 23.73 -3.69 50.01
CA GLU A 154 22.98 -3.88 51.24
C GLU A 154 21.86 -2.85 51.38
N ASP A 155 22.11 -1.60 50.96
CA ASP A 155 21.08 -0.58 51.02
C ASP A 155 19.94 -0.88 50.05
N ALA A 156 20.28 -1.39 48.86
CA ALA A 156 19.27 -1.79 47.88
C ALA A 156 18.40 -2.91 48.42
N ARG A 157 19.03 -3.94 49.00
CA ARG A 157 18.30 -5.03 49.63
C ARG A 157 17.42 -4.51 50.77
N ARG A 158 17.92 -3.54 51.54
CA ARG A 158 17.20 -3.05 52.72
C ARG A 158 15.94 -2.30 52.33
N ILE A 159 16.05 -1.34 51.42
CA ILE A 159 14.81 -0.65 51.03
C ILE A 159 13.94 -1.51 50.11
N ALA A 160 14.49 -2.52 49.44
CA ALA A 160 13.67 -3.34 48.55
C ALA A 160 12.82 -4.33 49.34
N PHE A 161 13.37 -4.90 50.42
CA PHE A 161 12.67 -5.96 51.13
C PHE A 161 12.17 -5.57 52.52
N GLY A 162 12.68 -4.47 53.10
CA GLY A 162 12.35 -4.14 54.47
C GLY A 162 11.02 -3.45 54.65
N GLY A 163 10.60 -2.66 53.68
CA GLY A 163 9.29 -2.05 53.74
C GLY A 163 8.17 -3.05 53.54
N HIS A 164 6.95 -2.62 53.86
CA HIS A 164 5.79 -3.49 53.68
C HIS A 164 5.39 -3.62 52.22
N GLN A 165 5.93 -2.80 51.33
CA GLN A 165 5.75 -2.91 49.89
C GLN A 165 7.11 -3.01 49.23
N ARG A 166 7.33 -4.05 48.45
CA ARG A 166 8.61 -4.30 47.81
C ARG A 166 8.71 -3.59 46.47
N HIS A 167 9.93 -3.20 46.11
CA HIS A 167 10.16 -2.40 44.91
C HIS A 167 11.34 -2.94 44.11
N LYS A 168 11.23 -2.80 42.80
CA LYS A 168 12.31 -3.14 41.87
C LYS A 168 13.47 -2.17 42.08
N THR A 169 14.55 -2.67 42.68
CA THR A 169 15.68 -1.83 43.08
C THR A 169 16.94 -2.31 42.37
N VAL A 170 17.80 -1.38 41.98
CA VAL A 170 19.07 -1.69 41.33
C VAL A 170 20.18 -1.08 42.18
N ALA A 171 21.32 -1.76 42.22
CA ALA A 171 22.50 -1.21 42.87
C ALA A 171 23.37 -0.48 41.84
N LEU A 172 24.34 0.29 42.35
CA LEU A 172 25.26 1.01 41.47
C LEU A 172 26.12 0.07 40.64
N ASP A 173 26.36 -1.14 41.13
CA ASP A 173 27.18 -2.10 40.39
C ASP A 173 26.37 -2.94 39.40
N GLY A 174 25.09 -2.64 39.22
CA GLY A 174 24.28 -3.25 38.18
C GLY A 174 23.42 -4.41 38.62
N THR A 175 23.53 -4.86 39.88
CA THR A 175 22.71 -5.96 40.34
C THR A 175 21.27 -5.51 40.55
N LEU A 176 20.33 -6.32 40.07
CA LEU A 176 18.93 -5.95 39.98
C LEU A 176 18.12 -6.76 40.97
N PHE A 177 17.29 -6.07 41.77
CA PHE A 177 16.52 -6.67 42.86
C PHE A 177 15.05 -6.57 42.44
N GLN A 178 14.54 -7.60 41.77
CA GLN A 178 13.16 -7.57 41.32
C GLN A 178 12.19 -7.75 42.49
N LYS A 179 10.92 -7.44 42.24
CA LYS A 179 9.90 -7.53 43.29
C LYS A 179 9.67 -8.97 43.73
N SER A 180 9.79 -9.93 42.82
CA SER A 180 9.61 -11.34 43.15
C SER A 180 10.75 -11.90 43.98
N GLY A 181 11.86 -11.19 44.10
CA GLY A 181 13.02 -11.65 44.84
C GLY A 181 14.11 -12.24 43.98
N VAL A 182 13.92 -12.31 42.66
CA VAL A 182 14.93 -12.87 41.77
C VAL A 182 16.12 -11.93 41.69
N ILE A 183 17.20 -12.30 42.37
CA ILE A 183 18.44 -11.54 42.31
C ILE A 183 19.05 -11.71 40.92
N SER A 184 19.39 -10.59 40.28
CA SER A 184 19.91 -10.60 38.92
C SER A 184 21.31 -9.98 38.92
N GLY A 185 22.31 -10.80 38.65
CA GLY A 185 23.67 -10.32 38.47
C GLY A 185 24.16 -10.67 37.08
N GLY A 186 24.91 -9.76 36.48
CA GLY A 186 25.41 -9.96 35.14
C GLY A 186 26.14 -8.77 34.56
N ALA A 187 27.37 -8.54 35.04
CA ALA A 187 28.19 -7.42 34.60
C ALA A 187 29.23 -7.83 33.56
N SER A 188 29.03 -8.97 32.89
CA SER A 188 29.96 -9.41 31.87
C SER A 188 29.86 -8.54 30.62
N ASP A 189 28.64 -8.26 30.17
CA ASP A 189 28.39 -7.41 29.02
C ASP A 189 27.97 -6.00 29.40
N LEU A 190 27.83 -5.71 30.70
CA LEU A 190 27.40 -4.39 31.14
C LEU A 190 28.50 -3.34 31.03
N LYS A 191 29.77 -3.75 30.97
CA LYS A 191 30.86 -2.80 30.82
C LYS A 191 30.79 -2.12 29.45
N ALA A 192 30.50 -2.87 28.39
CA ALA A 192 30.38 -2.27 27.07
C ALA A 192 29.10 -1.44 26.96
N LYS A 193 28.01 -1.90 27.58
CA LYS A 193 26.77 -1.13 27.57
C LYS A 193 26.93 0.19 28.32
N ALA A 194 27.77 0.23 29.34
CA ALA A 194 28.09 1.49 30.00
C ALA A 194 29.10 2.31 29.21
N ARG A 195 30.00 1.65 28.47
CA ARG A 195 30.97 2.37 27.65
C ARG A 195 30.32 3.07 26.47
N ARG A 196 29.17 2.57 26.01
CA ARG A 196 28.42 3.25 24.96
C ARG A 196 27.99 4.65 25.38
N TRP A 197 27.78 4.86 26.69
CA TRP A 197 27.33 6.15 27.20
C TRP A 197 28.38 7.24 27.00
N ASP A 198 29.65 6.92 27.25
CA ASP A 198 30.73 7.88 27.01
C ASP A 198 31.16 7.86 25.54
N GLU A 199 30.97 6.74 24.85
CA GLU A 199 31.28 6.69 23.43
C GLU A 199 30.34 7.57 22.63
N LYS A 200 29.12 7.81 23.14
CA LYS A 200 28.26 8.80 22.49
C LYS A 200 28.81 10.22 22.64
N ALA A 201 29.47 10.52 23.76
CA ALA A 201 30.11 11.83 23.89
C ALA A 201 31.32 11.92 22.98
N VAL A 202 32.04 10.80 22.81
CA VAL A 202 33.15 10.76 21.86
C VAL A 202 32.64 10.98 20.44
N ASP A 203 31.49 10.38 20.10
CA ASP A 203 30.88 10.57 18.78
C ASP A 203 30.40 12.01 18.59
N LYS A 204 29.93 12.65 19.66
CA LYS A 204 29.53 14.05 19.54
C LYS A 204 30.74 14.96 19.36
N LEU A 205 31.85 14.69 20.05
CA LEU A 205 33.05 15.49 19.86
C LEU A 205 33.69 15.24 18.50
N LYS A 206 33.53 14.04 17.94
CA LYS A 206 34.05 13.78 16.60
C LYS A 206 33.24 14.52 15.54
N GLU A 207 31.91 14.48 15.65
CA GLU A 207 31.03 15.15 14.70
C GLU A 207 30.96 16.65 14.99
N ASN B 13 30.94 -56.95 -15.08
CA ASN B 13 32.15 -56.14 -15.19
C ASN B 13 31.85 -54.65 -15.00
N TYR B 14 30.57 -54.29 -15.08
CA TYR B 14 30.12 -52.93 -14.90
C TYR B 14 29.72 -52.60 -13.47
N LEU B 15 30.04 -53.48 -12.52
CA LEU B 15 29.48 -53.37 -11.18
C LEU B 15 30.32 -52.47 -10.27
N TRP B 16 31.66 -52.56 -10.38
CA TRP B 16 32.53 -51.85 -9.46
C TRP B 16 32.50 -50.33 -9.69
N ARG B 17 32.37 -49.91 -10.95
CA ARG B 17 32.30 -48.48 -11.25
C ARG B 17 31.00 -47.87 -10.75
N GLU B 18 29.89 -48.60 -10.88
CA GLU B 18 28.62 -48.14 -10.34
C GLU B 18 28.66 -48.09 -8.81
N GLU B 19 29.32 -49.08 -8.19
CA GLU B 19 29.56 -49.05 -6.75
C GLU B 19 30.33 -47.80 -6.33
N ASN B 20 31.38 -47.45 -7.07
CA ASN B 20 32.19 -46.29 -6.75
C ASN B 20 31.40 -45.00 -6.91
N ALA B 21 30.60 -44.89 -7.97
CA ALA B 21 29.80 -43.69 -8.20
C ALA B 21 28.70 -43.55 -7.14
N GLU B 22 28.11 -44.67 -6.73
CA GLU B 22 27.09 -44.64 -5.68
C GLU B 22 27.69 -44.22 -4.35
N GLN B 23 28.93 -44.65 -4.08
CA GLN B 23 29.60 -44.17 -2.88
C GLN B 23 29.95 -42.69 -2.97
N GLN B 24 30.29 -42.20 -4.17
CA GLN B 24 30.51 -40.77 -4.35
C GLN B 24 29.25 -39.97 -4.04
N ALA B 25 28.10 -40.47 -4.51
CA ALA B 25 26.82 -39.81 -4.21
C ALA B 25 26.50 -39.83 -2.72
N LEU B 26 26.77 -40.96 -2.06
CA LEU B 26 26.55 -41.05 -0.61
C LEU B 26 27.44 -40.08 0.15
N ALA B 27 28.71 -39.96 -0.25
CA ALA B 27 29.62 -39.04 0.42
C ALA B 27 29.21 -37.59 0.19
N ALA B 28 28.68 -37.29 -1.01
CA ALA B 28 28.16 -35.95 -1.26
C ALA B 28 26.97 -35.64 -0.36
N LYS B 29 26.10 -36.63 -0.13
CA LYS B 29 24.97 -36.43 0.77
C LYS B 29 25.43 -36.22 2.21
N ARG B 30 26.45 -36.95 2.65
CA ARG B 30 26.96 -36.76 4.02
C ARG B 30 27.61 -35.40 4.19
N GLU B 31 28.33 -34.92 3.16
CA GLU B 31 28.91 -33.58 3.23
C GLU B 31 27.82 -32.51 3.27
N ASP B 32 26.73 -32.72 2.50
CA ASP B 32 25.59 -31.82 2.56
C ASP B 32 24.98 -31.77 3.97
N LEU B 33 24.85 -32.94 4.60
CA LEU B 33 24.26 -33.00 5.94
C LEU B 33 25.17 -32.33 6.96
N GLU B 34 26.49 -32.47 6.80
CA GLU B 34 27.42 -31.78 7.71
C GLU B 34 27.32 -30.27 7.53
N LYS B 35 27.17 -29.81 6.29
CA LYS B 35 26.99 -28.37 6.02
C LYS B 35 25.73 -27.84 6.71
N LYS B 36 24.60 -28.54 6.55
CA LYS B 36 23.35 -28.05 7.10
C LYS B 36 23.32 -28.14 8.62
N GLN B 37 23.96 -29.18 9.18
CA GLN B 37 24.08 -29.30 10.62
C GLN B 37 24.94 -28.18 11.20
N GLN B 38 26.01 -27.81 10.50
CA GLN B 38 26.83 -26.71 10.98
C GLN B 38 26.11 -25.36 10.83
N LEU B 39 25.24 -25.23 9.82
CA LEU B 39 24.40 -24.04 9.73
C LEU B 39 23.47 -23.92 10.93
N LEU B 40 22.82 -25.03 11.31
CA LEU B 40 21.98 -25.02 12.50
C LEU B 40 22.79 -24.75 13.75
N ARG B 41 23.99 -25.33 13.84
CA ARG B 41 24.84 -25.12 15.01
C ARG B 41 25.32 -23.69 15.13
N ALA B 42 25.58 -23.03 13.99
CA ALA B 42 25.96 -21.62 14.02
C ALA B 42 24.77 -20.74 14.40
N ALA B 43 23.58 -21.09 13.93
CA ALA B 43 22.39 -20.36 14.32
C ALA B 43 21.97 -20.65 15.77
N THR B 44 22.54 -21.67 16.40
CA THR B 44 22.22 -22.02 17.78
C THR B 44 22.99 -21.19 18.80
N GLY B 45 24.27 -20.95 18.56
CA GLY B 45 25.08 -20.22 19.51
C GLY B 45 26.00 -21.13 20.30
N LYS B 46 27.13 -20.58 20.76
CA LYS B 46 28.13 -21.40 21.44
C LYS B 46 27.70 -21.78 22.84
N ALA B 47 27.07 -20.86 23.58
CA ALA B 47 26.70 -21.13 24.96
C ALA B 47 25.58 -22.15 25.05
N ILE B 48 24.57 -22.01 24.18
CA ILE B 48 23.43 -22.94 24.18
C ILE B 48 23.89 -24.33 23.77
N LEU B 49 24.76 -24.43 22.77
CA LEU B 49 25.22 -25.73 22.28
C LEU B 49 26.10 -26.43 23.31
N ASN B 50 27.03 -25.69 23.94
CA ASN B 50 27.83 -26.28 24.99
C ASN B 50 26.98 -26.66 26.20
N GLY B 51 25.93 -25.89 26.48
CA GLY B 51 25.00 -26.27 27.53
C GLY B 51 24.28 -27.56 27.24
N ILE B 52 23.86 -27.75 25.99
CA ILE B 52 23.17 -28.97 25.59
C ILE B 52 24.11 -30.17 25.69
N ASP B 53 25.36 -30.01 25.21
CA ASP B 53 26.36 -31.07 25.35
C ASP B 53 26.65 -31.38 26.82
N SER B 54 26.62 -30.36 27.68
CA SER B 54 26.89 -30.57 29.09
C SER B 54 25.74 -31.30 29.79
N ILE B 55 24.49 -30.97 29.46
CA ILE B 55 23.35 -31.70 30.01
C ILE B 55 23.41 -33.15 29.54
N ASN B 56 23.80 -33.36 28.28
CA ASN B 56 23.96 -34.72 27.76
C ASN B 56 25.00 -35.49 28.55
N LYS B 57 26.14 -34.85 28.86
CA LYS B 57 27.20 -35.51 29.63
C LYS B 57 26.75 -35.82 31.06
N VAL B 58 26.05 -34.86 31.69
CA VAL B 58 25.58 -35.07 33.07
C VAL B 58 24.59 -36.23 33.12
N LEU B 59 23.64 -36.28 32.18
CA LEU B 59 22.69 -37.39 32.20
C LEU B 59 23.30 -38.71 31.75
N ASP B 60 24.34 -38.68 30.91
CA ASP B 60 25.06 -39.90 30.56
C ASP B 60 25.77 -40.49 31.78
N HIS B 61 26.63 -39.68 32.42
CA HIS B 61 27.30 -40.09 33.65
C HIS B 61 26.30 -40.39 34.77
N PHE B 62 25.09 -39.83 34.67
CA PHE B 62 24.04 -40.11 35.63
C PHE B 62 23.48 -41.51 35.43
N ARG B 63 23.08 -41.85 34.19
CA ARG B 63 22.55 -43.16 33.89
C ARG B 63 23.60 -44.27 33.89
N ARG B 64 24.90 -43.92 33.93
CA ARG B 64 25.91 -44.96 34.11
C ARG B 64 25.74 -45.68 35.46
N LYS B 65 25.26 -44.97 36.48
CA LYS B 65 25.12 -45.53 37.82
C LYS B 65 23.67 -45.70 38.25
N GLY B 66 22.71 -45.16 37.49
CA GLY B 66 21.31 -45.40 37.76
C GLY B 66 20.75 -44.69 38.97
N ILE B 67 21.38 -43.61 39.43
CA ILE B 67 20.95 -42.92 40.63
C ILE B 67 19.89 -41.88 40.26
N ASN B 68 19.07 -41.53 41.26
CA ASN B 68 17.97 -40.55 41.18
C ASN B 68 17.01 -40.94 40.06
N GLN B 69 16.00 -41.72 40.42
CA GLN B 69 15.30 -42.55 39.43
C GLN B 69 14.29 -41.76 38.61
N HIS B 70 13.54 -40.84 39.22
CA HIS B 70 12.63 -40.01 38.44
C HIS B 70 13.35 -38.85 37.76
N VAL B 71 14.63 -38.64 38.05
CA VAL B 71 15.37 -37.53 37.46
C VAL B 71 15.84 -37.87 36.05
N GLN B 72 16.30 -39.10 35.83
CA GLN B 72 16.90 -39.46 34.55
C GLN B 72 15.86 -39.50 33.43
N ASN B 73 14.65 -39.98 33.72
CA ASN B 73 13.54 -39.86 32.79
C ASN B 73 12.69 -38.61 33.05
N GLY B 74 13.28 -37.59 33.68
CA GLY B 74 12.58 -36.37 34.00
C GLY B 74 12.98 -35.19 33.14
N TYR B 75 14.06 -35.33 32.39
CA TYR B 75 14.51 -34.31 31.45
C TYR B 75 14.05 -34.70 30.06
N HIS B 76 13.22 -33.87 29.45
CA HIS B 76 12.60 -34.17 28.17
C HIS B 76 13.15 -33.34 27.02
N GLY B 77 14.23 -32.58 27.25
CA GLY B 77 14.92 -31.91 26.18
C GLY B 77 14.48 -30.47 26.00
N ILE B 78 14.93 -29.89 24.90
CA ILE B 78 14.66 -28.48 24.62
C ILE B 78 13.24 -28.30 24.10
N VAL B 79 12.78 -27.05 24.12
CA VAL B 79 11.46 -26.71 23.59
C VAL B 79 11.42 -26.92 22.08
N MET B 80 12.53 -26.61 21.40
CA MET B 80 12.58 -26.66 19.94
C MET B 80 12.37 -28.06 19.40
N ASN B 81 12.78 -29.09 20.14
CA ASN B 81 12.66 -30.47 19.69
C ASN B 81 11.41 -31.16 20.21
N ASN B 82 10.50 -30.43 20.85
CA ASN B 82 9.26 -31.00 21.36
C ASN B 82 8.02 -30.49 20.64
N PHE B 83 8.17 -29.76 19.53
CA PHE B 83 7.04 -29.41 18.71
C PHE B 83 7.48 -29.24 17.26
N GLU B 84 6.49 -29.25 16.37
CA GLU B 84 6.71 -29.00 14.95
C GLU B 84 5.44 -28.38 14.40
N CYS B 85 5.59 -27.39 13.54
CA CYS B 85 4.46 -26.66 12.98
C CYS B 85 4.65 -26.52 11.47
N GLU B 86 3.62 -25.97 10.83
CA GLU B 86 3.67 -25.78 9.38
C GLU B 86 4.69 -24.68 9.05
N PRO B 87 5.41 -24.82 7.93
CA PRO B 87 6.52 -23.88 7.63
C PRO B 87 6.12 -22.42 7.51
N ALA B 88 4.87 -22.12 7.13
CA ALA B 88 4.43 -20.73 7.01
C ALA B 88 4.51 -19.99 8.33
N PHE B 89 4.41 -20.70 9.44
CA PHE B 89 4.50 -20.09 10.77
C PHE B 89 5.93 -20.00 11.28
N TYR B 90 6.91 -20.55 10.54
CA TYR B 90 8.25 -20.77 11.10
C TYR B 90 8.91 -19.48 11.58
N THR B 91 8.66 -18.37 10.89
CA THR B 91 9.17 -17.10 11.35
C THR B 91 8.47 -16.65 12.62
N CYS B 92 7.14 -16.61 12.60
CA CYS B 92 6.40 -15.94 13.67
C CYS B 92 6.42 -16.72 14.98
N VAL B 93 6.55 -18.05 14.91
CA VAL B 93 6.72 -18.82 16.14
C VAL B 93 8.09 -18.55 16.76
N GLU B 94 9.10 -18.25 15.93
CA GLU B 94 10.44 -18.07 16.45
C GLU B 94 10.57 -16.77 17.24
N VAL B 95 10.21 -15.65 16.61
CA VAL B 95 10.59 -14.34 17.12
C VAL B 95 9.82 -13.98 18.39
N THR B 96 8.62 -14.55 18.58
CA THR B 96 7.90 -14.33 19.82
C THR B 96 8.36 -15.25 20.93
N ALA B 97 9.10 -16.31 20.61
CA ALA B 97 9.69 -17.18 21.61
C ALA B 97 11.16 -16.89 21.85
N GLY B 98 11.88 -16.54 20.79
CA GLY B 98 13.29 -16.19 20.89
C GLY B 98 14.12 -17.36 21.40
N ASN B 99 15.03 -17.04 22.31
CA ASN B 99 15.84 -18.07 22.94
C ASN B 99 15.05 -18.95 23.91
N ARG B 100 13.77 -18.67 24.14
CA ARG B 100 12.88 -19.65 24.76
C ARG B 100 12.76 -20.92 23.93
N LEU B 101 13.17 -20.89 22.65
CA LEU B 101 13.34 -22.11 21.88
C LEU B 101 14.31 -23.09 22.53
N PHE B 102 15.23 -22.62 23.37
CA PHE B 102 16.26 -23.48 23.94
C PHE B 102 16.13 -23.62 25.46
N TYR B 103 14.96 -23.33 26.02
CA TYR B 103 14.70 -23.68 27.40
C TYR B 103 14.57 -25.20 27.53
N HIS B 104 15.02 -25.73 28.66
CA HIS B 104 14.97 -27.17 28.90
C HIS B 104 13.70 -27.52 29.66
N ILE B 105 12.84 -28.32 29.05
CA ILE B 105 11.59 -28.73 29.66
C ILE B 105 11.88 -29.92 30.57
N VAL B 106 11.54 -29.79 31.85
CA VAL B 106 11.70 -30.85 32.84
C VAL B 106 10.46 -30.88 33.71
N ASP B 107 10.29 -32.01 34.42
CA ASP B 107 9.03 -32.24 35.14
C ASP B 107 8.92 -31.36 36.38
N SER B 108 9.97 -31.29 37.19
CA SER B 108 9.91 -30.60 38.46
C SER B 108 11.23 -29.87 38.71
N ASP B 109 11.31 -29.21 39.87
CA ASP B 109 12.54 -28.57 40.32
C ASP B 109 13.55 -29.56 40.89
N GLU B 110 13.12 -30.79 41.18
CA GLU B 110 14.03 -31.83 41.66
C GLU B 110 15.12 -32.11 40.63
N VAL B 111 14.71 -32.38 39.38
CA VAL B 111 15.66 -32.71 38.33
C VAL B 111 16.51 -31.49 37.96
N SER B 112 15.92 -30.30 37.95
CA SER B 112 16.70 -29.08 37.70
C SER B 112 17.79 -28.90 38.75
N THR B 113 17.42 -29.04 40.02
CA THR B 113 18.38 -28.86 41.12
C THR B 113 19.46 -29.94 41.08
N LYS B 114 19.09 -31.19 40.78
CA LYS B 114 20.08 -32.27 40.75
C LYS B 114 21.05 -32.09 39.59
N ILE B 115 20.52 -31.74 38.40
CA ILE B 115 21.35 -31.47 37.24
C ILE B 115 22.31 -30.32 37.53
N LEU B 116 21.83 -29.27 38.21
CA LEU B 116 22.71 -28.14 38.49
C LEU B 116 23.74 -28.45 39.58
N MET B 117 23.40 -29.33 40.53
CA MET B 117 24.39 -29.81 41.50
C MET B 117 25.53 -30.54 40.80
N GLU B 118 25.19 -31.50 39.94
CA GLU B 118 26.23 -32.16 39.14
C GLU B 118 26.94 -31.19 38.22
N PHE B 119 26.23 -30.14 37.78
CA PHE B 119 26.79 -29.15 36.87
C PHE B 119 27.95 -28.39 37.51
N ASN B 120 27.71 -27.77 38.65
CA ASN B 120 28.80 -27.01 39.27
C ASN B 120 29.69 -27.89 40.15
N LYS B 121 29.36 -29.17 40.32
CA LYS B 121 30.31 -30.08 40.94
C LYS B 121 31.36 -30.54 39.94
N MET B 122 30.93 -30.97 38.74
CA MET B 122 31.88 -31.41 37.74
C MET B 122 32.50 -30.27 36.94
N ASN B 123 32.00 -29.04 37.11
CA ASN B 123 32.52 -27.83 36.48
C ASN B 123 32.53 -27.95 34.95
N LEU B 124 31.33 -28.04 34.39
CA LEU B 124 31.22 -28.14 32.95
C LEU B 124 30.41 -26.98 32.39
N PRO B 125 30.80 -26.42 31.25
CA PRO B 125 30.31 -25.10 30.85
C PRO B 125 29.03 -25.14 30.02
N GLY B 126 28.54 -23.94 29.72
CA GLY B 126 27.35 -23.77 28.90
C GLY B 126 26.20 -23.11 29.63
N GLU B 127 25.34 -22.40 28.90
CA GLU B 127 24.15 -21.78 29.46
C GLU B 127 22.97 -22.74 29.35
N VAL B 128 22.25 -22.92 30.46
CA VAL B 128 21.04 -23.73 30.47
C VAL B 128 19.98 -23.00 31.29
N THR B 129 18.74 -23.01 30.78
CA THR B 129 17.60 -22.41 31.45
C THR B 129 16.50 -23.45 31.53
N PHE B 130 15.94 -23.64 32.72
CA PHE B 130 15.04 -24.75 32.99
C PHE B 130 13.60 -24.28 33.09
N LEU B 131 12.69 -25.04 32.47
CA LEU B 131 11.25 -24.88 32.65
C LEU B 131 10.72 -26.08 33.40
N PRO B 132 10.62 -26.01 34.74
CA PRO B 132 10.01 -27.09 35.49
C PRO B 132 8.45 -27.00 35.36
N LEU B 133 7.87 -28.12 34.94
CA LEU B 133 6.42 -28.15 34.72
C LEU B 133 5.64 -27.94 36.02
N ASN B 134 6.16 -28.45 37.14
CA ASN B 134 5.44 -28.48 38.40
C ASN B 134 5.22 -27.10 39.03
N LYS B 135 5.85 -26.04 38.50
CA LYS B 135 5.74 -24.73 39.14
C LYS B 135 5.35 -23.65 38.14
N LEU B 136 4.58 -24.00 37.12
CA LEU B 136 4.03 -23.04 36.17
C LEU B 136 2.53 -22.96 36.40
N ASP B 137 2.07 -21.80 36.89
CA ASP B 137 0.67 -21.64 37.27
C ASP B 137 -0.21 -21.57 36.03
N VAL B 138 -1.13 -22.53 35.91
CA VAL B 138 -2.11 -22.54 34.83
C VAL B 138 -3.20 -21.49 35.04
N ARG B 139 -2.87 -20.23 34.74
CA ARG B 139 -3.91 -19.22 34.56
C ARG B 139 -4.70 -19.54 33.30
N ASP B 140 -5.96 -19.92 33.46
CA ASP B 140 -6.84 -20.25 32.36
C ASP B 140 -7.08 -19.02 31.49
N THR B 141 -6.36 -18.95 30.37
CA THR B 141 -6.45 -17.80 29.49
C THR B 141 -7.71 -17.89 28.62
N ALA B 142 -8.39 -16.77 28.46
CA ALA B 142 -9.60 -16.68 27.65
C ALA B 142 -9.26 -15.88 26.40
N TYR B 143 -9.32 -16.54 25.24
CA TYR B 143 -8.84 -15.92 24.02
C TYR B 143 -9.98 -15.22 23.30
N PRO B 144 -9.69 -14.14 22.55
CA PRO B 144 -10.77 -13.33 21.97
C PRO B 144 -11.52 -14.05 20.85
N GLU B 145 -12.78 -13.67 20.68
CA GLU B 145 -13.70 -14.33 19.75
C GLU B 145 -13.79 -13.57 18.43
N THR B 146 -12.67 -13.07 17.91
CA THR B 146 -12.66 -12.36 16.65
C THR B 146 -12.20 -13.28 15.52
N ASN B 147 -12.57 -12.91 14.30
CA ASN B 147 -12.09 -13.57 13.10
C ASN B 147 -10.73 -13.04 12.65
N ASP B 148 -10.12 -12.18 13.47
CA ASP B 148 -8.92 -11.44 13.09
C ASP B 148 -7.65 -11.98 13.72
N ALA B 149 -7.74 -12.88 14.71
CA ALA B 149 -6.56 -13.35 15.40
C ALA B 149 -6.72 -14.82 15.75
N ILE B 150 -5.79 -15.63 15.30
CA ILE B 150 -5.74 -17.05 15.70
C ILE B 150 -4.80 -17.17 16.88
N PRO B 151 -5.14 -17.96 17.90
CA PRO B 151 -4.18 -18.26 18.96
C PRO B 151 -2.96 -18.97 18.42
N MET B 152 -1.77 -18.51 18.83
CA MET B 152 -0.54 -19.13 18.36
C MET B 152 -0.40 -20.56 18.87
N ILE B 153 -0.70 -20.77 20.15
CA ILE B 153 -0.63 -22.09 20.79
C ILE B 153 -1.47 -23.12 20.04
N SER B 154 -2.53 -22.67 19.37
CA SER B 154 -3.41 -23.57 18.63
C SER B 154 -2.72 -24.21 17.42
N LYS B 155 -1.68 -23.56 16.89
CA LYS B 155 -1.03 -24.03 15.67
C LYS B 155 0.28 -24.75 15.96
N LEU B 156 0.42 -25.32 17.17
CA LEU B 156 1.64 -26.00 17.59
C LEU B 156 1.30 -27.43 17.95
N ARG B 157 1.98 -28.38 17.31
CA ARG B 157 1.77 -29.81 17.58
C ARG B 157 2.79 -30.26 18.61
N TYR B 158 2.33 -30.48 19.84
CA TYR B 158 3.22 -30.87 20.93
C TYR B 158 2.51 -31.84 21.87
N ASN B 159 3.32 -32.63 22.57
CA ASN B 159 2.80 -33.62 23.51
C ASN B 159 2.08 -32.92 24.65
N PRO B 160 0.85 -33.32 24.99
CA PRO B 160 0.07 -32.56 25.98
C PRO B 160 0.62 -32.62 27.39
N ARG B 161 1.49 -33.58 27.70
CA ARG B 161 2.15 -33.61 29.01
C ARG B 161 2.98 -32.36 29.24
N PHE B 162 3.54 -31.78 28.17
CA PHE B 162 4.30 -30.55 28.24
C PHE B 162 3.42 -29.30 28.15
N ASP B 163 2.09 -29.47 28.21
CA ASP B 163 1.16 -28.38 27.87
C ASP B 163 1.28 -27.19 28.80
N LYS B 164 1.82 -27.37 30.00
CA LYS B 164 2.08 -26.23 30.87
C LYS B 164 3.15 -25.33 30.27
N ALA B 165 4.30 -25.92 29.88
CA ALA B 165 5.46 -25.14 29.47
C ALA B 165 5.17 -24.30 28.23
N PHE B 166 4.53 -24.90 27.23
CA PHE B 166 4.16 -24.14 26.04
C PHE B 166 3.17 -23.03 26.37
N LYS B 167 2.26 -23.27 27.32
CA LYS B 167 1.37 -22.20 27.77
C LYS B 167 2.13 -21.09 28.49
N HIS B 168 3.32 -21.38 29.02
CA HIS B 168 4.15 -20.33 29.57
C HIS B 168 4.84 -19.53 28.48
N VAL B 169 5.11 -20.13 27.33
CA VAL B 169 5.90 -19.46 26.31
C VAL B 169 5.01 -18.80 25.26
N PHE B 170 3.99 -19.51 24.81
CA PHE B 170 3.13 -19.07 23.72
C PHE B 170 1.72 -18.71 24.17
N GLY B 171 1.41 -18.85 25.46
CA GLY B 171 0.05 -18.78 25.95
C GLY B 171 -0.60 -17.42 25.95
N LYS B 172 0.10 -16.37 25.53
CA LYS B 172 -0.48 -15.03 25.50
C LYS B 172 -0.42 -14.37 24.14
N THR B 173 0.36 -14.87 23.19
CA THR B 173 0.57 -14.20 21.92
C THR B 173 -0.42 -14.70 20.87
N LEU B 174 -0.89 -13.77 20.02
CA LEU B 174 -1.86 -14.06 18.97
C LEU B 174 -1.26 -13.75 17.61
N ILE B 175 -1.75 -14.45 16.58
CA ILE B 175 -1.34 -14.23 15.20
C ILE B 175 -2.48 -13.50 14.50
N CYS B 176 -2.23 -12.27 14.08
CA CYS B 176 -3.24 -11.46 13.42
C CYS B 176 -2.94 -11.35 11.93
N ARG B 177 -3.90 -10.78 11.19
CA ARG B 177 -3.77 -10.64 9.75
C ARG B 177 -2.62 -9.70 9.38
N SER B 178 -2.74 -8.43 9.76
CA SER B 178 -1.70 -7.45 9.50
C SER B 178 -1.61 -6.51 10.70
N MET B 179 -0.85 -5.42 10.55
CA MET B 179 -0.34 -4.73 11.72
C MET B 179 -1.39 -3.83 12.37
N GLU B 180 -2.24 -3.17 11.56
CA GLU B 180 -3.33 -2.35 12.10
C GLU B 180 -4.22 -3.17 13.02
N VAL B 181 -4.57 -4.36 12.54
CA VAL B 181 -5.43 -5.28 13.28
C VAL B 181 -4.77 -5.68 14.59
N SER B 182 -3.48 -6.00 14.55
CA SER B 182 -2.79 -6.45 15.75
C SER B 182 -2.61 -5.32 16.76
N THR B 183 -2.41 -4.08 16.30
CA THR B 183 -2.33 -2.96 17.23
C THR B 183 -3.68 -2.67 17.89
N GLN B 184 -4.79 -2.91 17.18
CA GLN B 184 -6.08 -2.79 17.85
C GLN B 184 -6.30 -3.94 18.84
N LEU B 185 -5.97 -5.17 18.41
CA LEU B 185 -6.24 -6.37 19.21
C LEU B 185 -5.40 -6.42 20.49
N ALA B 186 -4.11 -6.10 20.38
CA ALA B 186 -3.21 -6.22 21.53
C ALA B 186 -3.58 -5.26 22.64
N ARG B 187 -3.90 -4.01 22.28
CA ARG B 187 -4.40 -3.05 23.26
C ARG B 187 -5.76 -3.43 23.78
N ALA B 188 -6.61 -4.05 22.95
CA ALA B 188 -7.98 -4.33 23.36
C ALA B 188 -8.03 -5.43 24.42
N PHE B 189 -7.15 -6.42 24.34
CA PHE B 189 -7.29 -7.64 25.13
C PHE B 189 -6.13 -7.92 26.08
N THR B 190 -5.14 -7.03 26.16
CA THR B 190 -3.90 -7.20 26.94
C THR B 190 -3.22 -8.54 26.60
N MET B 191 -2.96 -8.71 25.31
CA MET B 191 -2.30 -9.90 24.81
C MET B 191 -1.24 -9.48 23.81
N ASP B 192 -0.19 -10.28 23.70
CA ASP B 192 0.81 -10.05 22.67
C ASP B 192 0.22 -10.36 21.30
N CYS B 193 0.69 -9.62 20.30
CA CYS B 193 0.23 -9.82 18.94
C CYS B 193 1.43 -9.78 18.00
N ILE B 194 1.34 -10.57 16.93
CA ILE B 194 2.44 -10.71 15.98
C ILE B 194 1.89 -11.20 14.65
N THR B 195 2.33 -10.58 13.55
CA THR B 195 1.85 -10.96 12.22
C THR B 195 2.58 -12.21 11.74
N LEU B 196 2.25 -12.63 10.52
CA LEU B 196 2.81 -13.86 9.96
C LEU B 196 4.28 -13.72 9.61
N GLU B 197 4.74 -12.50 9.36
CA GLU B 197 6.10 -12.26 8.88
C GLU B 197 7.02 -11.65 9.94
N GLY B 198 6.61 -11.62 11.20
CA GLY B 198 7.51 -11.36 12.31
C GLY B 198 7.28 -10.05 13.03
N ASP B 199 6.53 -9.12 12.46
CA ASP B 199 6.30 -7.83 13.12
C ASP B 199 5.40 -8.01 14.32
N GLN B 200 5.79 -7.42 15.44
CA GLN B 200 5.11 -7.62 16.72
C GLN B 200 4.49 -6.31 17.21
N VAL B 201 3.56 -6.46 18.14
CA VAL B 201 3.09 -5.35 18.96
C VAL B 201 2.72 -5.91 20.33
N SER B 202 3.38 -5.40 21.37
CA SER B 202 3.26 -5.97 22.70
C SER B 202 1.92 -5.60 23.33
N HIS B 203 1.63 -6.24 24.47
CA HIS B 203 0.43 -5.89 25.23
C HIS B 203 0.57 -4.55 25.94
N ARG B 204 1.79 -4.01 26.02
CA ARG B 204 2.01 -2.67 26.53
C ARG B 204 2.13 -1.63 25.43
N GLY B 205 2.06 -2.04 24.16
CA GLY B 205 2.11 -1.13 23.05
C GLY B 205 3.46 -1.02 22.37
N ALA B 206 4.41 -1.87 22.70
CA ALA B 206 5.75 -1.79 22.14
C ALA B 206 5.76 -2.39 20.74
N LEU B 207 6.18 -1.59 19.76
CA LEU B 207 6.27 -2.03 18.38
C LEU B 207 7.66 -2.57 18.09
N THR B 208 7.71 -3.73 17.43
CA THR B 208 8.97 -4.36 17.09
C THR B 208 8.77 -5.10 15.78
N GLY B 209 9.60 -4.77 14.78
CA GLY B 209 9.46 -5.42 13.49
C GLY B 209 10.52 -4.94 12.54
N GLY B 210 10.50 -5.52 11.35
CA GLY B 210 11.45 -5.22 10.30
C GLY B 210 11.41 -6.28 9.22
N TYR B 211 12.59 -6.73 8.79
CA TYR B 211 12.72 -7.78 7.78
C TYR B 211 13.37 -8.99 8.43
N TYR B 212 12.61 -10.08 8.54
CA TYR B 212 13.14 -11.34 9.06
C TYR B 212 13.40 -12.27 7.88
N ASP B 213 14.62 -12.81 7.82
CA ASP B 213 15.02 -13.65 6.70
C ASP B 213 14.58 -15.09 6.93
N THR B 214 14.71 -15.90 5.88
CA THR B 214 14.49 -17.34 5.95
C THR B 214 15.82 -18.08 6.08
N ARG B 215 16.94 -17.36 6.01
CA ARG B 215 18.25 -18.00 6.12
C ARG B 215 18.52 -18.48 7.54
N LYS B 216 18.28 -17.61 8.53
CA LYS B 216 18.57 -17.92 9.93
C LYS B 216 17.32 -18.15 10.76
N SER B 217 16.23 -18.57 10.13
CA SER B 217 15.09 -19.11 10.88
C SER B 217 15.49 -20.52 11.31
N ARG B 218 15.71 -20.69 12.62
CA ARG B 218 16.28 -21.93 13.15
C ARG B 218 15.37 -23.13 12.91
N LEU B 219 14.06 -22.91 12.84
CA LEU B 219 13.15 -24.01 12.52
C LEU B 219 13.32 -24.45 11.08
N GLU B 220 13.59 -23.52 10.16
CA GLU B 220 13.76 -23.90 8.77
C GLU B 220 15.08 -24.65 8.56
N LEU B 221 16.16 -24.21 9.23
CA LEU B 221 17.41 -24.96 9.18
C LEU B 221 17.27 -26.32 9.84
N GLN B 222 16.51 -26.39 10.93
CA GLN B 222 16.19 -27.66 11.58
C GLN B 222 15.47 -28.60 10.62
N LYS B 223 14.52 -28.09 9.84
CA LYS B 223 13.79 -28.95 8.92
C LYS B 223 14.65 -29.33 7.72
N ASP B 224 15.56 -28.45 7.28
CA ASP B 224 16.55 -28.84 6.28
C ASP B 224 17.41 -30.00 6.79
N VAL B 225 17.86 -29.91 8.04
CA VAL B 225 18.67 -30.98 8.64
C VAL B 225 17.88 -32.27 8.73
N ARG B 226 16.62 -32.20 9.17
CA ARG B 226 15.81 -33.41 9.34
C ARG B 226 15.47 -34.06 7.99
N LYS B 227 15.18 -33.25 6.97
CA LYS B 227 14.89 -33.79 5.65
C LYS B 227 16.14 -34.41 5.03
N ALA B 228 17.30 -33.79 5.26
CA ALA B 228 18.56 -34.38 4.81
C ALA B 228 18.83 -35.69 5.53
N GLU B 229 18.46 -35.79 6.81
CA GLU B 229 18.63 -37.04 7.55
C GLU B 229 17.74 -38.14 6.99
N GLU B 230 16.48 -37.82 6.68
CA GLU B 230 15.58 -38.82 6.08
C GLU B 230 16.08 -39.27 4.70
N GLU B 231 16.56 -38.33 3.89
CA GLU B 231 17.11 -38.66 2.58
C GLU B 231 18.35 -39.54 2.70
N LEU B 232 19.24 -39.21 3.64
CA LEU B 232 20.45 -39.99 3.87
C LEU B 232 20.12 -41.39 4.37
N GLY B 233 19.09 -41.51 5.23
CA GLY B 233 18.68 -42.82 5.69
C GLY B 233 18.11 -43.69 4.57
N GLU B 234 17.33 -43.08 3.67
CA GLU B 234 16.79 -43.82 2.53
C GLU B 234 17.91 -44.32 1.63
N LEU B 235 18.87 -43.44 1.31
CA LEU B 235 19.99 -43.85 0.46
C LEU B 235 20.84 -44.92 1.12
N GLU B 236 21.07 -44.78 2.43
CA GLU B 236 21.87 -45.77 3.17
C GLU B 236 21.19 -47.13 3.17
N ALA B 237 19.87 -47.16 3.41
CA ALA B 237 19.15 -48.43 3.44
C ALA B 237 19.13 -49.09 2.08
N LYS B 238 18.92 -48.31 1.01
CA LYS B 238 18.89 -48.89 -0.33
C LYS B 238 20.24 -49.46 -0.73
N LEU B 239 21.32 -48.70 -0.48
CA LEU B 239 22.65 -49.19 -0.83
C LEU B 239 23.05 -50.37 0.04
N ASN B 240 22.62 -50.38 1.31
CA ASN B 240 22.96 -51.50 2.19
C ASN B 240 22.23 -52.78 1.80
N GLU B 241 20.98 -52.67 1.33
CA GLU B 241 20.31 -53.88 0.84
C GLU B 241 20.93 -54.35 -0.48
N ASN B 242 21.39 -53.41 -1.32
CA ASN B 242 22.13 -53.78 -2.53
C ASN B 242 23.40 -54.57 -2.19
N LEU B 243 24.15 -54.11 -1.18
CA LEU B 243 25.34 -54.83 -0.78
C LEU B 243 25.03 -56.15 -0.07
N ARG B 244 23.90 -56.20 0.65
CA ARG B 244 23.50 -57.44 1.31
C ARG B 244 23.17 -58.52 0.30
N ARG B 245 22.51 -58.16 -0.80
CA ARG B 245 22.22 -59.15 -1.83
C ARG B 245 23.19 -59.11 -3.00
N ASN B 246 24.33 -58.43 -2.86
CA ASN B 246 25.44 -58.54 -3.79
C ASN B 246 26.54 -59.48 -3.30
N ILE B 247 26.36 -60.06 -2.12
CA ILE B 247 27.34 -61.03 -1.60
C ILE B 247 27.19 -62.37 -2.33
N GLU B 248 25.97 -62.73 -2.73
CA GLU B 248 25.72 -63.92 -3.52
C GLU B 248 26.39 -63.83 -4.90
N SER C 26 -28.41 -0.73 -14.08
CA SER C 26 -27.22 -1.53 -14.36
C SER C 26 -25.99 -0.93 -13.68
N ARG C 27 -25.73 0.35 -13.96
CA ARG C 27 -24.66 1.06 -13.27
C ARG C 27 -25.00 1.28 -11.80
N GLN C 28 -26.28 1.53 -11.51
CA GLN C 28 -26.73 1.70 -10.14
C GLN C 28 -26.59 0.42 -9.33
N GLN C 29 -26.78 -0.73 -9.99
CA GLN C 29 -26.56 -2.02 -9.33
C GLN C 29 -25.09 -2.19 -8.92
N ARG C 30 -24.17 -1.84 -9.81
CA ARG C 30 -22.75 -1.92 -9.47
C ARG C 30 -22.38 -0.93 -8.38
N LYS C 31 -23.01 0.26 -8.38
CA LYS C 31 -22.72 1.25 -7.35
C LYS C 31 -23.21 0.78 -5.98
N ALA C 32 -24.42 0.22 -5.92
CA ALA C 32 -24.92 -0.30 -4.65
C ALA C 32 -24.14 -1.53 -4.19
N GLU C 33 -23.65 -2.34 -5.15
CA GLU C 33 -22.80 -3.47 -4.82
C GLU C 33 -21.49 -2.99 -4.19
N ILE C 34 -20.89 -1.95 -4.77
CA ILE C 34 -19.66 -1.39 -4.24
C ILE C 34 -19.90 -0.78 -2.86
N MET C 35 -21.05 -0.12 -2.67
CA MET C 35 -21.36 0.45 -1.37
C MET C 35 -21.55 -0.63 -0.30
N GLU C 36 -22.24 -1.73 -0.65
CA GLU C 36 -22.40 -2.82 0.30
C GLU C 36 -21.05 -3.45 0.63
N SER C 37 -20.15 -3.50 -0.35
CA SER C 37 -18.79 -4.00 -0.10
C SER C 37 -18.04 -3.10 0.89
N ILE C 38 -18.04 -1.78 0.65
CA ILE C 38 -17.32 -0.88 1.54
C ILE C 38 -17.99 -0.75 2.90
N LYS C 39 -19.29 -1.03 2.99
CA LYS C 39 -19.98 -1.05 4.27
C LYS C 39 -19.66 -2.32 5.04
N ARG C 40 -19.46 -3.43 4.34
CA ARG C 40 -19.06 -4.67 4.99
C ARG C 40 -17.60 -4.64 5.43
N LEU C 41 -16.74 -3.92 4.70
CA LEU C 41 -15.32 -3.94 4.99
C LEU C 41 -14.97 -3.13 6.22
N TYR C 42 -15.51 -1.91 6.33
CA TYR C 42 -15.26 -1.01 7.46
C TYR C 42 -16.60 -0.78 8.13
N PRO C 43 -17.06 -1.75 8.95
CA PRO C 43 -18.47 -1.78 9.38
C PRO C 43 -18.86 -0.70 10.37
N GLY C 44 -17.95 -0.38 11.29
CA GLY C 44 -18.21 0.63 12.29
C GLY C 44 -17.80 2.01 11.81
N SER C 45 -17.62 2.13 10.49
CA SER C 45 -17.05 3.33 9.91
C SER C 45 -17.68 3.79 8.60
N VAL C 46 -18.64 3.06 8.03
CA VAL C 46 -19.35 3.52 6.83
C VAL C 46 -20.84 3.47 7.16
N TYR C 47 -21.42 4.63 7.52
CA TYR C 47 -22.81 4.64 7.94
C TYR C 47 -23.77 4.52 6.76
N GLY C 48 -23.43 5.11 5.61
CA GLY C 48 -24.25 5.04 4.41
C GLY C 48 -24.33 6.37 3.70
N ARG C 49 -25.10 6.45 2.61
CA ARG C 49 -25.37 7.74 2.00
C ARG C 49 -26.39 8.51 2.83
N LEU C 50 -26.67 9.75 2.41
CA LEU C 50 -27.54 10.59 3.21
C LEU C 50 -29.01 10.22 3.06
N ILE C 51 -29.42 9.79 1.86
CA ILE C 51 -30.82 9.47 1.61
C ILE C 51 -31.26 8.28 2.46
N ASP C 52 -30.38 7.31 2.66
CA ASP C 52 -30.72 6.13 3.46
C ASP C 52 -30.63 6.39 4.96
N LEU C 53 -29.98 7.48 5.38
CA LEU C 53 -29.81 7.78 6.80
C LEU C 53 -30.77 8.83 7.33
N CYS C 54 -31.40 9.62 6.48
CA CYS C 54 -32.28 10.68 6.93
C CYS C 54 -33.50 10.73 6.02
N GLN C 55 -34.48 11.55 6.43
CA GLN C 55 -35.71 11.81 5.70
C GLN C 55 -36.40 13.02 6.33
N PRO C 56 -37.00 13.93 5.55
CA PRO C 56 -37.70 15.06 6.16
C PRO C 56 -38.93 14.62 6.93
N THR C 57 -39.33 15.45 7.91
CA THR C 57 -40.44 15.09 8.79
C THR C 57 -41.76 15.04 8.03
N GLN C 58 -42.11 16.12 7.35
CA GLN C 58 -43.34 16.19 6.58
C GLN C 58 -43.05 15.95 5.11
N LYS C 59 -44.07 15.43 4.40
CA LYS C 59 -43.91 15.06 2.99
C LYS C 59 -43.71 16.29 2.11
N LYS C 60 -44.45 17.37 2.39
CA LYS C 60 -44.44 18.56 1.54
C LYS C 60 -43.04 19.17 1.42
N TYR C 61 -42.24 19.06 2.47
CA TYR C 61 -40.92 19.67 2.51
C TYR C 61 -39.89 18.92 1.67
N GLN C 62 -40.22 17.73 1.14
CA GLN C 62 -39.23 16.85 0.48
C GLN C 62 -38.43 17.56 -0.59
N ILE C 63 -39.13 18.12 -1.59
CA ILE C 63 -38.50 18.87 -2.67
C ILE C 63 -37.58 19.96 -2.13
N ALA C 64 -38.07 20.70 -1.12
CA ALA C 64 -37.27 21.77 -0.51
C ALA C 64 -35.97 21.22 0.04
N VAL C 65 -36.07 20.10 0.79
CA VAL C 65 -34.88 19.45 1.36
C VAL C 65 -33.92 19.06 0.25
N THR C 66 -34.46 18.58 -0.87
CA THR C 66 -33.63 18.20 -2.01
C THR C 66 -32.80 19.39 -2.50
N LYS C 67 -33.46 20.55 -2.65
CA LYS C 67 -32.77 21.71 -3.18
C LYS C 67 -31.73 22.24 -2.19
N VAL C 68 -31.85 21.88 -0.92
CA VAL C 68 -30.82 22.26 0.04
C VAL C 68 -29.71 21.20 0.09
N LEU C 69 -30.03 19.94 -0.14
CA LEU C 69 -28.99 18.92 -0.08
C LEU C 69 -28.30 18.72 -1.42
N GLY C 70 -29.08 18.52 -2.48
CA GLY C 70 -28.53 18.37 -3.82
C GLY C 70 -27.63 17.16 -3.91
N LYS C 71 -26.37 17.41 -4.28
CA LYS C 71 -25.35 16.37 -4.36
C LYS C 71 -25.14 15.69 -3.02
N ASN C 72 -25.37 16.40 -1.91
CA ASN C 72 -25.27 15.83 -0.58
C ASN C 72 -26.22 14.67 -0.36
N MET C 73 -27.29 14.55 -1.16
CA MET C 73 -28.18 13.40 -1.03
C MET C 73 -27.50 12.08 -1.40
N ASP C 74 -26.40 12.12 -2.16
CA ASP C 74 -25.68 10.90 -2.51
C ASP C 74 -24.34 10.78 -1.78
N ALA C 75 -24.06 11.67 -0.84
CA ALA C 75 -22.79 11.66 -0.14
C ALA C 75 -22.76 10.56 0.91
N ILE C 76 -21.78 9.67 0.81
CA ILE C 76 -21.62 8.56 1.75
C ILE C 76 -21.03 9.09 3.05
N ILE C 77 -21.79 8.99 4.13
CA ILE C 77 -21.31 9.43 5.44
C ILE C 77 -20.44 8.33 6.05
N VAL C 78 -19.19 8.69 6.38
CA VAL C 78 -18.26 7.75 6.97
C VAL C 78 -17.77 8.31 8.31
N ASP C 79 -17.14 7.44 9.09
CA ASP C 79 -16.67 7.83 10.42
C ASP C 79 -15.38 8.62 10.34
N SER C 80 -14.35 8.06 9.71
CA SER C 80 -13.03 8.64 9.71
C SER C 80 -12.60 9.11 8.33
N GLU C 81 -11.71 10.10 8.32
CA GLU C 81 -11.06 10.54 7.10
C GLU C 81 -10.20 9.43 6.50
N LYS C 82 -9.63 8.58 7.36
CA LYS C 82 -8.83 7.44 6.90
C LYS C 82 -9.69 6.45 6.13
N THR C 83 -10.87 6.12 6.65
CA THR C 83 -11.77 5.23 5.92
C THR C 83 -12.32 5.90 4.68
N GLY C 84 -12.38 7.24 4.64
CA GLY C 84 -12.68 7.91 3.39
C GLY C 84 -11.65 7.63 2.32
N ARG C 85 -10.37 7.80 2.65
CA ARG C 85 -9.31 7.48 1.70
C ARG C 85 -9.30 6.00 1.32
N ASP C 86 -9.58 5.12 2.28
CA ASP C 86 -9.54 3.69 2.01
C ASP C 86 -10.70 3.25 1.12
N CYS C 87 -11.90 3.80 1.36
CA CYS C 87 -13.02 3.53 0.48
C CYS C 87 -12.77 4.07 -0.92
N ILE C 88 -12.13 5.25 -1.02
CA ILE C 88 -11.77 5.81 -2.32
C ILE C 88 -10.79 4.89 -3.04
N GLN C 89 -9.81 4.34 -2.31
CA GLN C 89 -8.84 3.45 -2.92
C GLN C 89 -9.49 2.16 -3.40
N TYR C 90 -10.45 1.63 -2.62
CA TYR C 90 -11.12 0.40 -3.05
C TYR C 90 -12.00 0.65 -4.27
N ILE C 91 -12.70 1.78 -4.31
CA ILE C 91 -13.53 2.12 -5.47
C ILE C 91 -12.66 2.27 -6.71
N LYS C 92 -11.48 2.89 -6.54
CA LYS C 92 -10.55 3.02 -7.65
C LYS C 92 -10.03 1.66 -8.11
N GLU C 93 -9.80 0.74 -7.16
CA GLU C 93 -9.32 -0.59 -7.52
C GLU C 93 -10.37 -1.39 -8.25
N GLN C 94 -11.64 -1.22 -7.89
CA GLN C 94 -12.73 -1.94 -8.55
C GLN C 94 -13.24 -1.22 -9.79
N ARG C 95 -12.62 -0.10 -10.18
CA ARG C 95 -12.96 0.66 -11.39
C ARG C 95 -14.42 1.12 -11.38
N GLY C 96 -14.83 1.71 -10.26
CA GLY C 96 -16.21 2.08 -10.04
C GLY C 96 -16.47 3.58 -10.19
N GLU C 97 -17.72 3.94 -9.92
CA GLU C 97 -18.13 5.34 -9.99
C GLU C 97 -17.53 6.13 -8.83
N PRO C 98 -16.90 7.28 -9.10
CA PRO C 98 -16.37 8.09 -8.00
C PRO C 98 -17.49 8.75 -7.22
N GLU C 99 -17.43 8.64 -5.89
CA GLU C 99 -18.45 9.19 -5.02
C GLU C 99 -17.82 10.11 -3.98
N THR C 100 -18.69 10.84 -3.27
CA THR C 100 -18.28 11.88 -2.34
C THR C 100 -18.52 11.41 -0.92
N PHE C 101 -17.51 11.52 -0.06
CA PHE C 101 -17.57 11.03 1.30
C PHE C 101 -17.46 12.19 2.28
N LEU C 102 -18.24 12.12 3.36
CA LEU C 102 -18.21 13.13 4.42
C LEU C 102 -17.73 12.49 5.72
N PRO C 103 -16.44 12.56 6.03
CA PRO C 103 -15.99 12.12 7.36
C PRO C 103 -16.49 13.06 8.43
N LEU C 104 -16.47 12.58 9.67
CA LEU C 104 -17.06 13.33 10.78
C LEU C 104 -16.05 13.92 11.76
N ASP C 105 -14.83 13.41 11.81
CA ASP C 105 -13.78 14.12 12.54
C ASP C 105 -13.21 15.26 11.72
N TYR C 106 -13.38 15.23 10.40
CA TYR C 106 -12.73 16.15 9.48
C TYR C 106 -13.64 17.24 8.95
N LEU C 107 -14.95 17.01 8.95
CA LEU C 107 -15.89 17.95 8.35
C LEU C 107 -15.95 19.25 9.12
N GLU C 108 -15.89 20.36 8.39
CA GLU C 108 -15.77 21.70 8.96
C GLU C 108 -17.19 22.28 9.05
N VAL C 109 -17.74 22.30 10.26
CA VAL C 109 -19.07 22.84 10.48
C VAL C 109 -19.00 23.92 11.53
N LYS C 110 -20.07 24.70 11.61
CA LYS C 110 -20.34 25.67 12.65
C LYS C 110 -21.61 25.27 13.38
N PRO C 111 -21.70 25.50 14.69
CA PRO C 111 -22.91 25.10 15.43
C PRO C 111 -24.15 25.84 14.94
N THR C 112 -25.27 25.11 14.94
CA THR C 112 -26.52 25.65 14.42
C THR C 112 -27.02 26.78 15.32
N ASP C 113 -27.32 27.92 14.71
CA ASP C 113 -27.67 29.12 15.46
C ASP C 113 -29.05 28.96 16.09
N GLU C 114 -29.10 28.98 17.42
CA GLU C 114 -30.37 28.99 18.13
C GLU C 114 -31.14 30.29 17.89
N LYS C 115 -30.45 31.38 17.56
CA LYS C 115 -31.10 32.65 17.26
C LYS C 115 -31.90 32.61 15.97
N LEU C 116 -31.56 31.73 15.04
CA LEU C 116 -32.33 31.60 13.80
C LEU C 116 -33.55 30.72 13.98
N ARG C 117 -33.65 29.99 15.09
CA ARG C 117 -34.82 29.16 15.34
C ARG C 117 -36.00 29.98 15.85
N GLU C 118 -35.73 31.13 16.45
CA GLU C 118 -36.78 32.02 16.98
C GLU C 118 -37.14 33.07 15.92
N LEU C 119 -37.70 32.58 14.83
CA LEU C 119 -37.99 33.38 13.65
C LEU C 119 -39.50 33.46 13.45
N LYS C 120 -39.91 34.31 12.53
CA LYS C 120 -41.30 34.68 12.29
C LYS C 120 -41.79 34.00 11.00
N GLY C 121 -42.29 32.78 11.14
CA GLY C 121 -42.87 32.08 10.02
C GLY C 121 -41.93 31.16 9.26
N ALA C 122 -40.74 30.91 9.78
CA ALA C 122 -39.83 29.95 9.17
C ALA C 122 -38.98 29.31 10.26
N LYS C 123 -38.50 28.10 9.97
CA LYS C 123 -37.62 27.38 10.85
C LYS C 123 -36.46 26.81 10.05
N LEU C 124 -35.53 26.18 10.76
CA LEU C 124 -34.33 25.68 10.14
C LEU C 124 -34.62 24.38 9.38
N VAL C 125 -33.91 24.21 8.25
CA VAL C 125 -34.09 23.00 7.44
C VAL C 125 -33.56 21.78 8.18
N ILE C 126 -32.54 21.97 9.02
CA ILE C 126 -32.01 20.87 9.82
C ILE C 126 -33.04 20.40 10.85
N ASP C 127 -33.93 21.29 11.30
CA ASP C 127 -35.06 20.92 12.15
C ASP C 127 -36.23 20.32 11.37
N VAL C 128 -36.01 19.99 10.10
CA VAL C 128 -37.04 19.48 9.19
C VAL C 128 -36.72 18.02 8.90
N ILE C 129 -35.43 17.70 8.89
CA ILE C 129 -34.96 16.36 8.57
C ILE C 129 -34.69 15.59 9.85
N ARG C 130 -35.09 14.32 9.87
CA ARG C 130 -34.71 13.39 10.91
C ARG C 130 -33.68 12.41 10.36
N TYR C 131 -32.63 12.14 11.13
CA TYR C 131 -31.56 11.25 10.73
C TYR C 131 -31.48 10.08 11.69
N GLU C 132 -31.08 8.92 11.19
CA GLU C 132 -31.21 7.72 12.01
C GLU C 132 -30.06 7.57 13.02
N PRO C 133 -28.78 7.51 12.63
CA PRO C 133 -27.73 7.46 13.67
C PRO C 133 -27.44 8.84 14.21
N PRO C 134 -27.38 9.01 15.53
CA PRO C 134 -27.31 10.36 16.09
C PRO C 134 -25.96 11.03 15.95
N HIS C 135 -24.89 10.28 15.65
CA HIS C 135 -23.58 10.91 15.53
C HIS C 135 -23.44 11.70 14.24
N ILE C 136 -24.33 11.53 13.26
CA ILE C 136 -24.15 12.11 11.93
C ILE C 136 -24.69 13.54 11.88
N LYS C 137 -25.04 14.08 13.06
CA LYS C 137 -25.58 15.44 13.18
C LYS C 137 -24.71 16.46 12.48
N LYS C 138 -23.39 16.39 12.71
CA LYS C 138 -22.43 17.31 12.09
C LYS C 138 -22.55 17.28 10.57
N ALA C 139 -22.77 16.09 10.01
CA ALA C 139 -22.95 15.95 8.57
C ALA C 139 -24.11 16.81 8.06
N LEU C 140 -25.26 16.75 8.73
CA LEU C 140 -26.35 17.63 8.32
C LEU C 140 -26.03 19.08 8.62
N GLN C 141 -25.26 19.34 9.68
CA GLN C 141 -24.81 20.70 9.95
C GLN C 141 -23.90 21.21 8.83
N TYR C 142 -23.23 20.29 8.12
CA TYR C 142 -22.50 20.66 6.92
C TYR C 142 -23.43 20.80 5.73
N ALA C 143 -24.43 19.93 5.61
CA ALA C 143 -25.25 19.89 4.41
C ALA C 143 -26.35 20.93 4.43
N CYS C 144 -26.95 21.17 5.60
CA CYS C 144 -28.00 22.15 5.76
C CYS C 144 -27.49 23.48 6.31
N GLY C 145 -26.81 23.43 7.44
CA GLY C 145 -26.31 24.67 8.04
C GLY C 145 -27.45 25.50 8.60
N ASN C 146 -27.33 26.82 8.44
CA ASN C 146 -28.34 27.76 8.92
C ASN C 146 -29.36 28.10 7.84
N ALA C 147 -29.73 27.13 7.00
CA ALA C 147 -30.73 27.37 5.97
C ALA C 147 -32.12 27.35 6.58
N LEU C 148 -33.02 28.11 5.96
CA LEU C 148 -34.40 28.23 6.43
C LEU C 148 -35.36 27.87 5.30
N VAL C 149 -36.54 27.37 5.68
CA VAL C 149 -37.55 26.92 4.73
C VAL C 149 -38.84 27.67 5.02
N CYS C 150 -39.47 28.21 3.97
CA CYS C 150 -40.69 28.99 4.09
C CYS C 150 -41.80 28.40 3.22
N ASP C 151 -43.02 28.42 3.76
CA ASP C 151 -44.16 27.80 3.10
C ASP C 151 -44.58 28.53 1.83
N ASN C 152 -44.42 29.85 1.79
CA ASN C 152 -44.77 30.64 0.62
C ASN C 152 -43.53 31.33 0.05
N VAL C 153 -43.54 31.53 -1.27
CA VAL C 153 -42.40 32.14 -1.95
C VAL C 153 -42.27 33.61 -1.57
N GLU C 154 -43.40 34.33 -1.49
CA GLU C 154 -43.36 35.71 -1.02
C GLU C 154 -43.02 35.78 0.46
N ASP C 155 -43.48 34.80 1.25
CA ASP C 155 -43.02 34.69 2.63
C ASP C 155 -41.53 34.39 2.71
N ALA C 156 -41.01 33.61 1.76
CA ALA C 156 -39.57 33.38 1.70
C ALA C 156 -38.82 34.66 1.38
N ARG C 157 -39.37 35.49 0.50
CA ARG C 157 -38.77 36.78 0.19
C ARG C 157 -38.75 37.68 1.42
N ARG C 158 -39.89 37.75 2.13
CA ARG C 158 -40.00 38.55 3.35
C ARG C 158 -39.04 38.08 4.42
N ILE C 159 -38.89 36.76 4.56
CA ILE C 159 -38.05 36.22 5.62
C ILE C 159 -36.56 36.33 5.28
N ALA C 160 -36.20 36.19 4.00
CA ALA C 160 -34.81 36.33 3.63
C ALA C 160 -34.36 37.78 3.61
N PHE C 161 -35.26 38.72 3.28
CA PHE C 161 -34.85 40.10 3.01
C PHE C 161 -35.54 41.16 3.86
N GLY C 162 -36.67 40.85 4.50
CA GLY C 162 -37.37 41.86 5.28
C GLY C 162 -36.68 42.21 6.58
N GLY C 163 -35.93 41.27 7.14
CA GLY C 163 -35.11 41.55 8.29
C GLY C 163 -33.78 42.17 7.90
N HIS C 164 -32.99 42.50 8.91
CA HIS C 164 -31.68 43.08 8.65
C HIS C 164 -30.71 42.02 8.10
N GLN C 165 -30.86 40.78 8.52
CA GLN C 165 -29.95 39.70 8.14
C GLN C 165 -30.52 38.92 6.97
N ARG C 166 -29.69 38.71 5.95
CA ARG C 166 -30.05 37.86 4.82
C ARG C 166 -29.66 36.42 5.12
N HIS C 167 -30.58 35.50 4.87
CA HIS C 167 -30.37 34.08 5.17
C HIS C 167 -30.58 33.26 3.90
N LYS C 168 -29.81 32.18 3.77
CA LYS C 168 -30.04 31.21 2.72
C LYS C 168 -31.39 30.55 2.94
N THR C 169 -32.37 30.89 2.12
CA THR C 169 -33.76 30.53 2.38
C THR C 169 -34.35 29.88 1.14
N VAL C 170 -35.17 28.85 1.36
CA VAL C 170 -35.78 28.10 0.27
C VAL C 170 -37.30 28.09 0.46
N ALA C 171 -38.03 28.30 -0.63
CA ALA C 171 -39.46 28.18 -0.60
C ALA C 171 -39.88 26.73 -0.80
N LEU C 172 -41.16 26.44 -0.55
CA LEU C 172 -41.67 25.09 -0.75
C LEU C 172 -41.69 24.67 -2.21
N ASP C 173 -41.78 25.64 -3.14
CA ASP C 173 -41.84 25.30 -4.56
C ASP C 173 -40.50 24.73 -5.04
N GLY C 174 -39.39 25.27 -4.54
CA GLY C 174 -38.09 24.81 -4.97
C GLY C 174 -37.16 25.96 -5.28
N THR C 175 -37.72 27.17 -5.31
CA THR C 175 -36.92 28.37 -5.51
C THR C 175 -36.03 28.62 -4.30
N LEU C 176 -34.77 28.95 -4.57
CA LEU C 176 -33.76 29.11 -3.53
C LEU C 176 -33.35 30.57 -3.48
N PHE C 177 -33.47 31.17 -2.29
CA PHE C 177 -33.15 32.58 -2.08
C PHE C 177 -31.77 32.60 -1.43
N GLN C 178 -30.73 32.63 -2.25
CA GLN C 178 -29.36 32.52 -1.74
C GLN C 178 -28.95 33.78 -0.98
N LYS C 179 -27.88 33.64 -0.19
CA LYS C 179 -27.43 34.72 0.67
C LYS C 179 -26.93 35.92 -0.12
N SER C 180 -26.35 35.68 -1.29
CA SER C 180 -25.86 36.77 -2.13
C SER C 180 -26.98 37.53 -2.81
N GLY C 181 -28.21 37.01 -2.81
CA GLY C 181 -29.30 37.59 -3.54
C GLY C 181 -29.60 36.89 -4.86
N VAL C 182 -28.76 35.95 -5.28
CA VAL C 182 -28.96 35.19 -6.50
C VAL C 182 -30.15 34.26 -6.29
N ILE C 183 -31.31 34.62 -6.86
CA ILE C 183 -32.49 33.78 -6.75
C ILE C 183 -32.33 32.59 -7.69
N SER C 184 -32.21 31.40 -7.12
CA SER C 184 -31.97 30.18 -7.87
C SER C 184 -33.26 29.37 -7.93
N GLY C 185 -33.69 29.04 -9.15
CA GLY C 185 -34.95 28.34 -9.33
C GLY C 185 -34.86 27.18 -10.30
N GLY C 186 -33.79 26.39 -10.20
CA GLY C 186 -33.67 25.20 -11.01
C GLY C 186 -34.57 24.08 -10.54
N ALA C 187 -35.84 24.09 -10.97
CA ALA C 187 -36.76 23.06 -10.54
C ALA C 187 -37.28 22.23 -11.71
N SER C 188 -36.39 21.51 -12.39
CA SER C 188 -36.76 20.60 -13.47
C SER C 188 -36.66 19.14 -13.08
N ASP C 189 -35.60 18.75 -12.37
CA ASP C 189 -35.42 17.38 -11.88
C ASP C 189 -35.88 17.20 -10.45
N LEU C 190 -36.46 18.25 -9.84
CA LEU C 190 -36.76 18.20 -8.41
C LEU C 190 -37.94 17.27 -8.12
N LYS C 191 -38.92 17.21 -9.03
CA LYS C 191 -40.01 16.24 -8.88
C LYS C 191 -39.48 14.81 -8.92
N ALA C 192 -38.51 14.55 -9.80
CA ALA C 192 -37.88 13.24 -9.87
C ALA C 192 -37.09 12.92 -8.60
N LYS C 193 -36.48 13.93 -7.98
CA LYS C 193 -35.69 13.64 -6.79
C LYS C 193 -36.55 13.48 -5.54
N ALA C 194 -37.71 14.17 -5.46
CA ALA C 194 -38.66 13.83 -4.42
C ALA C 194 -39.30 12.47 -4.65
N ARG C 195 -39.51 12.10 -5.92
CA ARG C 195 -39.93 10.75 -6.24
C ARG C 195 -38.88 9.73 -5.83
N ARG C 196 -37.60 10.12 -5.88
CA ARG C 196 -36.53 9.28 -5.36
C ARG C 196 -36.61 9.17 -3.83
N TRP C 197 -36.93 10.28 -3.15
CA TRP C 197 -37.15 10.27 -1.71
C TRP C 197 -38.21 9.25 -1.30
N ASP C 198 -39.33 9.22 -2.02
CA ASP C 198 -40.38 8.24 -1.70
C ASP C 198 -40.10 6.86 -2.30
N GLU C 199 -39.34 6.78 -3.38
CA GLU C 199 -38.96 5.49 -3.96
C GLU C 199 -38.00 4.75 -3.06
N LYS C 200 -37.23 5.46 -2.23
CA LYS C 200 -36.42 4.80 -1.21
C LYS C 200 -37.30 4.01 -0.24
N ALA C 201 -38.41 4.60 0.20
CA ALA C 201 -39.36 3.89 1.08
C ALA C 201 -40.02 2.73 0.35
N VAL C 202 -40.45 2.96 -0.90
CA VAL C 202 -41.08 1.89 -1.68
C VAL C 202 -40.10 0.74 -1.91
N ASP C 203 -38.82 1.06 -2.13
CA ASP C 203 -37.79 0.07 -2.40
C ASP C 203 -37.48 -0.75 -1.15
N LYS C 204 -37.43 -0.10 0.01
CA LYS C 204 -37.21 -0.87 1.24
C LYS C 204 -38.45 -1.68 1.61
N LEU C 205 -39.64 -1.24 1.20
CA LEU C 205 -40.83 -2.04 1.49
C LEU C 205 -40.94 -3.25 0.57
N LYS C 206 -40.49 -3.14 -0.67
CA LYS C 206 -40.50 -4.28 -1.59
C LYS C 206 -39.49 -5.34 -1.12
N GLU C 207 -38.21 -5.02 -1.19
CA GLU C 207 -37.16 -5.89 -0.68
C GLU C 207 -35.91 -5.09 -0.30
N ARG D 12 1.52 6.50 -67.00
CA ARG D 12 0.19 7.08 -66.91
C ARG D 12 -0.80 6.13 -66.23
N ASN D 13 -0.48 4.83 -66.26
CA ASN D 13 -1.30 3.85 -65.55
C ASN D 13 -1.09 3.92 -64.05
N TYR D 14 0.00 4.55 -63.60
CA TYR D 14 0.29 4.70 -62.19
C TYR D 14 -0.49 5.87 -61.56
N LEU D 15 -0.68 6.94 -62.32
CA LEU D 15 -1.16 8.20 -61.75
C LEU D 15 -2.59 8.10 -61.26
N TRP D 16 -3.50 7.58 -62.09
CA TRP D 16 -4.91 7.54 -61.71
C TRP D 16 -5.17 6.55 -60.58
N ARG D 17 -4.47 5.42 -60.59
CA ARG D 17 -4.64 4.45 -59.52
C ARG D 17 -4.06 4.96 -58.20
N GLU D 18 -2.92 5.66 -58.27
CA GLU D 18 -2.32 6.20 -57.05
C GLU D 18 -3.16 7.34 -56.48
N GLU D 19 -3.77 8.17 -57.34
CA GLU D 19 -4.60 9.24 -56.81
C GLU D 19 -5.94 8.72 -56.29
N ASN D 20 -6.45 7.63 -56.86
CA ASN D 20 -7.60 6.95 -56.26
C ASN D 20 -7.27 6.42 -54.87
N ALA D 21 -6.10 5.79 -54.72
CA ALA D 21 -5.72 5.25 -53.42
C ALA D 21 -5.46 6.37 -52.41
N GLU D 22 -4.89 7.49 -52.87
CA GLU D 22 -4.63 8.62 -51.99
C GLU D 22 -5.93 9.25 -51.51
N GLN D 23 -6.93 9.35 -52.40
CA GLN D 23 -8.24 9.83 -51.99
C GLN D 23 -8.92 8.87 -51.03
N GLN D 24 -8.72 7.56 -51.22
CA GLN D 24 -9.27 6.58 -50.27
C GLN D 24 -8.66 6.76 -48.88
N ALA D 25 -7.34 6.96 -48.81
CA ALA D 25 -6.69 7.21 -47.54
C ALA D 25 -7.18 8.52 -46.90
N LEU D 26 -7.41 9.54 -47.72
CA LEU D 26 -7.95 10.79 -47.20
C LEU D 26 -9.35 10.60 -46.62
N ALA D 27 -10.19 9.82 -47.30
CA ALA D 27 -11.55 9.57 -46.79
C ALA D 27 -11.51 8.78 -45.49
N ALA D 28 -10.56 7.84 -45.36
CA ALA D 28 -10.38 7.13 -44.10
C ALA D 28 -10.01 8.09 -42.98
N LYS D 29 -9.08 9.02 -43.25
CA LYS D 29 -8.70 10.00 -42.23
C LYS D 29 -9.86 10.92 -41.87
N ARG D 30 -10.73 11.25 -42.84
CA ARG D 30 -11.86 12.12 -42.55
C ARG D 30 -12.90 11.42 -41.70
N GLU D 31 -13.14 10.13 -41.96
CA GLU D 31 -14.03 9.38 -41.07
C GLU D 31 -13.44 9.26 -39.67
N ASP D 32 -12.12 9.11 -39.56
CA ASP D 32 -11.46 9.12 -38.25
C ASP D 32 -11.71 10.42 -37.51
N LEU D 33 -11.53 11.55 -38.21
CA LEU D 33 -11.72 12.87 -37.58
C LEU D 33 -13.17 13.06 -37.16
N GLU D 34 -14.12 12.61 -37.99
CA GLU D 34 -15.53 12.79 -37.65
C GLU D 34 -15.92 11.91 -36.47
N LYS D 35 -15.35 10.70 -36.37
CA LYS D 35 -15.62 9.85 -35.21
C LYS D 35 -15.05 10.44 -33.92
N LYS D 36 -13.83 10.98 -33.98
CA LYS D 36 -13.24 11.59 -32.78
C LYS D 36 -14.03 12.83 -32.36
N GLN D 37 -14.46 13.63 -33.33
CA GLN D 37 -15.29 14.80 -33.03
C GLN D 37 -16.64 14.39 -32.47
N GLN D 38 -17.19 13.26 -32.93
CA GLN D 38 -18.45 12.75 -32.38
C GLN D 38 -18.26 12.30 -30.93
N LEU D 39 -17.13 11.67 -30.63
CA LEU D 39 -16.82 11.30 -29.24
C LEU D 39 -16.75 12.53 -28.35
N LEU D 40 -16.06 13.58 -28.82
CA LEU D 40 -16.00 14.83 -28.05
C LEU D 40 -17.39 15.42 -27.86
N ARG D 41 -18.17 15.51 -28.94
CA ARG D 41 -19.48 16.16 -28.88
C ARG D 41 -20.45 15.40 -28.01
N ALA D 42 -20.33 14.07 -27.95
CA ALA D 42 -21.12 13.29 -27.00
C ALA D 42 -20.65 13.54 -25.57
N ALA D 43 -19.34 13.69 -25.38
CA ALA D 43 -18.82 13.96 -24.04
C ALA D 43 -19.08 15.38 -23.55
N THR D 44 -19.43 16.31 -24.45
CA THR D 44 -19.69 17.69 -24.03
C THR D 44 -21.08 17.85 -23.43
N GLY D 45 -22.11 17.40 -24.16
CA GLY D 45 -23.49 17.56 -23.73
C GLY D 45 -24.35 18.29 -24.75
N LYS D 46 -25.66 18.01 -24.73
CA LYS D 46 -26.58 18.60 -25.71
C LYS D 46 -26.85 20.07 -25.42
N ALA D 47 -27.04 20.43 -24.15
CA ALA D 47 -27.37 21.80 -23.79
C ALA D 47 -26.19 22.74 -24.04
N ILE D 48 -24.99 22.31 -23.70
CA ILE D 48 -23.81 23.14 -23.89
C ILE D 48 -23.50 23.31 -25.36
N LEU D 49 -23.58 22.23 -26.14
CA LEU D 49 -23.36 22.31 -27.58
C LEU D 49 -24.39 23.22 -28.26
N ASN D 50 -25.65 23.11 -27.84
CA ASN D 50 -26.69 23.98 -28.39
C ASN D 50 -26.44 25.44 -28.03
N GLY D 51 -26.00 25.70 -26.79
CA GLY D 51 -25.69 27.07 -26.40
C GLY D 51 -24.51 27.65 -27.16
N ILE D 52 -23.49 26.83 -27.42
CA ILE D 52 -22.34 27.30 -28.18
C ILE D 52 -22.70 27.60 -29.62
N ASP D 53 -23.45 26.68 -30.27
CA ASP D 53 -23.93 26.94 -31.63
C ASP D 53 -24.86 28.14 -31.68
N SER D 54 -25.64 28.36 -30.62
CA SER D 54 -26.55 29.49 -30.60
C SER D 54 -25.83 30.81 -30.42
N ILE D 55 -24.81 30.86 -29.57
CA ILE D 55 -24.01 32.07 -29.45
C ILE D 55 -23.24 32.33 -30.73
N ASN D 56 -22.82 31.27 -31.43
CA ASN D 56 -22.23 31.44 -32.76
C ASN D 56 -23.21 32.08 -33.72
N LYS D 57 -24.48 31.65 -33.68
CA LYS D 57 -25.50 32.28 -34.53
C LYS D 57 -25.79 33.72 -34.10
N VAL D 58 -25.74 34.01 -32.80
CA VAL D 58 -25.98 35.37 -32.31
C VAL D 58 -24.89 36.32 -32.81
N LEU D 59 -23.62 35.91 -32.68
CA LEU D 59 -22.55 36.75 -33.19
C LEU D 59 -22.50 36.75 -34.72
N ASP D 60 -23.06 35.72 -35.37
CA ASP D 60 -23.26 35.78 -36.82
C ASP D 60 -24.24 36.88 -37.20
N HIS D 61 -25.35 36.97 -36.47
CA HIS D 61 -26.32 38.03 -36.70
C HIS D 61 -25.78 39.39 -36.27
N PHE D 62 -24.80 39.42 -35.37
CA PHE D 62 -24.17 40.67 -34.96
C PHE D 62 -23.17 41.17 -36.01
N ARG D 63 -22.39 40.27 -36.62
CA ARG D 63 -21.43 40.67 -37.64
C ARG D 63 -22.10 40.92 -38.99
N ARG D 64 -23.13 40.15 -39.32
CA ARG D 64 -23.71 40.20 -40.67
C ARG D 64 -24.49 41.49 -40.88
N LYS D 65 -25.52 41.72 -40.07
CA LYS D 65 -26.35 42.91 -40.17
C LYS D 65 -25.94 43.88 -39.07
N GLY D 66 -25.50 45.08 -39.47
CA GLY D 66 -25.04 46.06 -38.51
C GLY D 66 -23.71 45.69 -37.89
N ILE D 67 -23.33 46.50 -36.90
CA ILE D 67 -22.09 46.32 -36.15
C ILE D 67 -22.43 46.48 -34.67
N ASN D 68 -21.64 45.79 -33.82
CA ASN D 68 -21.63 45.98 -32.37
C ASN D 68 -20.24 45.50 -31.92
N GLN D 69 -19.22 46.25 -32.36
CA GLN D 69 -17.82 45.83 -32.24
C GLN D 69 -17.37 45.73 -30.78
N HIS D 70 -17.95 46.55 -29.90
CA HIS D 70 -17.61 46.51 -28.48
C HIS D 70 -17.95 45.14 -27.89
N VAL D 71 -19.05 44.55 -28.33
CA VAL D 71 -19.43 43.21 -27.91
C VAL D 71 -18.64 42.16 -28.67
N GLN D 72 -18.39 42.42 -29.96
CA GLN D 72 -17.75 41.43 -30.83
C GLN D 72 -16.34 41.11 -30.38
N ASN D 73 -15.55 42.13 -30.01
CA ASN D 73 -14.23 41.87 -29.47
C ASN D 73 -14.25 41.44 -28.02
N GLY D 74 -15.43 41.37 -27.39
CA GLY D 74 -15.54 41.03 -25.99
C GLY D 74 -15.82 39.59 -25.67
N TYR D 75 -16.04 38.75 -26.67
CA TYR D 75 -16.31 37.33 -26.47
C TYR D 75 -15.12 36.53 -26.95
N HIS D 76 -14.61 35.65 -26.08
CA HIS D 76 -13.36 34.95 -26.34
C HIS D 76 -13.50 33.43 -26.40
N GLY D 77 -14.68 32.89 -26.17
CA GLY D 77 -14.90 31.46 -26.26
C GLY D 77 -15.00 30.81 -24.90
N ILE D 78 -15.02 29.48 -24.94
CA ILE D 78 -15.15 28.67 -23.73
C ILE D 78 -13.81 28.58 -23.02
N VAL D 79 -13.83 28.13 -21.77
CA VAL D 79 -12.58 27.99 -21.00
C VAL D 79 -11.71 26.90 -21.61
N MET D 80 -12.33 25.81 -22.08
CA MET D 80 -11.59 24.65 -22.59
C MET D 80 -10.74 25.00 -23.81
N ASN D 81 -11.14 26.02 -24.58
CA ASN D 81 -10.43 26.39 -25.79
C ASN D 81 -9.49 27.58 -25.59
N ASN D 82 -9.33 28.07 -24.36
CA ASN D 82 -8.45 29.19 -24.08
C ASN D 82 -7.26 28.83 -23.21
N PHE D 83 -6.99 27.53 -23.02
CA PHE D 83 -5.76 27.11 -22.34
C PHE D 83 -5.40 25.73 -22.84
N GLU D 84 -4.19 25.29 -22.47
CA GLU D 84 -3.76 23.92 -22.65
C GLU D 84 -2.74 23.61 -21.57
N CYS D 85 -2.63 22.32 -21.25
CA CYS D 85 -1.71 21.87 -20.21
C CYS D 85 -1.16 20.51 -20.63
N GLU D 86 -0.18 20.03 -19.85
CA GLU D 86 0.45 18.77 -20.15
C GLU D 86 -0.51 17.61 -19.90
N PRO D 87 -0.46 16.55 -20.72
CA PRO D 87 -1.50 15.50 -20.65
C PRO D 87 -1.53 14.74 -19.34
N ALA D 88 -0.41 14.68 -18.60
CA ALA D 88 -0.41 14.04 -17.29
C ALA D 88 -1.31 14.74 -16.29
N PHE D 89 -1.68 15.99 -16.56
CA PHE D 89 -2.61 16.72 -15.72
C PHE D 89 -4.05 16.65 -16.21
N TYR D 90 -4.30 16.02 -17.38
CA TYR D 90 -5.59 16.12 -18.06
C TYR D 90 -6.75 15.66 -17.18
N THR D 91 -6.53 14.66 -16.32
CA THR D 91 -7.56 14.25 -15.39
C THR D 91 -7.76 15.33 -14.32
N CYS D 92 -6.68 15.67 -13.60
CA CYS D 92 -6.81 16.46 -12.38
C CYS D 92 -7.24 17.90 -12.66
N VAL D 93 -7.01 18.40 -13.86
CA VAL D 93 -7.58 19.69 -14.24
C VAL D 93 -9.08 19.55 -14.47
N GLU D 94 -9.48 18.54 -15.26
CA GLU D 94 -10.86 18.44 -15.74
C GLU D 94 -11.85 18.32 -14.60
N VAL D 95 -11.64 17.33 -13.73
CA VAL D 95 -12.51 17.13 -12.58
C VAL D 95 -12.42 18.25 -11.55
N THR D 96 -11.44 19.15 -11.67
CA THR D 96 -11.43 20.33 -10.84
C THR D 96 -12.45 21.36 -11.34
N ALA D 97 -12.62 21.48 -12.65
CA ALA D 97 -13.45 22.53 -13.23
C ALA D 97 -14.81 22.02 -13.67
N GLY D 98 -14.88 20.83 -14.26
CA GLY D 98 -16.17 20.26 -14.65
C GLY D 98 -16.85 21.09 -15.72
N ASN D 99 -18.07 21.54 -15.41
CA ASN D 99 -18.81 22.39 -16.34
C ASN D 99 -18.22 23.79 -16.46
N ARG D 100 -17.32 24.19 -15.54
CA ARG D 100 -16.55 25.41 -15.76
C ARG D 100 -15.62 25.30 -16.98
N LEU D 101 -15.38 24.08 -17.48
CA LEU D 101 -14.73 23.93 -18.78
C LEU D 101 -15.49 24.63 -19.90
N PHE D 102 -16.81 24.76 -19.76
CA PHE D 102 -17.63 25.34 -20.82
C PHE D 102 -18.22 26.69 -20.42
N TYR D 103 -17.64 27.34 -19.41
CA TYR D 103 -18.00 28.71 -19.12
C TYR D 103 -17.46 29.63 -20.20
N HIS D 104 -18.20 30.70 -20.48
CA HIS D 104 -17.91 31.61 -21.58
C HIS D 104 -17.10 32.79 -21.04
N ILE D 105 -15.85 32.88 -21.44
CA ILE D 105 -14.97 33.96 -21.00
C ILE D 105 -15.31 35.20 -21.81
N VAL D 106 -15.78 36.24 -21.12
CA VAL D 106 -16.11 37.52 -21.74
C VAL D 106 -15.52 38.65 -20.90
N ASP D 107 -15.36 39.81 -21.52
CA ASP D 107 -14.70 40.94 -20.84
C ASP D 107 -15.57 41.52 -19.75
N SER D 108 -16.87 41.68 -20.00
CA SER D 108 -17.71 42.46 -19.11
C SER D 108 -19.13 41.89 -19.13
N ASP D 109 -20.00 42.52 -18.35
CA ASP D 109 -21.43 42.20 -18.37
C ASP D 109 -22.16 42.89 -19.51
N GLU D 110 -21.51 43.86 -20.19
CA GLU D 110 -22.08 44.47 -21.37
C GLU D 110 -22.32 43.43 -22.47
N VAL D 111 -21.28 42.67 -22.79
CA VAL D 111 -21.39 41.66 -23.84
C VAL D 111 -22.30 40.51 -23.40
N SER D 112 -22.24 40.12 -22.13
CA SER D 112 -23.16 39.09 -21.62
C SER D 112 -24.61 39.52 -21.75
N THR D 113 -24.90 40.77 -21.36
CA THR D 113 -26.27 41.30 -21.45
C THR D 113 -26.72 41.39 -22.91
N LYS D 114 -25.83 41.78 -23.83
CA LYS D 114 -26.25 41.91 -25.22
C LYS D 114 -26.51 40.55 -25.87
N ILE D 115 -25.61 39.57 -25.65
CA ILE D 115 -25.84 38.23 -26.17
C ILE D 115 -27.09 37.61 -25.55
N LEU D 116 -27.37 37.89 -24.27
CA LEU D 116 -28.57 37.33 -23.67
C LEU D 116 -29.84 38.02 -24.18
N MET D 117 -29.75 39.32 -24.48
CA MET D 117 -30.85 40.04 -25.09
C MET D 117 -31.21 39.44 -26.45
N GLU D 118 -30.21 39.23 -27.30
CA GLU D 118 -30.46 38.60 -28.59
C GLU D 118 -30.92 37.14 -28.43
N PHE D 119 -30.39 36.47 -27.40
CA PHE D 119 -30.77 35.09 -27.08
C PHE D 119 -32.26 34.97 -26.84
N ASN D 120 -32.80 35.86 -25.99
CA ASN D 120 -34.22 35.81 -25.70
C ASN D 120 -35.07 36.49 -26.76
N LYS D 121 -34.49 37.35 -27.59
CA LYS D 121 -35.29 37.99 -28.63
C LYS D 121 -35.57 37.03 -29.78
N MET D 122 -34.55 36.34 -30.29
CA MET D 122 -34.82 35.34 -31.32
C MET D 122 -35.18 33.96 -30.78
N ASN D 123 -35.20 33.80 -29.44
CA ASN D 123 -35.61 32.58 -28.75
C ASN D 123 -34.75 31.38 -29.17
N LEU D 124 -33.56 31.27 -28.60
CA LEU D 124 -32.56 30.28 -28.96
C LEU D 124 -32.39 29.25 -27.84
N PRO D 125 -31.97 28.02 -28.16
CA PRO D 125 -31.83 27.00 -27.13
C PRO D 125 -30.41 26.91 -26.58
N GLY D 126 -30.28 26.11 -25.54
CA GLY D 126 -28.98 25.74 -25.01
C GLY D 126 -28.66 26.45 -23.70
N GLU D 127 -27.85 25.79 -22.88
CA GLU D 127 -27.35 26.37 -21.64
C GLU D 127 -26.05 27.12 -21.91
N VAL D 128 -25.95 28.32 -21.35
CA VAL D 128 -24.73 29.12 -21.44
C VAL D 128 -24.50 29.80 -20.09
N THR D 129 -23.26 29.77 -19.62
CA THR D 129 -22.85 30.43 -18.38
C THR D 129 -21.71 31.37 -18.69
N PHE D 130 -21.83 32.63 -18.25
CA PHE D 130 -20.94 33.69 -18.68
C PHE D 130 -19.96 34.04 -17.56
N LEU D 131 -18.70 34.28 -17.95
CA LEU D 131 -17.64 34.68 -17.03
C LEU D 131 -17.17 36.09 -17.40
N PRO D 132 -17.78 37.13 -16.84
CA PRO D 132 -17.37 38.51 -17.16
C PRO D 132 -16.14 38.91 -16.34
N LEU D 133 -15.05 39.23 -17.04
CA LEU D 133 -13.77 39.52 -16.38
C LEU D 133 -13.84 40.79 -15.52
N ASN D 134 -14.62 41.77 -15.94
CA ASN D 134 -14.66 43.06 -15.24
C ASN D 134 -15.34 42.98 -13.87
N LYS D 135 -16.07 41.90 -13.57
CA LYS D 135 -16.83 41.81 -12.34
C LYS D 135 -16.41 40.59 -11.51
N LEU D 136 -15.16 40.18 -11.64
CA LEU D 136 -14.61 39.06 -10.88
C LEU D 136 -13.83 39.62 -9.70
N ASP D 137 -14.43 39.51 -8.51
CA ASP D 137 -13.75 39.90 -7.28
C ASP D 137 -12.55 39.00 -7.06
N VAL D 138 -11.35 39.53 -7.30
CA VAL D 138 -10.11 38.76 -7.23
C VAL D 138 -9.36 39.16 -5.97
N ARG D 139 -9.35 38.25 -4.99
CA ARG D 139 -8.47 38.40 -3.84
C ARG D 139 -7.11 37.82 -4.20
N ASP D 140 -6.05 38.55 -3.86
CA ASP D 140 -4.69 38.11 -4.19
C ASP D 140 -4.34 36.91 -3.32
N THR D 141 -4.30 35.73 -3.94
CA THR D 141 -4.11 34.49 -3.22
C THR D 141 -2.65 34.31 -2.78
N ALA D 142 -2.47 33.55 -1.70
CA ALA D 142 -1.15 33.27 -1.15
C ALA D 142 -1.01 31.75 -1.00
N TYR D 143 -0.26 31.15 -1.92
CA TYR D 143 -0.02 29.71 -2.05
C TYR D 143 1.15 29.27 -1.16
N PRO D 144 1.03 28.09 -0.56
CA PRO D 144 2.10 27.60 0.32
C PRO D 144 3.32 27.15 -0.48
N GLU D 145 4.46 27.17 0.19
CA GLU D 145 5.75 26.81 -0.41
C GLU D 145 6.19 25.41 0.01
N THR D 146 5.28 24.44 -0.06
CA THR D 146 5.61 23.07 0.29
C THR D 146 6.21 22.33 -0.90
N ASN D 147 6.84 21.19 -0.62
CA ASN D 147 7.54 20.42 -1.63
C ASN D 147 6.67 19.33 -2.25
N ASP D 148 5.48 19.07 -1.71
CA ASP D 148 4.63 17.99 -2.18
C ASP D 148 3.31 18.48 -2.74
N ALA D 149 3.20 19.77 -3.05
CA ALA D 149 1.98 20.31 -3.63
C ALA D 149 2.32 21.54 -4.46
N ILE D 150 1.72 21.62 -5.65
CA ILE D 150 1.88 22.78 -6.53
C ILE D 150 0.50 23.36 -6.81
N PRO D 151 0.37 24.68 -6.94
CA PRO D 151 -0.92 25.25 -7.36
C PRO D 151 -1.26 24.83 -8.78
N MET D 152 -2.56 24.56 -9.01
CA MET D 152 -3.00 24.05 -10.31
C MET D 152 -2.83 25.09 -11.41
N ILE D 153 -3.11 26.36 -11.09
CA ILE D 153 -3.00 27.45 -12.04
C ILE D 153 -1.59 27.57 -12.61
N SER D 154 -0.59 27.16 -11.83
CA SER D 154 0.80 27.18 -12.27
C SER D 154 1.11 26.19 -13.38
N LYS D 155 0.20 25.26 -13.69
CA LYS D 155 0.42 24.30 -14.76
C LYS D 155 -0.47 24.59 -15.97
N LEU D 156 -0.98 25.81 -16.08
CA LEU D 156 -1.96 26.18 -17.11
C LEU D 156 -1.40 27.30 -17.96
N ARG D 157 -1.33 27.07 -19.28
CA ARG D 157 -0.82 28.07 -20.23
C ARG D 157 -2.03 28.79 -20.84
N TYR D 158 -2.27 30.01 -20.37
CA TYR D 158 -3.41 30.80 -20.80
C TYR D 158 -2.98 32.25 -20.99
N ASN D 159 -3.81 33.00 -21.70
CA ASN D 159 -3.51 34.41 -21.95
C ASN D 159 -3.73 35.20 -20.66
N PRO D 160 -2.80 36.10 -20.30
CA PRO D 160 -2.87 36.77 -18.99
C PRO D 160 -4.07 37.69 -18.82
N ARG D 161 -4.67 38.19 -19.90
CA ARG D 161 -5.91 38.96 -19.80
C ARG D 161 -7.01 38.16 -19.14
N PHE D 162 -7.03 36.85 -19.36
CA PHE D 162 -8.02 35.96 -18.76
C PHE D 162 -7.61 35.51 -17.35
N ASP D 163 -6.58 36.12 -16.76
CA ASP D 163 -6.09 35.68 -15.45
C ASP D 163 -7.12 35.86 -14.35
N LYS D 164 -8.07 36.79 -14.53
CA LYS D 164 -9.15 36.93 -13.58
C LYS D 164 -10.08 35.73 -13.62
N ALA D 165 -10.28 35.16 -14.81
CA ALA D 165 -11.20 34.03 -14.96
C ALA D 165 -10.64 32.76 -14.33
N PHE D 166 -9.40 32.42 -14.69
CA PHE D 166 -8.83 31.14 -14.27
C PHE D 166 -8.62 31.09 -12.77
N LYS D 167 -8.22 32.21 -12.16
CA LYS D 167 -8.12 32.29 -10.71
C LYS D 167 -9.48 32.10 -10.04
N HIS D 168 -10.57 32.47 -10.74
CA HIS D 168 -11.89 32.21 -10.18
C HIS D 168 -12.22 30.72 -10.25
N VAL D 169 -11.67 30.00 -11.23
CA VAL D 169 -11.99 28.59 -11.43
C VAL D 169 -10.95 27.67 -10.80
N PHE D 170 -9.67 27.91 -11.10
CA PHE D 170 -8.60 27.02 -10.64
C PHE D 170 -7.75 27.61 -9.54
N GLY D 171 -7.98 28.86 -9.16
CA GLY D 171 -7.04 29.59 -8.32
C GLY D 171 -7.02 29.21 -6.86
N LYS D 172 -7.94 28.35 -6.41
CA LYS D 172 -7.95 27.95 -5.01
C LYS D 172 -7.52 26.51 -4.77
N THR D 173 -7.44 25.69 -5.80
CA THR D 173 -7.17 24.26 -5.63
C THR D 173 -5.69 23.94 -5.87
N LEU D 174 -5.22 22.88 -5.21
CA LEU D 174 -3.82 22.49 -5.21
C LEU D 174 -3.67 21.05 -5.68
N ILE D 175 -2.64 20.80 -6.49
CA ILE D 175 -2.26 19.44 -6.89
C ILE D 175 -1.32 18.90 -5.83
N CYS D 176 -1.71 17.82 -5.17
CA CYS D 176 -0.90 17.20 -4.13
C CYS D 176 -0.41 15.82 -4.57
N ARG D 177 0.61 15.33 -3.85
CA ARG D 177 1.27 14.10 -4.27
C ARG D 177 0.43 12.87 -3.96
N SER D 178 -0.12 12.80 -2.74
CA SER D 178 -0.97 11.68 -2.34
C SER D 178 -2.16 12.23 -1.58
N MET D 179 -3.05 11.32 -1.17
CA MET D 179 -4.31 11.76 -0.57
C MET D 179 -4.11 12.23 0.87
N GLU D 180 -3.25 11.56 1.64
CA GLU D 180 -3.00 11.98 3.01
C GLU D 180 -2.32 13.34 3.08
N VAL D 181 -1.40 13.59 2.14
CA VAL D 181 -0.81 14.91 1.99
C VAL D 181 -1.88 15.95 1.72
N SER D 182 -2.84 15.62 0.87
CA SER D 182 -3.85 16.61 0.49
C SER D 182 -4.83 16.88 1.61
N THR D 183 -5.20 15.87 2.40
CA THR D 183 -6.08 16.16 3.53
C THR D 183 -5.36 16.86 4.67
N GLN D 184 -4.03 16.76 4.73
CA GLN D 184 -3.30 17.66 5.64
C GLN D 184 -3.33 19.09 5.13
N LEU D 185 -2.95 19.29 3.86
CA LEU D 185 -2.83 20.63 3.30
C LEU D 185 -4.16 21.37 3.20
N ALA D 186 -5.24 20.64 2.90
CA ALA D 186 -6.53 21.29 2.64
C ALA D 186 -7.10 21.92 3.90
N ARG D 187 -6.94 21.26 5.04
CA ARG D 187 -7.38 21.87 6.29
C ARG D 187 -6.37 22.88 6.79
N ALA D 188 -5.06 22.60 6.60
CA ALA D 188 -4.02 23.49 7.10
C ALA D 188 -4.15 24.89 6.50
N PHE D 189 -4.17 24.98 5.17
CA PHE D 189 -4.49 26.22 4.47
C PHE D 189 -5.80 25.99 3.75
N THR D 190 -6.83 26.78 4.11
CA THR D 190 -8.18 26.60 3.63
C THR D 190 -8.27 26.67 2.11
N MET D 191 -7.98 25.55 1.46
CA MET D 191 -7.94 25.43 0.01
C MET D 191 -8.42 24.04 -0.37
N ASP D 192 -9.05 23.94 -1.53
CA ASP D 192 -9.34 22.63 -2.09
C ASP D 192 -8.04 21.95 -2.53
N CYS D 193 -8.05 20.63 -2.54
CA CYS D 193 -6.88 19.86 -2.93
C CYS D 193 -7.34 18.70 -3.82
N ILE D 194 -6.39 18.17 -4.59
CA ILE D 194 -6.69 17.11 -5.54
C ILE D 194 -5.38 16.43 -5.92
N THR D 195 -5.43 15.10 -6.04
CA THR D 195 -4.25 14.37 -6.48
C THR D 195 -4.17 14.34 -8.00
N LEU D 196 -3.06 13.80 -8.51
CA LEU D 196 -2.86 13.66 -9.94
C LEU D 196 -3.85 12.67 -10.57
N GLU D 197 -4.37 11.73 -9.78
CA GLU D 197 -5.27 10.71 -10.28
C GLU D 197 -6.74 11.06 -10.08
N GLY D 198 -7.06 12.31 -9.76
CA GLY D 198 -8.42 12.81 -9.80
C GLY D 198 -9.11 12.89 -8.45
N ASP D 199 -8.66 12.16 -7.44
CA ASP D 199 -9.31 12.21 -6.14
C ASP D 199 -9.05 13.53 -5.45
N GLN D 200 -10.09 14.09 -4.84
CA GLN D 200 -10.02 15.42 -4.27
C GLN D 200 -10.31 15.37 -2.77
N VAL D 201 -10.08 16.50 -2.13
CA VAL D 201 -10.54 16.76 -0.77
C VAL D 201 -10.75 18.27 -0.63
N SER D 202 -11.97 18.66 -0.29
CA SER D 202 -12.33 20.06 -0.26
C SER D 202 -11.72 20.77 0.94
N HIS D 203 -11.83 22.10 0.95
CA HIS D 203 -11.38 22.89 2.09
C HIS D 203 -12.26 22.68 3.31
N ARG D 204 -13.47 22.15 3.13
CA ARG D 204 -14.36 21.80 4.24
C ARG D 204 -14.17 20.37 4.72
N GLY D 205 -13.46 19.54 3.96
CA GLY D 205 -13.24 18.16 4.30
C GLY D 205 -14.01 17.13 3.50
N ALA D 206 -14.48 17.47 2.30
CA ALA D 206 -15.30 16.56 1.50
C ALA D 206 -14.38 15.68 0.66
N LEU D 207 -14.24 14.42 1.07
CA LEU D 207 -13.48 13.45 0.29
C LEU D 207 -14.28 13.04 -0.94
N THR D 208 -13.64 13.08 -2.10
CA THR D 208 -14.28 12.73 -3.36
C THR D 208 -13.24 12.05 -4.24
N GLY D 209 -13.54 10.83 -4.68
CA GLY D 209 -12.61 10.10 -5.51
C GLY D 209 -13.17 8.76 -5.92
N GLY D 210 -12.44 8.10 -6.81
CA GLY D 210 -12.81 6.81 -7.35
C GLY D 210 -11.95 6.47 -8.55
N TYR D 211 -12.57 5.94 -9.60
CA TYR D 211 -11.88 5.62 -10.84
C TYR D 211 -12.32 6.60 -11.92
N TYR D 212 -11.38 7.37 -12.44
CA TYR D 212 -11.62 8.27 -13.56
C TYR D 212 -11.00 7.66 -14.80
N ASP D 213 -11.82 7.43 -15.82
CA ASP D 213 -11.35 6.83 -17.05
C ASP D 213 -10.67 7.87 -17.93
N THR D 214 -10.00 7.40 -18.97
CA THR D 214 -9.42 8.27 -19.99
C THR D 214 -10.29 8.31 -21.25
N ARG D 215 -11.25 7.40 -21.39
CA ARG D 215 -12.18 7.42 -22.52
C ARG D 215 -13.08 8.65 -22.49
N LYS D 216 -13.54 9.04 -21.29
CA LYS D 216 -14.44 10.17 -21.15
C LYS D 216 -13.72 11.42 -20.63
N SER D 217 -12.40 11.48 -20.75
CA SER D 217 -11.68 12.72 -20.46
C SER D 217 -11.86 13.67 -21.64
N ARG D 218 -12.50 14.81 -21.38
CA ARG D 218 -12.86 15.74 -22.45
C ARG D 218 -11.63 16.37 -23.08
N LEU D 219 -10.63 16.73 -22.27
CA LEU D 219 -9.43 17.35 -22.81
C LEU D 219 -8.59 16.36 -23.60
N GLU D 220 -8.62 15.08 -23.22
CA GLU D 220 -7.92 14.06 -23.99
C GLU D 220 -8.60 13.84 -25.34
N LEU D 221 -9.95 13.88 -25.36
CA LEU D 221 -10.67 13.82 -26.62
C LEU D 221 -10.37 15.05 -27.49
N GLN D 222 -10.22 16.21 -26.84
CA GLN D 222 -9.83 17.42 -27.57
C GLN D 222 -8.44 17.28 -28.18
N LYS D 223 -7.51 16.67 -27.44
CA LYS D 223 -6.17 16.46 -27.97
C LYS D 223 -6.18 15.46 -29.11
N ASP D 224 -7.00 14.41 -29.00
CA ASP D 224 -7.15 13.46 -30.09
C ASP D 224 -7.71 14.13 -31.34
N VAL D 225 -8.73 14.97 -31.17
CA VAL D 225 -9.33 15.69 -32.30
C VAL D 225 -8.32 16.62 -32.95
N ARG D 226 -7.57 17.37 -32.13
CA ARG D 226 -6.64 18.35 -32.70
C ARG D 226 -5.45 17.69 -33.35
N LYS D 227 -4.98 16.56 -32.81
CA LYS D 227 -3.90 15.80 -33.46
C LYS D 227 -4.37 15.23 -34.79
N ALA D 228 -5.60 14.69 -34.83
CA ALA D 228 -6.15 14.20 -36.09
C ALA D 228 -6.36 15.33 -37.08
N GLU D 229 -6.68 16.53 -36.60
CA GLU D 229 -6.84 17.68 -37.49
C GLU D 229 -5.50 18.11 -38.08
N GLU D 230 -4.42 18.06 -37.28
CA GLU D 230 -3.10 18.35 -37.82
C GLU D 230 -2.69 17.33 -38.87
N GLU D 231 -2.95 16.04 -38.60
CA GLU D 231 -2.66 14.99 -39.58
C GLU D 231 -3.46 15.19 -40.86
N LEU D 232 -4.74 15.55 -40.73
CA LEU D 232 -5.60 15.78 -41.89
C LEU D 232 -5.13 16.99 -42.69
N GLY D 233 -4.67 18.03 -42.01
CA GLY D 233 -4.13 19.19 -42.70
C GLY D 233 -2.87 18.87 -43.47
N GLU D 234 -1.97 18.06 -42.88
CA GLU D 234 -0.77 17.65 -43.58
C GLU D 234 -1.11 16.82 -44.82
N LEU D 235 -2.04 15.88 -44.69
CA LEU D 235 -2.44 15.05 -45.83
C LEU D 235 -3.10 15.89 -46.93
N GLU D 236 -3.96 16.84 -46.54
CA GLU D 236 -4.63 17.69 -47.51
C GLU D 236 -3.62 18.58 -48.26
N ALA D 237 -2.66 19.15 -47.53
CA ALA D 237 -1.64 19.98 -48.16
C ALA D 237 -0.78 19.18 -49.12
N LYS D 238 -0.37 17.96 -48.72
CA LYS D 238 0.45 17.13 -49.58
C LYS D 238 -0.29 16.72 -50.85
N LEU D 239 -1.54 16.28 -50.72
CA LEU D 239 -2.30 15.87 -51.90
C LEU D 239 -2.61 17.07 -52.80
N ASN D 240 -2.91 18.23 -52.21
CA ASN D 240 -3.23 19.40 -53.03
C ASN D 240 -2.01 19.92 -53.78
N GLU D 241 -0.84 19.88 -53.15
CA GLU D 241 0.37 20.30 -53.87
C GLU D 241 0.81 19.26 -54.89
N ASN D 242 0.49 17.98 -54.67
CA ASN D 242 0.77 16.98 -55.71
C ASN D 242 -0.18 17.11 -56.88
N LEU D 243 -1.42 17.53 -56.64
CA LEU D 243 -2.35 17.76 -57.75
C LEU D 243 -2.03 19.04 -58.49
N ARG D 244 -1.52 20.07 -57.78
CA ARG D 244 -1.18 21.32 -58.45
C ARG D 244 0.02 21.18 -59.37
N ARG D 245 0.90 20.22 -59.10
CA ARG D 245 2.10 20.02 -59.92
C ARG D 245 1.78 19.46 -61.30
N ASN D 246 0.54 19.02 -61.54
CA ASN D 246 0.13 18.57 -62.87
C ASN D 246 -0.64 19.66 -63.58
N SER E 25 0.11 59.48 16.88
CA SER E 25 0.74 58.19 16.66
C SER E 25 -0.04 57.37 15.64
N SER E 26 0.57 57.18 14.47
CA SER E 26 -0.06 56.40 13.40
C SER E 26 -0.10 54.91 13.73
N ARG E 27 0.72 54.47 14.68
CA ARG E 27 0.77 53.05 15.04
C ARG E 27 -0.54 52.58 15.65
N GLN E 28 -1.14 53.39 16.53
CA GLN E 28 -2.42 53.01 17.14
C GLN E 28 -3.53 52.94 16.10
N GLN E 29 -3.56 53.90 15.17
CA GLN E 29 -4.56 53.91 14.12
C GLN E 29 -4.42 52.69 13.22
N ARG E 30 -3.19 52.39 12.79
CA ARG E 30 -2.96 51.24 11.93
C ARG E 30 -3.27 49.93 12.64
N LYS E 31 -2.91 49.83 13.93
CA LYS E 31 -3.17 48.60 14.68
C LYS E 31 -4.66 48.37 14.87
N ALA E 32 -5.41 49.41 15.26
CA ALA E 32 -6.85 49.25 15.45
C ALA E 32 -7.57 49.01 14.13
N GLU E 33 -7.09 49.63 13.05
CA GLU E 33 -7.74 49.46 11.75
C GLU E 33 -7.52 48.07 11.19
N ILE E 34 -6.27 47.58 11.24
CA ILE E 34 -5.96 46.23 10.79
C ILE E 34 -6.64 45.20 11.69
N MET E 35 -6.78 45.51 12.99
CA MET E 35 -7.48 44.63 13.91
C MET E 35 -8.97 44.52 13.56
N GLU E 36 -9.61 45.65 13.25
CA GLU E 36 -11.01 45.57 12.81
C GLU E 36 -11.14 44.87 11.47
N SER E 37 -10.12 44.99 10.61
CA SER E 37 -10.13 44.26 9.35
C SER E 37 -10.07 42.76 9.56
N ILE E 38 -9.17 42.28 10.43
CA ILE E 38 -9.11 40.84 10.72
C ILE E 38 -10.31 40.38 11.52
N LYS E 39 -11.00 41.27 12.23
CA LYS E 39 -12.27 40.89 12.84
C LYS E 39 -13.34 40.70 11.78
N ARG E 40 -13.30 41.52 10.72
CA ARG E 40 -14.25 41.38 9.63
C ARG E 40 -13.96 40.15 8.76
N LEU E 41 -12.69 39.77 8.62
CA LEU E 41 -12.35 38.66 7.74
C LEU E 41 -12.74 37.32 8.34
N TYR E 42 -12.32 37.05 9.58
CA TYR E 42 -12.57 35.78 10.25
C TYR E 42 -13.39 36.08 11.51
N PRO E 43 -14.72 36.20 11.37
CA PRO E 43 -15.53 36.76 12.46
C PRO E 43 -15.76 35.80 13.63
N GLY E 44 -15.88 34.51 13.34
CA GLY E 44 -16.07 33.54 14.40
C GLY E 44 -14.81 33.05 15.08
N SER E 45 -13.68 33.72 14.86
CA SER E 45 -12.42 33.23 15.40
C SER E 45 -11.44 34.31 15.82
N VAL E 46 -11.76 35.59 15.70
CA VAL E 46 -10.91 36.66 16.21
C VAL E 46 -11.64 37.27 17.39
N TYR E 47 -11.24 36.86 18.60
CA TYR E 47 -11.91 37.36 19.80
C TYR E 47 -11.42 38.75 20.19
N GLY E 48 -10.18 39.08 19.87
CA GLY E 48 -9.69 40.44 20.03
C GLY E 48 -8.56 40.53 21.03
N ARG E 49 -7.96 41.72 21.10
CA ARG E 49 -6.83 41.89 22.00
C ARG E 49 -7.30 41.89 23.45
N LEU E 50 -6.34 41.69 24.35
CA LEU E 50 -6.66 41.23 25.70
C LEU E 50 -7.26 42.33 26.56
N ILE E 51 -6.89 43.59 26.31
CA ILE E 51 -7.38 44.66 27.17
C ILE E 51 -8.86 44.94 26.91
N ASP E 52 -9.35 44.68 25.69
CA ASP E 52 -10.77 44.88 25.42
C ASP E 52 -11.63 43.77 26.00
N LEU E 53 -11.03 42.66 26.42
CA LEU E 53 -11.78 41.50 26.87
C LEU E 53 -11.79 41.32 28.38
N CYS E 54 -10.95 42.03 29.12
CA CYS E 54 -10.82 41.80 30.55
C CYS E 54 -10.88 43.13 31.30
N GLN E 55 -11.00 43.02 32.62
CA GLN E 55 -11.10 44.16 33.52
C GLN E 55 -10.75 43.70 34.92
N PRO E 56 -10.30 44.59 35.80
CA PRO E 56 -10.01 44.19 37.17
C PRO E 56 -11.24 44.32 38.09
N THR E 57 -11.14 43.67 39.24
CA THR E 57 -12.23 43.71 40.21
C THR E 57 -12.32 45.08 40.86
N GLN E 58 -11.19 45.62 41.31
CA GLN E 58 -11.08 46.96 41.87
C GLN E 58 -10.04 47.76 41.10
N LYS E 59 -9.93 49.04 41.44
CA LYS E 59 -9.04 49.95 40.73
C LYS E 59 -7.60 49.89 41.23
N LYS E 60 -7.41 49.60 42.52
CA LYS E 60 -6.09 49.54 43.14
C LYS E 60 -5.13 48.63 42.39
N TYR E 61 -5.65 47.52 41.86
CA TYR E 61 -4.85 46.49 41.21
C TYR E 61 -4.48 46.85 39.78
N GLN E 62 -4.93 48.02 39.28
CA GLN E 62 -4.67 48.43 37.91
C GLN E 62 -3.18 48.48 37.59
N ILE E 63 -2.37 48.87 38.56
CA ILE E 63 -0.92 48.78 38.41
C ILE E 63 -0.49 47.31 38.34
N ALA E 64 -0.85 46.54 39.37
CA ALA E 64 -0.23 45.24 39.60
C ALA E 64 -0.58 44.25 38.49
N VAL E 65 -1.87 44.22 38.11
CA VAL E 65 -2.34 43.41 36.99
C VAL E 65 -1.52 43.68 35.74
N THR E 66 -1.23 44.96 35.46
CA THR E 66 -0.45 45.33 34.29
C THR E 66 0.92 44.68 34.31
N LYS E 67 1.56 44.64 35.49
CA LYS E 67 2.89 44.06 35.62
C LYS E 67 2.90 42.58 35.30
N VAL E 68 1.75 41.91 35.46
CA VAL E 68 1.70 40.50 35.11
C VAL E 68 1.47 40.31 33.61
N LEU E 69 0.71 41.21 32.97
CA LEU E 69 0.33 40.97 31.59
C LEU E 69 1.41 41.42 30.60
N GLY E 70 1.86 42.67 30.73
CA GLY E 70 2.94 43.18 29.89
C GLY E 70 2.55 43.20 28.42
N LYS E 71 3.42 42.59 27.61
CA LYS E 71 3.17 42.46 26.17
C LYS E 71 1.89 41.69 25.88
N ASN E 72 1.49 40.79 26.78
CA ASN E 72 0.25 40.04 26.62
C ASN E 72 -0.98 40.91 26.69
N MET E 73 -0.86 42.17 27.14
CA MET E 73 -1.97 43.11 27.02
C MET E 73 -2.30 43.38 25.56
N ASP E 74 -1.29 43.46 24.70
CA ASP E 74 -1.52 43.73 23.29
C ASP E 74 -1.61 42.48 22.45
N ALA E 75 -1.76 41.31 23.08
CA ALA E 75 -1.86 40.06 22.35
C ALA E 75 -3.30 39.84 21.91
N ILE E 76 -3.52 39.75 20.61
CA ILE E 76 -4.83 39.45 20.06
C ILE E 76 -5.14 37.98 20.32
N ILE E 77 -6.16 37.71 21.12
CA ILE E 77 -6.63 36.36 21.37
C ILE E 77 -7.51 35.93 20.20
N VAL E 78 -7.17 34.79 19.59
CA VAL E 78 -7.94 34.22 18.49
C VAL E 78 -8.41 32.83 18.92
N ASP E 79 -9.04 32.11 17.98
CA ASP E 79 -9.55 30.77 18.24
C ASP E 79 -8.57 29.71 17.75
N SER E 80 -8.12 29.80 16.51
CA SER E 80 -7.35 28.75 15.86
C SER E 80 -5.91 29.19 15.59
N GLU E 81 -5.01 28.20 15.62
CA GLU E 81 -3.67 28.38 15.06
C GLU E 81 -3.74 28.77 13.58
N LYS E 82 -4.65 28.12 12.85
CA LYS E 82 -4.93 28.46 11.45
C LYS E 82 -5.25 29.95 11.28
N THR E 83 -6.21 30.44 12.06
CA THR E 83 -6.58 31.86 11.97
C THR E 83 -5.45 32.75 12.48
N GLY E 84 -4.63 32.25 13.40
CA GLY E 84 -3.49 33.02 13.86
C GLY E 84 -2.49 33.29 12.76
N ARG E 85 -2.04 32.24 12.07
CA ARG E 85 -1.08 32.47 10.99
C ARG E 85 -1.73 33.11 9.77
N ASP E 86 -3.04 32.95 9.57
CA ASP E 86 -3.71 33.67 8.49
C ASP E 86 -3.73 35.18 8.78
N CYS E 87 -3.99 35.56 10.03
CA CYS E 87 -3.93 36.96 10.40
C CYS E 87 -2.51 37.50 10.32
N ILE E 88 -1.52 36.66 10.66
CA ILE E 88 -0.11 37.04 10.52
C ILE E 88 0.22 37.32 9.06
N GLN E 89 -0.25 36.45 8.16
CA GLN E 89 0.00 36.67 6.73
C GLN E 89 -0.72 37.92 6.21
N TYR E 90 -1.92 38.21 6.75
CA TYR E 90 -2.61 39.44 6.34
C TYR E 90 -1.86 40.68 6.82
N ILE E 91 -1.26 40.62 8.01
CA ILE E 91 -0.44 41.73 8.49
C ILE E 91 0.81 41.89 7.62
N LYS E 92 1.43 40.77 7.23
CA LYS E 92 2.60 40.84 6.36
C LYS E 92 2.25 41.39 4.98
N GLU E 93 1.05 41.09 4.49
CA GLU E 93 0.59 41.67 3.23
C GLU E 93 0.46 43.18 3.35
N GLN E 94 -0.16 43.66 4.45
CA GLN E 94 -0.47 45.06 4.61
C GLN E 94 0.71 45.90 5.07
N ARG E 95 1.87 45.27 5.32
CA ARG E 95 3.08 45.93 5.83
C ARG E 95 2.79 46.73 7.10
N GLY E 96 2.14 46.06 8.07
CA GLY E 96 1.72 46.69 9.29
C GLY E 96 2.55 46.26 10.50
N GLU E 97 2.09 46.70 11.66
CA GLU E 97 2.74 46.44 12.93
C GLU E 97 2.66 44.95 13.27
N PRO E 98 3.80 44.27 13.46
CA PRO E 98 3.76 42.86 13.85
C PRO E 98 3.23 42.70 15.26
N GLU E 99 2.25 41.82 15.42
CA GLU E 99 1.57 41.64 16.69
C GLU E 99 1.64 40.18 17.11
N THR E 100 1.14 39.92 18.32
CA THR E 100 1.22 38.61 18.95
C THR E 100 -0.19 38.04 19.06
N PHE E 101 -0.42 36.87 18.48
CA PHE E 101 -1.70 36.18 18.59
C PHE E 101 -1.61 35.01 19.55
N LEU E 102 -2.64 34.85 20.35
CA LEU E 102 -2.75 33.71 21.25
C LEU E 102 -3.90 32.83 20.80
N PRO E 103 -3.65 31.66 20.25
CA PRO E 103 -4.72 30.72 19.92
C PRO E 103 -5.25 30.05 21.17
N LEU E 104 -6.26 29.21 20.99
CA LEU E 104 -6.80 28.42 22.08
C LEU E 104 -6.83 26.92 21.81
N ASP E 105 -6.81 26.49 20.54
CA ASP E 105 -6.82 25.07 20.25
C ASP E 105 -5.42 24.46 20.36
N TYR E 106 -4.40 25.23 19.98
CA TYR E 106 -3.02 24.74 19.95
C TYR E 106 -2.12 25.56 20.88
N LEU E 107 -2.67 26.06 21.98
CA LEU E 107 -1.90 26.78 22.99
C LEU E 107 -1.78 25.91 24.23
N GLU E 108 -0.56 25.84 24.78
CA GLU E 108 -0.24 24.90 25.84
C GLU E 108 -0.17 25.63 27.18
N VAL E 109 -0.98 25.19 28.14
CA VAL E 109 -0.92 25.68 29.51
C VAL E 109 -0.97 24.49 30.45
N LYS E 110 -0.75 24.77 31.71
CA LYS E 110 -1.02 23.85 32.81
C LYS E 110 -2.22 24.35 33.59
N PRO E 111 -3.04 23.47 34.15
CA PRO E 111 -4.20 23.93 34.92
C PRO E 111 -3.79 24.73 36.16
N THR E 112 -4.54 25.80 36.41
CA THR E 112 -4.22 26.73 37.49
C THR E 112 -4.31 26.03 38.84
N ASP E 113 -3.23 26.13 39.62
CA ASP E 113 -3.12 25.44 40.90
C ASP E 113 -4.17 25.97 41.88
N GLU E 114 -5.21 25.17 42.12
CA GLU E 114 -6.25 25.54 43.07
C GLU E 114 -5.73 25.61 44.49
N LYS E 115 -4.72 24.80 44.82
CA LYS E 115 -4.17 24.76 46.17
C LYS E 115 -3.53 26.08 46.57
N LEU E 116 -3.18 26.93 45.60
CA LEU E 116 -2.63 28.24 45.92
C LEU E 116 -3.68 29.19 46.49
N ARG E 117 -4.96 28.88 46.35
CA ARG E 117 -5.97 29.73 46.98
C ARG E 117 -6.02 29.56 48.49
N GLU E 118 -5.41 28.50 49.03
CA GLU E 118 -5.30 28.30 50.47
C GLU E 118 -4.01 28.89 51.03
N LEU E 119 -3.64 30.08 50.58
CA LEU E 119 -2.49 30.81 51.11
C LEU E 119 -2.99 32.00 51.91
N LYS E 120 -2.46 32.17 53.12
CA LYS E 120 -3.01 33.11 54.08
C LYS E 120 -2.77 34.56 53.66
N GLY E 121 -1.71 34.82 52.91
CA GLY E 121 -1.27 36.18 52.71
C GLY E 121 -2.13 36.96 51.73
N ALA E 122 -2.51 36.34 50.61
CA ALA E 122 -3.06 37.11 49.51
C ALA E 122 -3.97 36.25 48.64
N LYS E 123 -4.44 36.86 47.56
CA LYS E 123 -5.34 36.26 46.58
C LYS E 123 -4.63 36.13 45.24
N LEU E 124 -5.20 35.30 44.37
CA LEU E 124 -4.57 34.97 43.09
C LEU E 124 -4.77 36.11 42.09
N VAL E 125 -3.79 36.27 41.19
CA VAL E 125 -3.87 37.35 40.20
C VAL E 125 -5.02 37.12 39.24
N ILE E 126 -5.22 35.87 38.82
CA ILE E 126 -6.24 35.55 37.82
C ILE E 126 -7.65 35.78 38.38
N ASP E 127 -7.82 35.64 39.69
CA ASP E 127 -9.11 35.90 40.32
C ASP E 127 -9.42 37.38 40.47
N VAL E 128 -8.45 38.26 40.22
CA VAL E 128 -8.71 39.70 40.21
C VAL E 128 -9.19 40.14 38.84
N ILE E 129 -8.80 39.43 37.79
CA ILE E 129 -9.13 39.77 36.41
C ILE E 129 -10.37 39.00 35.98
N ARG E 130 -11.34 39.70 35.40
CA ARG E 130 -12.54 39.11 34.84
C ARG E 130 -12.53 39.28 33.33
N TYR E 131 -12.84 38.19 32.63
CA TYR E 131 -12.81 38.13 31.18
C TYR E 131 -14.24 38.15 30.64
N GLU E 132 -14.52 39.08 29.73
CA GLU E 132 -15.88 39.37 29.27
C GLU E 132 -16.50 38.22 28.46
N PRO E 133 -15.80 37.55 27.54
CA PRO E 133 -16.32 36.28 27.04
C PRO E 133 -15.69 35.12 27.79
N PRO E 134 -16.48 34.41 28.62
CA PRO E 134 -15.89 33.34 29.46
C PRO E 134 -15.51 32.08 28.69
N HIS E 135 -14.65 32.24 27.68
CA HIS E 135 -14.06 31.13 26.96
C HIS E 135 -12.55 31.29 26.80
N ILE E 136 -12.01 32.50 26.94
CA ILE E 136 -10.59 32.79 26.75
C ILE E 136 -9.82 32.51 28.04
N LYS E 137 -10.31 31.55 28.83
CA LYS E 137 -9.68 31.22 30.12
C LYS E 137 -8.28 30.67 29.93
N LYS E 138 -8.04 29.93 28.85
CA LYS E 138 -6.70 29.41 28.59
C LYS E 138 -5.72 30.51 28.22
N ALA E 139 -6.20 31.59 27.58
CA ALA E 139 -5.34 32.72 27.28
C ALA E 139 -4.91 33.44 28.55
N LEU E 140 -5.84 33.65 29.49
CA LEU E 140 -5.47 34.28 30.75
C LEU E 140 -4.68 33.34 31.65
N GLN E 141 -4.83 32.03 31.50
CA GLN E 141 -3.94 31.09 32.18
C GLN E 141 -2.53 31.17 31.61
N TYR E 142 -2.41 31.33 30.29
CA TYR E 142 -1.09 31.51 29.69
C TYR E 142 -0.44 32.80 30.17
N ALA E 143 -1.22 33.87 30.25
CA ALA E 143 -0.65 35.18 30.53
C ALA E 143 -0.38 35.37 32.02
N CYS E 144 -1.25 34.86 32.89
CA CYS E 144 -1.11 35.05 34.33
C CYS E 144 -0.47 33.85 35.02
N GLY E 145 -0.95 32.64 34.73
CA GLY E 145 -0.37 31.47 35.37
C GLY E 145 -0.81 31.35 36.82
N ASN E 146 0.15 31.02 37.68
CA ASN E 146 -0.08 30.86 39.11
C ASN E 146 0.51 32.03 39.89
N ALA E 147 0.44 33.23 39.33
CA ALA E 147 1.00 34.41 39.97
C ALA E 147 0.09 34.88 41.11
N LEU E 148 0.70 35.43 42.16
CA LEU E 148 0.00 35.86 43.35
C LEU E 148 0.25 37.36 43.56
N VAL E 149 -0.77 38.10 43.99
CA VAL E 149 -0.65 39.54 44.19
C VAL E 149 -1.03 39.87 45.63
N CYS E 150 -0.15 40.55 46.34
CA CYS E 150 -0.32 40.91 47.74
C CYS E 150 -0.45 42.41 47.92
N ASP E 151 -0.58 42.82 49.18
CA ASP E 151 -0.84 44.22 49.51
C ASP E 151 0.44 45.05 49.47
N ASN E 152 1.37 44.79 50.38
CA ASN E 152 2.58 45.60 50.51
C ASN E 152 3.81 44.81 50.12
N VAL E 153 4.95 45.50 50.10
CA VAL E 153 6.21 44.89 49.68
C VAL E 153 6.71 43.89 50.70
N GLU E 154 6.56 44.21 51.99
CA GLU E 154 6.92 43.27 53.06
C GLU E 154 6.04 42.04 53.01
N ASP E 155 4.75 42.22 52.69
CA ASP E 155 3.83 41.10 52.58
C ASP E 155 4.15 40.21 51.39
N ALA E 156 4.50 40.82 50.25
CA ALA E 156 4.92 40.03 49.10
C ALA E 156 6.23 39.31 49.38
N ARG E 157 7.12 39.93 50.15
CA ARG E 157 8.39 39.30 50.51
C ARG E 157 8.18 38.10 51.40
N ARG E 158 7.32 38.23 52.43
CA ARG E 158 7.07 37.09 53.32
C ARG E 158 6.23 36.01 52.65
N ILE E 159 5.47 36.34 51.59
CA ILE E 159 4.82 35.30 50.81
C ILE E 159 5.83 34.56 49.96
N ALA E 160 6.71 35.29 49.28
CA ALA E 160 7.62 34.68 48.32
C ALA E 160 8.70 33.85 49.02
N PHE E 161 9.25 34.36 50.12
CA PHE E 161 10.42 33.75 50.74
C PHE E 161 10.13 33.12 52.10
N GLY E 162 8.90 33.23 52.61
CA GLY E 162 8.59 32.71 53.93
C GLY E 162 8.10 31.27 53.92
N GLY E 163 7.48 30.85 52.82
CA GLY E 163 6.99 29.50 52.71
C GLY E 163 8.05 28.51 52.25
N HIS E 164 7.72 27.23 52.37
CA HIS E 164 8.62 26.18 51.91
C HIS E 164 8.73 26.15 50.39
N GLN E 165 7.70 26.62 49.68
CA GLN E 165 7.70 26.72 48.24
C GLN E 165 7.63 28.19 47.83
N ARG E 166 8.48 28.58 46.89
CA ARG E 166 8.48 29.95 46.40
C ARG E 166 7.47 30.11 45.27
N HIS E 167 6.83 31.28 45.23
CA HIS E 167 5.82 31.58 44.23
C HIS E 167 6.13 32.94 43.59
N LYS E 168 5.69 33.10 42.35
CA LYS E 168 5.81 34.39 41.67
C LYS E 168 4.87 35.39 42.33
N THR E 169 5.43 36.31 43.11
CA THR E 169 4.65 37.24 43.91
C THR E 169 4.85 38.66 43.39
N VAL E 170 3.75 39.42 43.34
CA VAL E 170 3.77 40.82 42.94
C VAL E 170 2.95 41.62 43.95
N ALA E 171 3.47 42.78 44.34
CA ALA E 171 2.76 43.62 45.29
C ALA E 171 1.80 44.55 44.56
N LEU E 172 1.02 45.30 45.35
CA LEU E 172 0.05 46.22 44.78
C LEU E 172 0.73 47.42 44.11
N ASP E 173 1.95 47.75 44.54
CA ASP E 173 2.67 48.91 44.01
C ASP E 173 3.36 48.64 42.68
N GLY E 174 3.60 47.38 42.33
CA GLY E 174 4.25 47.03 41.08
C GLY E 174 5.55 46.28 41.21
N THR E 175 6.00 45.96 42.43
CA THR E 175 7.22 45.20 42.61
C THR E 175 6.95 43.72 42.35
N LEU E 176 7.75 43.12 41.48
CA LEU E 176 7.57 41.73 41.08
C LEU E 176 8.68 40.87 41.68
N PHE E 177 8.29 39.70 42.21
CA PHE E 177 9.23 38.76 42.83
C PHE E 177 9.17 37.47 42.02
N GLN E 178 10.16 37.24 41.16
CA GLN E 178 10.18 36.05 40.33
C GLN E 178 10.60 34.83 41.15
N LYS E 179 10.53 33.66 40.51
CA LYS E 179 10.88 32.41 41.20
C LYS E 179 12.37 32.32 41.48
N SER E 180 13.20 32.96 40.66
CA SER E 180 14.64 32.93 40.87
C SER E 180 15.08 33.83 42.03
N GLY E 181 14.19 34.66 42.55
CA GLY E 181 14.52 35.61 43.58
C GLY E 181 14.83 37.00 43.07
N VAL E 182 14.83 37.21 41.76
CA VAL E 182 15.09 38.54 41.22
C VAL E 182 13.87 39.42 41.44
N ILE E 183 14.12 40.70 41.74
CA ILE E 183 13.08 41.64 42.13
C ILE E 183 13.08 42.76 41.11
N SER E 184 12.03 42.85 40.30
CA SER E 184 11.88 43.87 39.29
C SER E 184 10.88 44.93 39.74
N GLY E 185 11.20 46.18 39.43
CA GLY E 185 10.31 47.30 39.72
C GLY E 185 9.98 48.09 38.48
N GLY E 186 10.74 49.17 38.24
CA GLY E 186 10.59 49.98 37.05
C GLY E 186 9.25 50.68 36.96
N ALA E 187 9.00 51.61 37.87
CA ALA E 187 7.70 52.27 37.95
C ALA E 187 7.50 53.36 36.90
N SER E 188 8.56 53.75 36.17
CA SER E 188 8.50 54.93 35.32
C SER E 188 7.48 54.77 34.19
N ASP E 189 7.34 53.56 33.66
CA ASP E 189 6.29 53.28 32.69
C ASP E 189 5.02 52.76 33.33
N LEU E 190 5.12 52.27 34.59
CA LEU E 190 4.01 51.54 35.20
C LEU E 190 2.77 52.43 35.36
N LYS E 191 2.98 53.72 35.65
CA LYS E 191 1.87 54.65 35.72
C LYS E 191 1.18 54.80 34.37
N ALA E 192 1.98 54.98 33.31
CA ALA E 192 1.43 55.32 32.00
C ALA E 192 0.56 54.19 31.45
N LYS E 193 1.08 52.96 31.49
CA LYS E 193 0.29 51.79 31.11
C LYS E 193 -0.97 51.68 31.96
N ALA E 194 -0.86 52.00 33.26
CA ALA E 194 -2.03 51.99 34.12
C ALA E 194 -3.05 53.03 33.66
N ARG E 195 -2.57 54.21 33.25
CA ARG E 195 -3.44 55.23 32.68
C ARG E 195 -4.16 54.69 31.44
N ARG E 196 -3.49 53.82 30.68
CA ARG E 196 -4.08 53.24 29.48
C ARG E 196 -5.37 52.50 29.82
N TRP E 197 -5.41 51.84 31.00
CA TRP E 197 -6.64 51.19 31.46
C TRP E 197 -7.80 52.19 31.47
N ASP E 198 -7.60 53.33 32.14
CA ASP E 198 -8.62 54.37 32.13
C ASP E 198 -8.77 54.97 30.75
N GLU E 199 -7.67 55.05 29.99
CA GLU E 199 -7.76 55.51 28.61
C GLU E 199 -8.46 54.51 27.72
N LYS E 200 -8.53 53.24 28.14
CA LYS E 200 -9.36 52.26 27.46
C LYS E 200 -10.79 52.29 27.97
N ALA E 201 -11.02 52.83 29.18
CA ALA E 201 -12.32 52.69 29.83
C ALA E 201 -13.42 53.44 29.10
N VAL E 202 -13.08 54.51 28.38
CA VAL E 202 -14.07 55.25 27.62
C VAL E 202 -14.36 54.52 26.32
N ASN F 13 51.98 66.51 -15.57
CA ASN F 13 51.23 67.77 -15.52
C ASN F 13 49.74 67.52 -15.28
N TYR F 14 49.38 66.24 -15.14
CA TYR F 14 47.98 65.85 -14.92
C TYR F 14 47.76 65.22 -13.55
N LEU F 15 48.73 65.35 -12.64
CA LEU F 15 48.66 64.62 -11.36
C LEU F 15 47.80 65.34 -10.32
N TRP F 16 47.78 66.67 -10.33
CA TRP F 16 47.07 67.40 -9.29
C TRP F 16 45.56 67.28 -9.45
N ARG F 17 45.06 67.30 -10.69
CA ARG F 17 43.63 67.10 -10.92
C ARG F 17 43.20 65.69 -10.54
N GLU F 18 44.07 64.70 -10.81
CA GLU F 18 43.77 63.34 -10.39
C GLU F 18 43.72 63.21 -8.88
N GLU F 19 44.65 63.89 -8.18
CA GLU F 19 44.65 63.84 -6.72
C GLU F 19 43.41 64.52 -6.14
N ASN F 20 42.99 65.65 -6.73
CA ASN F 20 41.78 66.32 -6.29
C ASN F 20 40.54 65.44 -6.52
N ALA F 21 40.48 64.75 -7.67
CA ALA F 21 39.35 63.88 -7.95
C ALA F 21 39.30 62.69 -7.01
N GLU F 22 40.47 62.09 -6.72
CA GLU F 22 40.51 60.98 -5.78
C GLU F 22 40.14 61.42 -4.37
N GLN F 23 40.51 62.65 -4.00
CA GLN F 23 40.11 63.15 -2.69
C GLN F 23 38.60 63.44 -2.62
N GLN F 24 38.01 63.92 -3.72
CA GLN F 24 36.56 64.10 -3.75
C GLN F 24 35.83 62.77 -3.60
N ALA F 25 36.31 61.73 -4.30
CA ALA F 25 35.72 60.40 -4.16
C ALA F 25 35.90 59.86 -2.74
N LEU F 26 37.06 60.11 -2.13
CA LEU F 26 37.29 59.66 -0.76
C LEU F 26 36.37 60.37 0.23
N ALA F 27 36.16 61.67 0.07
CA ALA F 27 35.26 62.38 0.98
C ALA F 27 33.83 61.92 0.80
N ALA F 28 33.42 61.58 -0.43
CA ALA F 28 32.12 60.95 -0.64
C ALA F 28 32.01 59.63 0.12
N LYS F 29 33.07 58.81 0.05
CA LYS F 29 33.05 57.52 0.76
C LYS F 29 33.02 57.71 2.27
N ARG F 30 33.73 58.71 2.80
CA ARG F 30 33.75 58.94 4.23
C ARG F 30 32.41 59.47 4.73
N GLU F 31 31.75 60.33 3.95
CA GLU F 31 30.42 60.76 4.34
C GLU F 31 29.41 59.64 4.26
N ASP F 32 29.56 58.73 3.29
CA ASP F 32 28.74 57.52 3.22
C ASP F 32 28.92 56.68 4.48
N LEU F 33 30.17 56.48 4.90
CA LEU F 33 30.45 55.73 6.12
C LEU F 33 29.84 56.39 7.34
N GLU F 34 29.93 57.73 7.44
CA GLU F 34 29.41 58.40 8.61
C GLU F 34 27.88 58.37 8.64
N LYS F 35 27.23 58.43 7.46
CA LYS F 35 25.78 58.28 7.41
C LYS F 35 25.35 56.89 7.87
N LYS F 36 26.03 55.85 7.38
CA LYS F 36 25.66 54.49 7.76
C LYS F 36 25.95 54.21 9.23
N GLN F 37 27.02 54.81 9.77
CA GLN F 37 27.35 54.65 11.17
C GLN F 37 26.32 55.35 12.06
N GLN F 38 25.86 56.55 11.63
CA GLN F 38 24.79 57.21 12.36
C GLN F 38 23.49 56.42 12.29
N LEU F 39 23.23 55.74 11.16
CA LEU F 39 22.07 54.88 11.06
C LEU F 39 22.12 53.74 12.07
N LEU F 40 23.27 53.06 12.15
CA LEU F 40 23.41 51.97 13.11
C LEU F 40 23.34 52.48 14.55
N ARG F 41 23.93 53.65 14.82
CA ARG F 41 23.89 54.21 16.17
C ARG F 41 22.47 54.57 16.58
N ALA F 42 21.68 55.12 15.65
CA ALA F 42 20.29 55.42 15.95
C ALA F 42 19.47 54.16 16.13
N ALA F 43 19.79 53.11 15.38
CA ALA F 43 19.06 51.85 15.52
C ALA F 43 19.46 51.09 16.78
N THR F 44 20.62 51.37 17.35
CA THR F 44 21.06 50.66 18.54
C THR F 44 20.32 51.13 19.78
N GLY F 45 20.29 52.44 20.03
CA GLY F 45 19.59 52.98 21.17
C GLY F 45 20.42 53.93 22.01
N LYS F 46 19.75 54.69 22.87
CA LYS F 46 20.45 55.67 23.71
C LYS F 46 21.23 54.98 24.83
N ALA F 47 20.51 54.21 25.67
CA ALA F 47 21.09 53.64 26.88
C ALA F 47 22.08 52.52 26.57
N ILE F 48 21.84 51.74 25.51
CA ILE F 48 22.77 50.69 25.12
C ILE F 48 24.11 51.30 24.68
N LEU F 49 24.06 52.36 23.88
CA LEU F 49 25.28 53.00 23.42
C LEU F 49 26.01 53.71 24.56
N ASN F 50 25.25 54.33 25.46
CA ASN F 50 25.86 54.91 26.67
C ASN F 50 26.53 53.83 27.51
N GLY F 51 25.94 52.64 27.59
CA GLY F 51 26.56 51.57 28.35
C GLY F 51 27.81 51.02 27.69
N ILE F 52 27.82 50.91 26.36
CA ILE F 52 29.01 50.47 25.65
C ILE F 52 30.15 51.45 25.85
N ASP F 53 29.86 52.76 25.71
CA ASP F 53 30.88 53.78 25.94
C ASP F 53 31.37 53.77 27.39
N SER F 54 30.47 53.53 28.34
CA SER F 54 30.85 53.55 29.75
C SER F 54 31.73 52.36 30.10
N ILE F 55 31.41 51.17 29.58
CA ILE F 55 32.23 50.00 29.87
C ILE F 55 33.58 50.09 29.16
N ASN F 56 33.61 50.69 27.96
CA ASN F 56 34.89 50.95 27.30
C ASN F 56 35.73 51.92 28.12
N LYS F 57 35.10 52.93 28.73
CA LYS F 57 35.84 53.84 29.62
C LYS F 57 36.32 53.13 30.88
N VAL F 58 35.56 52.17 31.39
CA VAL F 58 35.98 51.41 32.56
C VAL F 58 37.20 50.54 32.24
N LEU F 59 37.19 49.88 31.08
CA LEU F 59 38.36 49.09 30.69
C LEU F 59 39.57 49.97 30.41
N ASP F 60 39.33 51.16 29.84
CA ASP F 60 40.38 52.15 29.67
C ASP F 60 41.00 52.54 31.02
N HIS F 61 40.14 52.81 32.00
CA HIS F 61 40.60 53.22 33.33
C HIS F 61 41.29 52.06 34.05
N PHE F 62 40.90 50.82 33.76
CA PHE F 62 41.58 49.67 34.33
C PHE F 62 42.99 49.51 33.77
N ARG F 63 43.10 49.34 32.44
CA ARG F 63 44.41 49.04 31.89
C ARG F 63 45.34 50.24 31.86
N ARG F 64 44.82 51.45 31.98
CA ARG F 64 45.68 52.63 31.99
C ARG F 64 46.48 52.71 33.29
N LYS F 65 45.86 52.37 34.42
CA LYS F 65 46.54 52.38 35.70
C LYS F 65 47.05 51.00 36.10
N GLY F 66 47.03 50.04 35.19
CA GLY F 66 47.61 48.72 35.42
C GLY F 66 46.90 47.88 36.48
N ILE F 67 45.58 47.95 36.54
CA ILE F 67 44.81 47.23 37.54
C ILE F 67 43.89 46.25 36.84
N ASN F 68 43.68 45.09 37.48
CA ASN F 68 42.66 44.10 37.11
C ASN F 68 42.88 43.58 35.69
N GLN F 69 44.05 42.98 35.49
CA GLN F 69 44.34 42.38 34.19
C GLN F 69 43.48 41.14 33.95
N HIS F 70 43.12 40.45 35.03
CA HIS F 70 42.18 39.33 34.94
C HIS F 70 40.80 39.81 34.47
N VAL F 71 40.34 40.95 35.01
CA VAL F 71 39.06 41.50 34.60
C VAL F 71 39.13 42.01 33.17
N GLN F 72 40.26 42.62 32.78
CA GLN F 72 40.44 43.10 31.42
C GLN F 72 40.43 41.95 30.42
N ASN F 73 41.05 40.82 30.77
CA ASN F 73 40.92 39.61 29.98
C ASN F 73 39.55 38.95 30.12
N GLY F 74 38.75 39.37 31.10
CA GLY F 74 37.45 38.77 31.31
C GLY F 74 36.32 39.31 30.45
N TYR F 75 36.52 40.46 29.79
CA TYR F 75 35.49 41.06 28.97
C TYR F 75 35.80 40.80 27.50
N HIS F 76 34.79 40.35 26.75
CA HIS F 76 34.97 39.99 25.35
C HIS F 76 34.03 40.71 24.40
N GLY F 77 33.21 41.64 24.88
CA GLY F 77 32.38 42.44 24.00
C GLY F 77 30.95 41.95 23.95
N ILE F 78 30.20 42.55 23.01
CA ILE F 78 28.78 42.27 22.87
C ILE F 78 28.57 41.05 21.99
N VAL F 79 27.34 40.53 21.98
CA VAL F 79 27.03 39.33 21.19
C VAL F 79 27.09 39.66 19.70
N MET F 80 26.56 40.83 19.32
CA MET F 80 26.42 41.21 17.91
C MET F 80 27.77 41.29 17.19
N ASN F 81 28.84 41.60 17.92
CA ASN F 81 30.17 41.70 17.35
C ASN F 81 30.98 40.42 17.53
N ASN F 82 30.35 39.31 17.93
CA ASN F 82 31.05 38.04 18.11
C ASN F 82 30.53 36.95 17.18
N PHE F 83 29.76 37.30 16.15
CA PHE F 83 29.40 36.33 15.13
C PHE F 83 29.10 37.05 13.83
N GLU F 84 28.92 36.26 12.78
CA GLU F 84 28.36 36.70 11.52
C GLU F 84 27.74 35.50 10.84
N CYS F 85 26.58 35.69 10.24
CA CYS F 85 25.89 34.64 9.50
C CYS F 85 25.66 35.12 8.07
N GLU F 86 25.13 34.23 7.24
CA GLU F 86 24.76 34.58 5.88
C GLU F 86 23.61 35.59 5.93
N PRO F 87 23.56 36.53 4.97
CA PRO F 87 22.63 37.67 5.11
C PRO F 87 21.15 37.29 5.11
N ALA F 88 20.78 36.18 4.46
CA ALA F 88 19.37 35.77 4.42
C ALA F 88 18.81 35.45 5.80
N PHE F 89 19.67 35.13 6.76
CA PHE F 89 19.24 34.85 8.13
C PHE F 89 19.10 36.11 8.97
N TYR F 90 19.58 37.27 8.47
CA TYR F 90 19.75 38.47 9.30
C TYR F 90 18.47 38.91 9.99
N THR F 91 17.33 38.73 9.32
CA THR F 91 16.05 39.01 9.97
C THR F 91 15.78 38.02 11.10
N CYS F 92 15.74 36.72 10.77
CA CYS F 92 15.23 35.72 11.70
C CYS F 92 16.13 35.54 12.92
N VAL F 93 17.41 35.90 12.82
CA VAL F 93 18.28 35.90 13.98
C VAL F 93 17.94 37.06 14.91
N GLU F 94 17.75 38.26 14.34
CA GLU F 94 17.64 39.48 15.15
C GLU F 94 16.42 39.44 16.06
N VAL F 95 15.24 39.21 15.49
CA VAL F 95 14.03 39.08 16.29
C VAL F 95 14.08 37.87 17.21
N THR F 96 14.96 36.91 16.93
CA THR F 96 15.13 35.80 17.87
C THR F 96 15.80 36.26 19.16
N ALA F 97 16.77 37.16 19.07
CA ALA F 97 17.51 37.57 20.27
C ALA F 97 17.16 38.96 20.75
N GLY F 98 16.89 39.89 19.83
CA GLY F 98 16.44 41.22 20.22
C GLY F 98 17.50 41.98 20.99
N ASN F 99 17.13 42.39 22.21
CA ASN F 99 18.08 43.08 23.08
C ASN F 99 19.22 42.18 23.54
N ARG F 100 19.09 40.86 23.36
CA ARG F 100 20.21 39.95 23.61
C ARG F 100 21.35 40.14 22.61
N LEU F 101 21.11 40.82 21.49
CA LEU F 101 22.24 41.28 20.67
C LEU F 101 23.18 42.21 21.43
N PHE F 102 22.69 42.88 22.48
CA PHE F 102 23.50 43.87 23.19
C PHE F 102 23.82 43.44 24.62
N TYR F 103 23.84 42.13 24.86
CA TYR F 103 24.35 41.61 26.12
C TYR F 103 25.88 41.49 26.03
N HIS F 104 26.54 41.61 27.17
CA HIS F 104 28.00 41.63 27.23
C HIS F 104 28.50 40.27 27.70
N ILE F 105 29.26 39.59 26.85
CA ILE F 105 29.78 38.25 27.17
C ILE F 105 31.01 38.41 28.06
N VAL F 106 30.97 37.79 29.24
CA VAL F 106 32.12 37.77 30.14
C VAL F 106 32.33 36.37 30.68
N ASP F 107 33.55 36.13 31.17
CA ASP F 107 33.93 34.80 31.64
C ASP F 107 33.29 34.45 32.97
N SER F 108 33.29 35.36 33.93
CA SER F 108 32.94 35.04 35.31
C SER F 108 31.95 36.05 35.87
N ASP F 109 31.59 35.82 37.13
CA ASP F 109 30.81 36.80 37.91
C ASP F 109 31.71 37.88 38.49
N GLU F 110 32.97 37.54 38.77
CA GLU F 110 33.93 38.48 39.37
C GLU F 110 34.17 39.67 38.46
N VAL F 111 34.40 39.41 37.17
CA VAL F 111 34.62 40.48 36.20
C VAL F 111 33.41 41.40 36.13
N SER F 112 32.20 40.83 36.14
CA SER F 112 30.98 41.64 36.11
C SER F 112 30.89 42.53 37.34
N THR F 113 31.14 41.96 38.52
CA THR F 113 31.03 42.74 39.76
C THR F 113 32.06 43.87 39.80
N LYS F 114 33.27 43.63 39.27
CA LYS F 114 34.29 44.67 39.30
C LYS F 114 33.99 45.79 38.29
N ILE F 115 33.53 45.43 37.09
CA ILE F 115 33.09 46.45 36.13
C ILE F 115 31.94 47.26 36.71
N LEU F 116 31.05 46.65 37.48
CA LEU F 116 29.96 47.45 38.03
C LEU F 116 30.38 48.32 39.21
N MET F 117 31.32 47.87 40.03
CA MET F 117 31.90 48.74 41.05
C MET F 117 32.51 49.99 40.42
N GLU F 118 33.32 49.80 39.37
CA GLU F 118 33.90 50.97 38.71
C GLU F 118 32.86 51.76 37.92
N PHE F 119 31.77 51.09 37.51
CA PHE F 119 30.71 51.73 36.73
C PHE F 119 29.96 52.74 37.57
N ASN F 120 29.45 52.33 38.73
CA ASN F 120 28.71 53.26 39.58
C ASN F 120 29.60 54.00 40.57
N LYS F 121 30.90 53.71 40.61
CA LYS F 121 31.80 54.55 41.39
C LYS F 121 31.95 55.92 40.75
N MET F 122 32.31 55.96 39.46
CA MET F 122 32.41 57.20 38.72
C MET F 122 31.09 57.63 38.10
N ASN F 123 29.99 56.94 38.42
CA ASN F 123 28.61 57.29 38.03
C ASN F 123 28.45 57.39 36.51
N LEU F 124 28.38 56.27 35.84
CA LEU F 124 28.27 56.26 34.40
C LEU F 124 26.84 55.92 33.97
N PRO F 125 26.36 56.43 32.83
CA PRO F 125 24.90 56.49 32.62
C PRO F 125 24.22 55.24 32.06
N GLY F 126 24.96 54.41 31.31
CA GLY F 126 24.32 53.51 30.37
C GLY F 126 23.61 52.31 30.98
N GLU F 127 22.91 51.59 30.09
CA GLU F 127 22.24 50.34 30.40
C GLU F 127 23.08 49.20 29.84
N VAL F 128 23.43 48.25 30.71
CA VAL F 128 24.23 47.10 30.31
C VAL F 128 23.70 45.87 31.02
N THR F 129 23.65 44.75 30.29
CA THR F 129 23.27 43.46 30.84
C THR F 129 24.37 42.46 30.53
N PHE F 130 24.72 41.64 31.51
CA PHE F 130 25.88 40.76 31.44
C PHE F 130 25.46 39.30 31.26
N LEU F 131 26.24 38.58 30.46
CA LEU F 131 26.13 37.13 30.30
C LEU F 131 27.43 36.53 30.79
N PRO F 132 27.49 36.06 32.04
CA PRO F 132 28.70 35.38 32.51
C PRO F 132 28.73 33.91 32.10
N LEU F 133 29.85 33.48 31.49
CA LEU F 133 29.94 32.11 30.99
C LEU F 133 29.96 31.08 32.10
N ASN F 134 30.54 31.42 33.25
CA ASN F 134 30.71 30.45 34.33
C ASN F 134 29.40 30.11 35.03
N LYS F 135 28.35 30.92 34.85
CA LYS F 135 27.08 30.72 35.54
C LYS F 135 25.96 30.37 34.56
N LEU F 136 26.31 29.76 33.43
CA LEU F 136 25.35 29.37 32.41
C LEU F 136 25.23 27.85 32.42
N ASP F 137 24.17 27.35 33.06
CA ASP F 137 23.90 25.92 33.07
C ASP F 137 23.43 25.49 31.69
N VAL F 138 24.27 24.75 30.98
CA VAL F 138 24.00 24.37 29.59
C VAL F 138 23.46 22.95 29.57
N ARG F 139 22.19 22.80 29.20
CA ARG F 139 21.60 21.50 28.96
C ARG F 139 21.62 21.20 27.46
N ASP F 140 22.07 20.00 27.12
CA ASP F 140 22.05 19.56 25.73
C ASP F 140 20.61 19.39 25.26
N THR F 141 20.38 19.65 23.98
CA THR F 141 19.06 19.54 23.39
C THR F 141 19.13 18.73 22.10
N ALA F 142 18.00 18.13 21.73
CA ALA F 142 17.91 17.26 20.57
C ALA F 142 17.02 17.93 19.53
N TYR F 143 17.61 18.30 18.40
CA TYR F 143 16.99 18.94 17.25
C TYR F 143 16.46 17.88 16.28
N PRO F 144 15.53 18.23 15.39
CA PRO F 144 15.13 17.27 14.36
C PRO F 144 16.04 17.31 13.14
N GLU F 145 16.17 16.15 12.51
CA GLU F 145 16.93 16.04 11.26
C GLU F 145 16.04 16.17 10.04
N THR F 146 15.22 17.21 10.01
CA THR F 146 14.33 17.48 8.90
C THR F 146 15.01 18.34 7.85
N ASN F 147 14.42 18.33 6.65
CA ASN F 147 14.89 19.21 5.59
C ASN F 147 14.35 20.62 5.76
N ASP F 148 13.22 20.78 6.43
CA ASP F 148 12.49 22.03 6.47
C ASP F 148 12.68 22.81 7.76
N ALA F 149 13.47 22.31 8.71
CA ALA F 149 13.80 23.07 9.90
C ALA F 149 15.24 22.78 10.30
N ILE F 150 16.00 23.86 10.49
CA ILE F 150 17.41 23.78 10.86
C ILE F 150 17.56 24.41 12.25
N PRO F 151 18.41 23.89 13.12
CA PRO F 151 18.75 24.65 14.34
C PRO F 151 19.47 25.94 13.97
N MET F 152 19.06 27.03 14.60
CA MET F 152 19.58 28.35 14.25
C MET F 152 21.07 28.48 14.57
N ILE F 153 21.52 27.86 15.66
CA ILE F 153 22.92 27.94 16.03
C ILE F 153 23.83 27.18 15.06
N SER F 154 23.26 26.33 14.19
CA SER F 154 24.04 25.71 13.14
C SER F 154 24.39 26.70 12.03
N LYS F 155 23.64 27.81 11.93
CA LYS F 155 23.88 28.81 10.90
C LYS F 155 24.61 30.04 11.42
N LEU F 156 25.23 29.94 12.58
CA LEU F 156 25.94 31.05 13.22
C LEU F 156 27.42 30.69 13.31
N ARG F 157 28.26 31.53 12.71
CA ARG F 157 29.71 31.36 12.76
C ARG F 157 30.25 32.17 13.93
N TYR F 158 30.69 31.48 14.99
CA TYR F 158 31.13 32.15 16.20
C TYR F 158 32.32 31.41 16.80
N ASN F 159 33.04 32.09 17.68
CA ASN F 159 34.20 31.52 18.34
C ASN F 159 33.74 30.48 19.35
N PRO F 160 34.32 29.27 19.33
CA PRO F 160 33.83 28.20 20.23
C PRO F 160 34.02 28.49 21.71
N ARG F 161 34.93 29.41 22.08
CA ARG F 161 35.17 29.73 23.48
C ARG F 161 33.94 30.32 24.15
N PHE F 162 33.04 30.94 23.37
CA PHE F 162 31.79 31.49 23.89
C PHE F 162 30.61 30.57 23.61
N ASP F 163 30.87 29.28 23.37
CA ASP F 163 29.85 28.35 22.88
C ASP F 163 28.66 28.22 23.82
N LYS F 164 28.87 28.46 25.12
CA LYS F 164 27.74 28.38 26.05
C LYS F 164 26.81 29.57 25.87
N ALA F 165 27.36 30.78 25.71
CA ALA F 165 26.56 32.01 25.68
C ALA F 165 25.55 31.97 24.54
N PHE F 166 26.03 31.59 23.34
CA PHE F 166 25.15 31.50 22.19
C PHE F 166 24.07 30.45 22.41
N LYS F 167 24.44 29.32 23.05
CA LYS F 167 23.45 28.30 23.38
C LYS F 167 22.42 28.79 24.38
N HIS F 168 22.75 29.79 25.19
CA HIS F 168 21.77 30.33 26.11
C HIS F 168 20.78 31.24 25.40
N VAL F 169 21.13 31.77 24.24
CA VAL F 169 20.31 32.76 23.55
C VAL F 169 19.65 32.16 22.31
N PHE F 170 20.39 31.42 21.50
CA PHE F 170 19.89 30.91 20.24
C PHE F 170 19.73 29.39 20.22
N GLY F 171 20.14 28.69 21.28
CA GLY F 171 20.19 27.25 21.26
C GLY F 171 18.85 26.54 21.30
N LYS F 172 17.75 27.27 21.50
CA LYS F 172 16.44 26.67 21.62
C LYS F 172 15.51 26.94 20.44
N THR F 173 15.93 27.77 19.49
CA THR F 173 15.04 28.20 18.41
C THR F 173 15.41 27.56 17.09
N LEU F 174 14.38 27.16 16.34
CA LEU F 174 14.51 26.49 15.05
C LEU F 174 14.08 27.40 13.92
N ILE F 175 14.75 27.30 12.78
CA ILE F 175 14.38 28.02 11.57
C ILE F 175 13.59 27.06 10.69
N CYS F 176 12.33 27.39 10.43
CA CYS F 176 11.43 26.51 9.72
C CYS F 176 11.03 27.09 8.37
N ARG F 177 10.50 26.21 7.50
CA ARG F 177 10.16 26.60 6.14
C ARG F 177 8.88 27.44 6.10
N SER F 178 7.92 27.14 6.96
CA SER F 178 6.64 27.84 6.96
C SER F 178 6.07 27.80 8.37
N MET F 179 4.92 28.46 8.55
CA MET F 179 4.35 28.55 9.89
C MET F 179 3.58 27.29 10.29
N GLU F 180 2.99 26.58 9.31
CA GLU F 180 2.37 25.30 9.61
C GLU F 180 3.42 24.31 10.12
N VAL F 181 4.54 24.23 9.39
CA VAL F 181 5.70 23.45 9.83
C VAL F 181 6.21 23.97 11.16
N SER F 182 6.12 25.29 11.37
CA SER F 182 6.63 25.89 12.59
C SER F 182 5.84 25.44 13.82
N THR F 183 4.50 25.50 13.76
CA THR F 183 3.73 25.07 14.91
C THR F 183 3.79 23.56 15.10
N GLN F 184 3.91 22.80 13.99
CA GLN F 184 4.13 21.36 14.09
C GLN F 184 5.37 21.03 14.90
N LEU F 185 6.53 21.53 14.46
CA LEU F 185 7.78 21.23 15.14
C LEU F 185 7.86 21.87 16.51
N ALA F 186 7.17 23.00 16.72
CA ALA F 186 7.23 23.68 18.01
C ALA F 186 6.45 22.92 19.07
N ARG F 187 5.30 22.36 18.71
CA ARG F 187 4.58 21.57 19.70
C ARG F 187 5.15 20.16 19.82
N ALA F 188 5.80 19.67 18.77
CA ALA F 188 6.40 18.33 18.86
C ALA F 188 7.65 18.35 19.72
N PHE F 189 8.45 19.41 19.64
CA PHE F 189 9.77 19.42 20.25
C PHE F 189 9.91 20.39 21.41
N THR F 190 8.88 21.20 21.69
CA THR F 190 8.91 22.28 22.68
C THR F 190 10.11 23.20 22.46
N MET F 191 10.19 23.72 21.25
CA MET F 191 11.19 24.68 20.86
C MET F 191 10.49 25.89 20.26
N ASP F 192 11.07 27.06 20.51
CA ASP F 192 10.68 28.22 19.74
C ASP F 192 11.03 27.99 18.28
N CYS F 193 10.18 28.46 17.38
CA CYS F 193 10.45 28.35 15.95
C CYS F 193 10.15 29.67 15.29
N ILE F 194 10.75 29.88 14.12
CA ILE F 194 10.70 31.14 13.42
C ILE F 194 11.12 30.94 11.97
N THR F 195 10.35 31.48 11.03
CA THR F 195 10.72 31.35 9.63
C THR F 195 11.76 32.41 9.27
N LEU F 196 12.22 32.38 8.01
CA LEU F 196 13.18 33.37 7.53
C LEU F 196 12.59 34.77 7.47
N GLU F 197 11.26 34.89 7.40
CA GLU F 197 10.59 36.18 7.34
C GLU F 197 10.20 36.71 8.72
N GLY F 198 10.62 36.04 9.79
CA GLY F 198 10.48 36.57 11.14
C GLY F 198 9.24 36.13 11.90
N ASP F 199 8.34 35.37 11.28
CA ASP F 199 7.14 34.93 11.96
C ASP F 199 7.46 33.79 12.91
N GLN F 200 7.06 33.93 14.17
CA GLN F 200 7.46 32.99 15.22
C GLN F 200 6.27 32.24 15.80
N VAL F 201 6.58 31.09 16.40
CA VAL F 201 5.65 30.35 17.25
C VAL F 201 6.40 29.98 18.53
N SER F 202 5.77 30.23 19.67
CA SER F 202 6.43 29.93 20.94
C SER F 202 6.36 28.45 21.25
N HIS F 203 7.21 28.02 22.18
CA HIS F 203 7.11 26.66 22.70
C HIS F 203 5.84 26.48 23.54
N ARG F 204 5.28 27.57 24.04
CA ARG F 204 4.00 27.55 24.75
C ARG F 204 2.81 27.75 23.84
N GLY F 205 3.03 28.07 22.57
CA GLY F 205 1.95 28.22 21.62
C GLY F 205 1.61 29.64 21.21
N ALA F 206 2.45 30.62 21.56
CA ALA F 206 2.19 32.01 21.20
C ALA F 206 2.66 32.28 19.78
N LEU F 207 1.76 32.78 18.94
CA LEU F 207 2.03 33.06 17.54
C LEU F 207 2.28 34.55 17.37
N THR F 208 3.46 34.90 16.83
CA THR F 208 3.84 36.30 16.66
C THR F 208 4.44 36.46 15.27
N GLY F 209 3.79 37.27 14.44
CA GLY F 209 4.28 37.53 13.11
C GLY F 209 3.86 38.89 12.59
N GLY F 210 4.19 39.18 11.35
CA GLY F 210 3.88 40.46 10.75
C GLY F 210 4.91 40.82 9.70
N TYR F 211 5.01 42.11 9.42
CA TYR F 211 5.97 42.62 8.44
C TYR F 211 7.18 43.16 9.16
N TYR F 212 8.31 42.48 9.02
CA TYR F 212 9.60 42.98 9.47
C TYR F 212 10.36 43.52 8.27
N ASP F 213 10.91 44.72 8.42
CA ASP F 213 11.65 45.38 7.37
C ASP F 213 13.13 45.02 7.46
N THR F 214 13.79 44.99 6.30
CA THR F 214 15.23 44.75 6.22
C THR F 214 16.02 46.06 6.23
N ARG F 215 15.36 47.20 6.03
CA ARG F 215 16.05 48.48 6.08
C ARG F 215 16.54 48.82 7.47
N LYS F 216 15.90 48.28 8.51
CA LYS F 216 16.29 48.55 9.90
C LYS F 216 16.80 47.30 10.62
N SER F 217 17.08 46.22 9.89
CA SER F 217 17.75 45.07 10.48
C SER F 217 19.18 45.46 10.86
N ARG F 218 19.49 45.34 12.15
CA ARG F 218 20.74 45.89 12.68
C ARG F 218 21.96 45.17 12.13
N LEU F 219 21.84 43.86 11.87
CA LEU F 219 22.95 43.11 11.29
C LEU F 219 23.19 43.52 9.85
N GLU F 220 22.14 43.90 9.11
CA GLU F 220 22.35 44.38 7.74
C GLU F 220 23.02 45.76 7.75
N LEU F 221 22.67 46.61 8.72
CA LEU F 221 23.37 47.88 8.86
C LEU F 221 24.84 47.66 9.22
N GLN F 222 25.10 46.64 10.05
CA GLN F 222 26.47 46.26 10.37
C GLN F 222 27.23 45.78 9.13
N LYS F 223 26.56 45.01 8.28
CA LYS F 223 27.17 44.54 7.03
C LYS F 223 27.47 45.72 6.10
N ASP F 224 26.53 46.68 6.02
CA ASP F 224 26.77 47.88 5.21
C ASP F 224 27.97 48.66 5.71
N VAL F 225 28.06 48.82 7.04
CA VAL F 225 29.18 49.55 7.63
C VAL F 225 30.50 48.84 7.36
N ARG F 226 30.53 47.51 7.51
CA ARG F 226 31.76 46.75 7.29
C ARG F 226 32.20 46.79 5.84
N LYS F 227 31.26 46.67 4.89
CA LYS F 227 31.64 46.67 3.48
C LYS F 227 32.09 48.06 3.04
N ALA F 228 31.43 49.11 3.55
CA ALA F 228 31.88 50.47 3.26
C ALA F 228 33.26 50.74 3.85
N GLU F 229 33.53 50.19 5.03
CA GLU F 229 34.86 50.31 5.63
C GLU F 229 35.92 49.60 4.81
N GLU F 230 35.57 48.43 4.24
CA GLU F 230 36.53 47.70 3.41
C GLU F 230 36.85 48.47 2.13
N GLU F 231 35.82 49.01 1.47
CA GLU F 231 36.07 49.80 0.27
C GLU F 231 36.84 51.08 0.59
N LEU F 232 36.55 51.69 1.74
CA LEU F 232 37.28 52.89 2.17
C LEU F 232 38.74 52.56 2.43
N GLY F 233 39.02 51.40 3.02
CA GLY F 233 40.40 51.00 3.25
C GLY F 233 41.15 50.72 1.96
N GLU F 234 40.48 50.09 1.00
CA GLU F 234 41.10 49.88 -0.33
C GLU F 234 41.43 51.21 -0.99
N LEU F 235 40.48 52.16 -0.96
CA LEU F 235 40.71 53.47 -1.58
C LEU F 235 41.84 54.22 -0.87
N GLU F 236 41.90 54.15 0.46
CA GLU F 236 42.94 54.84 1.20
C GLU F 236 44.31 54.26 0.92
N ALA F 237 44.42 52.93 0.88
CA ALA F 237 45.70 52.30 0.56
C ALA F 237 46.15 52.63 -0.86
N LYS F 238 45.20 52.66 -1.80
CA LYS F 238 45.56 52.98 -3.19
C LYS F 238 45.99 54.43 -3.34
N LEU F 239 45.29 55.37 -2.69
CA LEU F 239 45.68 56.78 -2.81
C LEU F 239 46.99 57.05 -2.09
N ASN F 240 47.20 56.40 -0.93
CA ASN F 240 48.47 56.58 -0.21
C ASN F 240 49.64 56.01 -1.00
N GLU F 241 49.43 54.89 -1.70
CA GLU F 241 50.49 54.35 -2.55
C GLU F 241 50.74 55.25 -3.76
N ASN F 242 49.70 55.83 -4.33
CA ASN F 242 49.89 56.78 -5.44
C ASN F 242 50.57 58.06 -4.98
N LEU F 243 50.38 58.44 -3.71
CA LEU F 243 51.06 59.62 -3.19
C LEU F 243 52.52 59.31 -2.87
N ARG F 244 52.81 58.10 -2.40
CA ARG F 244 54.20 57.71 -2.17
C ARG F 244 54.96 57.56 -3.49
N ARG F 245 54.29 57.04 -4.52
CA ARG F 245 54.90 56.91 -5.85
C ARG F 245 55.03 58.26 -6.57
N ASN F 246 54.51 59.33 -5.99
CA ASN F 246 54.63 60.67 -6.54
C ASN F 246 55.82 61.44 -5.97
N ILE F 247 56.47 60.89 -4.94
CA ILE F 247 57.51 61.56 -4.13
C ILE F 247 56.97 62.85 -3.56
N SER G 25 -27.21 -13.44 52.28
CA SER G 25 -27.00 -14.89 52.37
C SER G 25 -25.84 -15.32 51.49
N SER G 26 -26.03 -16.43 50.76
CA SER G 26 -24.97 -16.96 49.92
C SER G 26 -24.69 -16.05 48.73
N ARG G 27 -25.75 -15.44 48.16
CA ARG G 27 -25.57 -14.54 47.03
C ARG G 27 -24.82 -13.28 47.44
N GLN G 28 -25.11 -12.74 48.63
CA GLN G 28 -24.42 -11.55 49.11
C GLN G 28 -22.95 -11.85 49.40
N GLN G 29 -22.68 -13.02 49.99
CA GLN G 29 -21.31 -13.44 50.25
C GLN G 29 -20.52 -13.62 48.96
N ARG G 30 -21.15 -14.25 47.96
CA ARG G 30 -20.47 -14.45 46.68
C ARG G 30 -20.26 -13.13 45.94
N LYS G 31 -21.23 -12.21 46.07
CA LYS G 31 -21.08 -10.87 45.48
C LYS G 31 -19.89 -10.13 46.08
N ALA G 32 -19.82 -10.07 47.41
CA ALA G 32 -18.70 -9.39 48.06
C ALA G 32 -17.37 -10.10 47.83
N GLU G 33 -17.39 -11.42 47.70
CA GLU G 33 -16.16 -12.17 47.48
C GLU G 33 -15.61 -11.94 46.07
N ILE G 34 -16.49 -12.01 45.05
CA ILE G 34 -16.10 -11.70 43.69
C ILE G 34 -15.70 -10.23 43.56
N MET G 35 -16.35 -9.36 44.33
CA MET G 35 -15.99 -7.94 44.39
C MET G 35 -14.56 -7.74 44.87
N GLU G 36 -14.20 -8.36 46.01
CA GLU G 36 -12.84 -8.26 46.50
C GLU G 36 -11.84 -8.97 45.58
N SER G 37 -12.31 -9.99 44.85
CA SER G 37 -11.44 -10.67 43.89
C SER G 37 -11.06 -9.75 42.74
N ILE G 38 -12.04 -9.06 42.15
CA ILE G 38 -11.72 -8.12 41.07
C ILE G 38 -11.03 -6.88 41.62
N LYS G 39 -11.18 -6.58 42.92
CA LYS G 39 -10.41 -5.49 43.50
C LYS G 39 -8.95 -5.88 43.66
N ARG G 40 -8.68 -7.16 43.93
CA ARG G 40 -7.30 -7.62 44.02
C ARG G 40 -6.66 -7.83 42.64
N LEU G 41 -7.46 -8.20 41.64
CA LEU G 41 -6.92 -8.47 40.32
C LEU G 41 -6.52 -7.19 39.59
N TYR G 42 -7.43 -6.22 39.53
CA TYR G 42 -7.18 -4.93 38.88
C TYR G 42 -7.29 -3.85 39.97
N PRO G 43 -6.22 -3.61 40.73
CA PRO G 43 -6.33 -2.75 41.91
C PRO G 43 -6.40 -1.25 41.61
N GLY G 44 -5.71 -0.80 40.57
CA GLY G 44 -5.74 0.58 40.17
C GLY G 44 -6.88 0.97 39.27
N SER G 45 -7.85 0.09 39.06
CA SER G 45 -8.92 0.36 38.10
C SER G 45 -10.31 -0.09 38.54
N VAL G 46 -10.44 -0.78 39.67
CA VAL G 46 -11.75 -1.14 40.22
C VAL G 46 -11.96 -0.26 41.43
N TYR G 47 -12.75 0.80 41.26
CA TYR G 47 -12.95 1.78 42.33
C TYR G 47 -13.96 1.30 43.37
N GLY G 48 -14.87 0.41 43.00
CA GLY G 48 -15.87 -0.11 43.91
C GLY G 48 -17.28 0.17 43.43
N ARG G 49 -18.24 -0.33 44.21
CA ARG G 49 -19.63 -0.01 43.91
C ARG G 49 -19.99 1.35 44.50
N LEU G 50 -21.14 1.87 44.07
CA LEU G 50 -21.40 3.30 44.19
C LEU G 50 -21.75 3.71 45.61
N ILE G 51 -22.29 2.81 46.43
CA ILE G 51 -22.72 3.20 47.76
C ILE G 51 -21.53 3.44 48.69
N ASP G 52 -20.42 2.74 48.48
CA ASP G 52 -19.24 2.95 49.30
C ASP G 52 -18.44 4.16 48.90
N LEU G 53 -18.68 4.70 47.70
CA LEU G 53 -17.98 5.89 47.23
C LEU G 53 -18.73 7.19 47.47
N CYS G 54 -19.98 7.13 47.95
CA CYS G 54 -20.83 8.31 48.00
C CYS G 54 -21.71 8.27 49.24
N GLN G 55 -22.29 9.44 49.56
CA GLN G 55 -23.15 9.60 50.73
C GLN G 55 -23.93 10.90 50.61
N PRO G 56 -25.20 10.93 50.99
CA PRO G 56 -25.93 12.21 51.04
C PRO G 56 -25.43 13.10 52.17
N THR G 57 -25.68 14.40 52.05
CA THR G 57 -25.21 15.36 53.05
C THR G 57 -25.93 15.16 54.38
N GLN G 58 -27.25 15.04 54.35
CA GLN G 58 -28.04 14.93 55.56
C GLN G 58 -28.58 13.50 55.69
N LYS G 59 -29.64 13.35 56.49
CA LYS G 59 -30.33 12.07 56.66
C LYS G 59 -31.68 12.04 55.95
N LYS G 60 -32.29 13.21 55.75
CA LYS G 60 -33.61 13.28 55.10
C LYS G 60 -33.56 12.79 53.66
N TYR G 61 -32.51 13.16 52.93
CA TYR G 61 -32.39 12.85 51.51
C TYR G 61 -32.05 11.38 51.24
N GLN G 62 -31.84 10.58 52.29
CA GLN G 62 -31.50 9.16 52.15
C GLN G 62 -32.53 8.40 51.31
N ILE G 63 -33.81 8.75 51.47
CA ILE G 63 -34.84 8.18 50.61
C ILE G 63 -34.65 8.64 49.18
N ALA G 64 -34.57 9.96 48.98
CA ALA G 64 -34.69 10.55 47.64
C ALA G 64 -33.55 10.12 46.74
N VAL G 65 -32.32 10.21 47.25
CA VAL G 65 -31.13 9.74 46.54
C VAL G 65 -31.29 8.30 46.09
N THR G 66 -31.87 7.46 46.96
CA THR G 66 -32.13 6.06 46.61
C THR G 66 -32.99 5.95 45.36
N LYS G 67 -34.09 6.71 45.33
CA LYS G 67 -35.00 6.66 44.18
C LYS G 67 -34.34 7.18 42.91
N VAL G 68 -33.29 8.00 43.05
CA VAL G 68 -32.60 8.47 41.85
C VAL G 68 -31.59 7.42 41.37
N LEU G 69 -31.02 6.63 42.29
CA LEU G 69 -29.93 5.75 41.88
C LEU G 69 -30.43 4.38 41.42
N GLY G 70 -31.28 3.74 42.22
CA GLY G 70 -31.85 2.46 41.84
C GLY G 70 -30.79 1.39 41.75
N LYS G 71 -30.78 0.68 40.61
CA LYS G 71 -29.76 -0.33 40.36
C LYS G 71 -28.36 0.28 40.34
N ASN G 72 -28.26 1.58 40.03
CA ASN G 72 -26.99 2.29 40.05
C ASN G 72 -26.38 2.33 41.44
N MET G 73 -27.16 2.07 42.50
CA MET G 73 -26.57 1.96 43.83
C MET G 73 -25.63 0.76 43.93
N ASP G 74 -25.94 -0.32 43.21
CA ASP G 74 -25.09 -1.50 43.21
C ASP G 74 -24.19 -1.58 42.00
N ALA G 75 -24.15 -0.52 41.19
CA ALA G 75 -23.30 -0.50 40.00
C ALA G 75 -21.85 -0.26 40.40
N ILE G 76 -20.97 -1.20 40.07
CA ILE G 76 -19.56 -1.08 40.39
C ILE G 76 -18.91 -0.10 39.42
N ILE G 77 -18.19 0.88 39.95
CA ILE G 77 -17.55 1.90 39.13
C ILE G 77 -16.13 1.45 38.84
N VAL G 78 -15.80 1.32 37.55
CA VAL G 78 -14.47 0.91 37.14
C VAL G 78 -13.79 2.07 36.42
N ASP G 79 -12.54 1.86 36.00
CA ASP G 79 -11.78 2.89 35.28
C ASP G 79 -11.92 2.76 33.77
N SER G 80 -11.66 1.58 33.22
CA SER G 80 -11.61 1.37 31.79
C SER G 80 -12.78 0.52 31.32
N GLU G 81 -13.14 0.72 30.05
CA GLU G 81 -13.98 -0.25 29.34
C GLU G 81 -13.34 -1.63 29.32
N LYS G 82 -12.02 -1.66 29.08
CA LYS G 82 -11.26 -2.91 29.08
C LYS G 82 -11.37 -3.64 30.40
N THR G 83 -11.14 -2.92 31.51
CA THR G 83 -11.28 -3.51 32.83
C THR G 83 -12.73 -3.92 33.11
N GLY G 84 -13.69 -3.18 32.55
CA GLY G 84 -15.08 -3.54 32.72
C GLY G 84 -15.43 -4.88 32.12
N ARG G 85 -15.08 -5.09 30.85
CA ARG G 85 -15.40 -6.37 30.25
C ARG G 85 -14.50 -7.50 30.74
N ASP G 86 -13.28 -7.20 31.21
CA ASP G 86 -12.48 -8.23 31.84
C ASP G 86 -13.09 -8.69 33.16
N CYS G 87 -13.65 -7.75 33.94
CA CYS G 87 -14.34 -8.14 35.16
C CYS G 87 -15.64 -8.88 34.86
N ILE G 88 -16.34 -8.50 33.78
CA ILE G 88 -17.51 -9.24 33.33
C ILE G 88 -17.14 -10.68 33.00
N GLN G 89 -16.03 -10.87 32.29
CA GLN G 89 -15.63 -12.23 31.94
C GLN G 89 -15.13 -13.01 33.15
N TYR G 90 -14.56 -12.32 34.15
CA TYR G 90 -14.21 -13.02 35.39
C TYR G 90 -15.46 -13.49 36.14
N ILE G 91 -16.50 -12.65 36.17
CA ILE G 91 -17.76 -13.05 36.78
C ILE G 91 -18.35 -14.24 36.03
N LYS G 92 -18.22 -14.25 34.70
CA LYS G 92 -18.67 -15.39 33.91
C LYS G 92 -17.85 -16.64 34.20
N GLU G 93 -16.56 -16.48 34.50
CA GLU G 93 -15.72 -17.61 34.88
C GLU G 93 -16.22 -18.25 36.18
N GLN G 94 -16.39 -17.44 37.22
CA GLN G 94 -16.73 -17.95 38.55
C GLN G 94 -18.21 -18.29 38.71
N ARG G 95 -19.01 -18.09 37.66
CA ARG G 95 -20.45 -18.39 37.65
C ARG G 95 -21.18 -17.66 38.78
N GLY G 96 -20.97 -16.35 38.85
CA GLY G 96 -21.55 -15.51 39.88
C GLY G 96 -22.65 -14.60 39.35
N GLU G 97 -23.14 -13.76 40.26
CA GLU G 97 -24.26 -12.88 39.94
C GLU G 97 -23.82 -11.81 38.94
N PRO G 98 -24.52 -11.64 37.82
CA PRO G 98 -24.18 -10.57 36.87
C PRO G 98 -24.50 -9.20 37.46
N GLU G 99 -23.51 -8.31 37.41
CA GLU G 99 -23.65 -6.96 37.94
C GLU G 99 -23.41 -5.94 36.83
N THR G 100 -23.51 -4.67 37.19
CA THR G 100 -23.45 -3.56 36.26
C THR G 100 -22.18 -2.75 36.51
N PHE G 101 -21.40 -2.51 35.46
CA PHE G 101 -20.19 -1.71 35.53
C PHE G 101 -20.40 -0.37 34.84
N LEU G 102 -19.84 0.68 35.44
CA LEU G 102 -19.86 2.01 34.86
C LEU G 102 -18.43 2.45 34.59
N PRO G 103 -17.96 2.37 33.35
CA PRO G 103 -16.63 2.90 33.03
C PRO G 103 -16.61 4.42 33.11
N LEU G 104 -15.41 4.97 32.99
CA LEU G 104 -15.23 6.41 33.00
C LEU G 104 -14.67 6.96 31.70
N ASP G 105 -13.91 6.16 30.95
CA ASP G 105 -13.45 6.54 29.63
C ASP G 105 -14.47 6.25 28.55
N TYR G 106 -15.43 5.36 28.83
CA TYR G 106 -16.43 4.94 27.87
C TYR G 106 -17.82 5.47 28.19
N LEU G 107 -17.97 6.17 29.31
CA LEU G 107 -19.28 6.66 29.73
C LEU G 107 -19.61 7.96 29.01
N GLU G 108 -20.76 7.99 28.32
CA GLU G 108 -21.22 9.17 27.62
C GLU G 108 -22.20 9.92 28.50
N VAL G 109 -21.85 11.15 28.88
CA VAL G 109 -22.69 11.99 29.71
C VAL G 109 -22.83 13.35 29.04
N LYS G 110 -23.77 14.14 29.55
CA LYS G 110 -23.85 15.57 29.30
C LYS G 110 -23.46 16.32 30.56
N PRO G 111 -22.72 17.42 30.44
CA PRO G 111 -22.36 18.20 31.64
C PRO G 111 -23.58 18.73 32.37
N THR G 112 -23.46 18.82 33.69
CA THR G 112 -24.57 19.26 34.53
C THR G 112 -24.93 20.70 34.23
N ASP G 113 -26.22 20.95 34.02
CA ASP G 113 -26.70 22.28 33.67
C ASP G 113 -26.50 23.20 34.86
N GLU G 114 -25.52 24.12 34.74
CA GLU G 114 -25.25 25.09 35.79
C GLU G 114 -26.43 26.01 36.04
N LYS G 115 -27.22 26.30 34.98
CA LYS G 115 -28.37 27.18 35.08
C LYS G 115 -29.43 26.65 36.05
N LEU G 116 -29.45 25.34 36.29
CA LEU G 116 -30.41 24.77 37.24
C LEU G 116 -30.04 25.08 38.68
N ARG G 117 -28.79 25.48 38.96
CA ARG G 117 -28.45 25.87 40.33
C ARG G 117 -29.01 27.24 40.68
N GLU G 118 -29.36 28.05 39.69
CA GLU G 118 -30.00 29.35 39.90
C GLU G 118 -31.51 29.22 39.88
N LEU G 119 -32.03 28.36 40.74
CA LEU G 119 -33.46 28.06 40.79
C LEU G 119 -34.04 28.59 42.10
N LYS G 120 -35.35 28.89 42.06
CA LYS G 120 -35.98 29.71 43.09
C LYS G 120 -36.49 28.90 44.28
N GLY G 121 -36.30 27.58 44.30
CA GLY G 121 -36.87 26.81 45.38
C GLY G 121 -36.16 25.53 45.77
N ALA G 122 -35.33 24.97 44.89
CA ALA G 122 -34.73 23.67 45.12
C ALA G 122 -33.30 23.65 44.58
N LYS G 123 -32.56 22.61 44.95
CA LYS G 123 -31.18 22.40 44.53
C LYS G 123 -31.01 21.01 43.96
N LEU G 124 -29.90 20.82 43.25
CA LEU G 124 -29.67 19.61 42.46
C LEU G 124 -29.44 18.40 43.35
N VAL G 125 -29.78 17.21 42.82
CA VAL G 125 -29.55 15.96 43.55
C VAL G 125 -28.08 15.61 43.58
N ILE G 126 -27.34 15.92 42.51
CA ILE G 126 -25.91 15.63 42.47
C ILE G 126 -25.16 16.49 43.48
N ASP G 127 -25.65 17.69 43.77
CA ASP G 127 -25.08 18.54 44.80
C ASP G 127 -25.51 18.14 46.22
N VAL G 128 -26.39 17.14 46.34
CA VAL G 128 -26.75 16.59 47.63
C VAL G 128 -25.96 15.31 47.94
N ILE G 129 -25.43 14.64 46.91
CA ILE G 129 -24.55 13.50 47.10
C ILE G 129 -23.10 13.97 47.05
N ARG G 130 -22.32 13.56 48.04
CA ARG G 130 -20.88 13.78 48.04
C ARG G 130 -20.19 12.46 47.71
N TYR G 131 -19.08 12.55 46.98
CA TYR G 131 -18.29 11.40 46.58
C TYR G 131 -16.85 11.63 47.02
N GLU G 132 -16.24 10.61 47.63
CA GLU G 132 -14.93 10.80 48.24
C GLU G 132 -13.78 10.74 47.23
N PRO G 133 -13.66 9.75 46.35
CA PRO G 133 -12.62 9.85 45.31
C PRO G 133 -13.08 10.75 44.20
N PRO G 134 -12.22 11.66 43.73
CA PRO G 134 -12.60 12.51 42.59
C PRO G 134 -12.56 11.77 41.27
N HIS G 135 -12.71 12.51 40.16
CA HIS G 135 -12.64 12.04 38.78
C HIS G 135 -13.80 11.12 38.40
N ILE G 136 -14.55 10.62 39.38
CA ILE G 136 -15.70 9.74 39.15
C ILE G 136 -16.96 10.56 38.99
N LYS G 137 -16.81 11.88 38.80
CA LYS G 137 -17.95 12.77 38.66
C LYS G 137 -18.82 12.41 37.47
N LYS G 138 -18.22 11.87 36.40
CA LYS G 138 -19.00 11.43 35.26
C LYS G 138 -19.92 10.27 35.60
N ALA G 139 -19.51 9.39 36.52
CA ALA G 139 -20.36 8.28 36.92
C ALA G 139 -21.59 8.76 37.69
N LEU G 140 -21.39 9.69 38.63
CA LEU G 140 -22.54 10.21 39.37
C LEU G 140 -23.39 11.14 38.51
N GLN G 141 -22.80 11.78 37.50
CA GLN G 141 -23.59 12.49 36.50
C GLN G 141 -24.46 11.53 35.69
N TYR G 142 -23.92 10.35 35.37
CA TYR G 142 -24.71 9.35 34.67
C TYR G 142 -25.85 8.85 35.55
N ALA G 143 -25.57 8.61 36.84
CA ALA G 143 -26.58 8.05 37.71
C ALA G 143 -27.65 9.06 38.08
N CYS G 144 -27.27 10.33 38.22
CA CYS G 144 -28.17 11.37 38.70
C CYS G 144 -28.66 12.30 37.59
N GLY G 145 -27.74 12.86 36.81
CA GLY G 145 -28.13 13.77 35.76
C GLY G 145 -28.55 15.12 36.32
N ASN G 146 -29.50 15.75 35.63
CA ASN G 146 -30.04 17.05 36.04
C ASN G 146 -31.26 16.90 36.93
N ALA G 147 -31.26 15.92 37.83
CA ALA G 147 -32.40 15.69 38.70
C ALA G 147 -32.48 16.75 39.79
N LEU G 148 -33.69 16.96 40.30
CA LEU G 148 -33.95 17.99 41.29
C LEU G 148 -34.71 17.38 42.46
N VAL G 149 -34.46 17.86 43.67
CA VAL G 149 -35.09 17.36 44.87
C VAL G 149 -35.81 18.51 45.58
N CYS G 150 -37.08 18.31 45.91
CA CYS G 150 -37.91 19.36 46.49
C CYS G 150 -38.32 19.01 47.92
N ASP G 151 -38.97 19.98 48.56
CA ASP G 151 -39.36 19.84 49.96
C ASP G 151 -40.57 18.91 50.12
N ASN G 152 -41.70 19.28 49.53
CA ASN G 152 -42.93 18.51 49.62
C ASN G 152 -43.41 18.14 48.22
N VAL G 153 -44.55 17.45 48.16
CA VAL G 153 -45.09 16.99 46.89
C VAL G 153 -45.66 18.16 46.09
N GLU G 154 -46.30 19.10 46.78
CA GLU G 154 -46.88 20.26 46.09
C GLU G 154 -45.79 21.18 45.55
N ASP G 155 -44.70 21.36 46.31
CA ASP G 155 -43.57 22.13 45.82
C ASP G 155 -42.88 21.43 44.65
N ALA G 156 -42.80 20.09 44.70
CA ALA G 156 -42.25 19.34 43.58
C ALA G 156 -43.10 19.49 42.34
N ARG G 157 -44.43 19.48 42.50
CA ARG G 157 -45.34 19.68 41.37
C ARG G 157 -45.22 21.10 40.82
N ARG G 158 -45.10 22.09 41.71
CA ARG G 158 -44.99 23.49 41.28
C ARG G 158 -43.68 23.75 40.56
N ILE G 159 -42.61 23.09 40.98
CA ILE G 159 -41.32 23.33 40.33
C ILE G 159 -41.19 22.51 39.05
N ALA G 160 -41.77 21.30 39.01
CA ALA G 160 -41.67 20.48 37.81
C ALA G 160 -42.58 21.00 36.71
N PHE G 161 -43.80 21.43 37.05
CA PHE G 161 -44.79 21.79 36.05
C PHE G 161 -45.06 23.28 35.95
N GLY G 162 -44.34 24.11 36.70
CA GLY G 162 -44.62 25.53 36.72
C GLY G 162 -43.90 26.33 35.65
N GLY G 163 -42.73 25.86 35.22
CA GLY G 163 -42.00 26.53 34.17
C GLY G 163 -42.41 26.08 32.78
N HIS G 164 -41.88 26.77 31.78
CA HIS G 164 -42.12 26.36 30.39
C HIS G 164 -41.32 25.13 29.99
N GLN G 165 -40.33 24.75 30.79
CA GLN G 165 -39.58 23.52 30.59
C GLN G 165 -39.68 22.67 31.85
N ARG G 166 -40.04 21.41 31.69
CA ARG G 166 -40.21 20.50 32.82
C ARG G 166 -38.91 19.79 33.13
N HIS G 167 -38.71 19.48 34.41
CA HIS G 167 -37.50 18.84 34.89
C HIS G 167 -37.84 17.67 35.81
N LYS G 168 -36.94 16.69 35.84
CA LYS G 168 -37.10 15.49 36.66
C LYS G 168 -36.98 15.88 38.13
N THR G 169 -38.12 15.89 38.83
CA THR G 169 -38.18 16.33 40.21
C THR G 169 -38.65 15.18 41.10
N VAL G 170 -38.04 15.07 42.27
CA VAL G 170 -38.39 14.06 43.26
C VAL G 170 -38.50 14.73 44.62
N ALA G 171 -39.54 14.38 45.37
CA ALA G 171 -39.73 14.95 46.70
C ALA G 171 -38.92 14.17 47.73
N LEU G 172 -38.94 14.67 48.97
CA LEU G 172 -38.23 14.03 50.07
C LEU G 172 -38.88 12.71 50.44
N ASP G 173 -40.21 12.62 50.31
CA ASP G 173 -40.93 11.42 50.75
C ASP G 173 -40.69 10.23 49.83
N GLY G 174 -40.38 10.47 48.56
CA GLY G 174 -40.08 9.39 47.64
C GLY G 174 -40.85 9.43 46.34
N THR G 175 -41.74 10.41 46.20
CA THR G 175 -42.50 10.56 44.96
C THR G 175 -41.61 11.14 43.88
N LEU G 176 -41.58 10.47 42.72
CA LEU G 176 -40.74 10.85 41.60
C LEU G 176 -41.61 11.38 40.47
N PHE G 177 -41.28 12.57 39.97
CA PHE G 177 -42.02 13.22 38.88
C PHE G 177 -41.14 13.13 37.64
N GLN G 178 -41.45 12.18 36.76
CA GLN G 178 -40.66 12.02 35.55
C GLN G 178 -41.01 13.10 34.53
N LYS G 179 -40.16 13.21 33.50
CA LYS G 179 -40.36 14.23 32.47
C LYS G 179 -41.59 13.98 31.62
N SER G 180 -42.05 12.72 31.53
CA SER G 180 -43.27 12.41 30.81
C SER G 180 -44.53 12.80 31.57
N GLY G 181 -44.41 13.18 32.84
CA GLY G 181 -45.55 13.42 33.69
C GLY G 181 -45.93 12.22 34.54
N VAL G 182 -45.22 11.11 34.41
CA VAL G 182 -45.54 9.91 35.18
C VAL G 182 -45.08 10.09 36.61
N ILE G 183 -45.97 9.82 37.56
CA ILE G 183 -45.69 9.99 38.98
C ILE G 183 -45.57 8.61 39.60
N SER G 184 -44.33 8.21 39.91
CA SER G 184 -44.04 6.97 40.60
C SER G 184 -43.52 7.28 42.00
N GLY G 185 -44.09 6.61 43.01
CA GLY G 185 -43.69 6.85 44.37
C GLY G 185 -43.72 5.60 45.23
N GLY G 186 -43.63 4.44 44.60
CA GLY G 186 -43.66 3.16 45.30
C GLY G 186 -42.50 2.98 46.26
N ALA G 187 -42.80 2.64 47.51
CA ALA G 187 -41.81 2.56 48.57
C ALA G 187 -41.88 1.22 49.29
N SER G 188 -42.12 0.15 48.54
CA SER G 188 -42.14 -1.18 49.14
C SER G 188 -40.73 -1.65 49.48
N ASP G 189 -39.77 -1.42 48.58
CA ASP G 189 -38.37 -1.74 48.82
C ASP G 189 -37.54 -0.52 49.16
N LEU G 190 -38.15 0.67 49.24
CA LEU G 190 -37.38 1.89 49.48
C LEU G 190 -36.91 1.98 50.92
N LYS G 191 -37.65 1.37 51.86
CA LYS G 191 -37.27 1.43 53.27
C LYS G 191 -35.98 0.66 53.54
N ALA G 192 -35.87 -0.55 52.97
CA ALA G 192 -34.64 -1.34 53.17
C ALA G 192 -33.46 -0.73 52.42
N LYS G 193 -33.69 -0.24 51.21
CA LYS G 193 -32.62 0.38 50.44
C LYS G 193 -32.18 1.71 51.04
N ALA G 194 -33.05 2.36 51.83
CA ALA G 194 -32.61 3.53 52.60
C ALA G 194 -31.95 3.11 53.92
N ARG G 195 -32.34 1.96 54.47
CA ARG G 195 -31.67 1.42 55.65
C ARG G 195 -30.22 1.04 55.34
N ARG G 196 -29.94 0.67 54.08
CA ARG G 196 -28.58 0.37 53.67
C ARG G 196 -27.63 1.56 53.85
N TRP G 197 -28.16 2.78 53.71
CA TRP G 197 -27.34 3.98 53.90
C TRP G 197 -26.80 4.07 55.32
N ASP G 198 -27.64 3.78 56.31
CA ASP G 198 -27.19 3.77 57.70
C ASP G 198 -26.43 2.49 58.03
N GLU G 199 -26.70 1.40 57.32
CA GLU G 199 -25.97 0.16 57.53
C GLU G 199 -24.53 0.27 57.02
N LYS G 200 -24.28 1.20 56.09
CA LYS G 200 -22.92 1.42 55.59
C LYS G 200 -21.94 1.76 56.72
N ALA G 201 -22.34 2.61 57.65
CA ALA G 201 -21.49 2.96 58.78
C ALA G 201 -21.48 1.79 59.76
N VAL G 202 -20.45 0.95 59.67
CA VAL G 202 -20.36 -0.24 60.52
C VAL G 202 -19.47 0.04 61.74
N ASN H 13 -53.86 -61.67 22.81
CA ASN H 13 -54.78 -61.75 23.94
C ASN H 13 -54.30 -60.91 25.13
N TYR H 14 -52.99 -60.70 25.20
CA TYR H 14 -52.37 -59.96 26.30
C TYR H 14 -52.33 -58.46 26.00
N LEU H 15 -53.48 -57.89 25.64
CA LEU H 15 -53.54 -56.51 25.18
C LEU H 15 -53.83 -55.53 26.31
N TRP H 16 -54.51 -55.97 27.37
CA TRP H 16 -54.79 -55.08 28.50
C TRP H 16 -53.50 -54.63 29.18
N ARG H 17 -52.45 -55.46 29.15
CA ARG H 17 -51.15 -55.03 29.67
C ARG H 17 -50.52 -53.97 28.76
N GLU H 18 -50.73 -54.07 27.44
CA GLU H 18 -50.27 -53.02 26.54
C GLU H 18 -50.98 -51.71 26.82
N GLU H 19 -52.29 -51.76 27.07
CA GLU H 19 -53.04 -50.54 27.37
C GLU H 19 -52.61 -49.96 28.72
N ASN H 20 -52.36 -50.83 29.71
CA ASN H 20 -51.87 -50.37 31.01
C ASN H 20 -50.48 -49.75 30.89
N ALA H 21 -49.63 -50.30 30.03
CA ALA H 21 -48.30 -49.75 29.83
C ALA H 21 -48.35 -48.40 29.13
N GLU H 22 -49.22 -48.27 28.12
CA GLU H 22 -49.41 -46.97 27.48
C GLU H 22 -49.98 -45.95 28.45
N GLN H 23 -50.85 -46.38 29.37
CA GLN H 23 -51.37 -45.47 30.39
C GLN H 23 -50.29 -45.06 31.38
N GLN H 24 -49.40 -45.99 31.75
CA GLN H 24 -48.28 -45.64 32.62
C GLN H 24 -47.35 -44.63 31.95
N ALA H 25 -47.04 -44.84 30.67
CA ALA H 25 -46.20 -43.91 29.94
C ALA H 25 -46.88 -42.55 29.78
N LEU H 26 -48.19 -42.54 29.53
CA LEU H 26 -48.90 -41.27 29.40
C LEU H 26 -48.96 -40.53 30.72
N ALA H 27 -49.13 -41.23 31.84
CA ALA H 27 -49.14 -40.55 33.12
C ALA H 27 -47.76 -40.03 33.49
N ALA H 28 -46.71 -40.74 33.09
CA ALA H 28 -45.35 -40.21 33.23
C ALA H 28 -45.18 -38.94 32.43
N LYS H 29 -45.69 -38.92 31.20
CA LYS H 29 -45.61 -37.72 30.36
C LYS H 29 -46.41 -36.56 30.96
N ARG H 30 -47.60 -36.85 31.51
CA ARG H 30 -48.42 -35.80 32.11
C ARG H 30 -47.76 -35.22 33.36
N GLU H 31 -47.14 -36.06 34.19
CA GLU H 31 -46.48 -35.54 35.37
C GLU H 31 -45.21 -34.76 35.00
N ASP H 32 -44.50 -35.22 33.98
CA ASP H 32 -43.36 -34.46 33.44
C ASP H 32 -43.81 -33.08 32.96
N LEU H 33 -44.92 -33.03 32.22
CA LEU H 33 -45.40 -31.77 31.68
C LEU H 33 -45.88 -30.84 32.78
N GLU H 34 -46.50 -31.39 33.82
CA GLU H 34 -46.98 -30.54 34.90
C GLU H 34 -45.82 -30.01 35.74
N LYS H 35 -44.75 -30.81 35.89
CA LYS H 35 -43.52 -30.30 36.51
C LYS H 35 -42.92 -29.16 35.69
N LYS H 36 -42.92 -29.31 34.36
CA LYS H 36 -42.36 -28.26 33.50
C LYS H 36 -43.21 -26.99 33.55
N GLN H 37 -44.53 -27.15 33.59
CA GLN H 37 -45.43 -26.01 33.76
C GLN H 37 -45.19 -25.31 35.08
N GLN H 38 -44.96 -26.07 36.16
CA GLN H 38 -44.69 -25.45 37.45
C GLN H 38 -43.34 -24.74 37.44
N LEU H 39 -42.36 -25.27 36.71
CA LEU H 39 -41.09 -24.58 36.54
C LEU H 39 -41.27 -23.22 35.89
N LEU H 40 -42.01 -23.18 34.77
CA LEU H 40 -42.24 -21.91 34.08
C LEU H 40 -43.06 -20.95 34.94
N ARG H 41 -44.06 -21.47 35.65
CA ARG H 41 -44.91 -20.60 36.46
C ARG H 41 -44.17 -20.05 37.66
N ALA H 42 -43.22 -20.81 38.21
CA ALA H 42 -42.39 -20.27 39.28
C ALA H 42 -41.41 -19.24 38.75
N ALA H 43 -40.91 -19.44 37.53
CA ALA H 43 -40.02 -18.46 36.93
C ALA H 43 -40.74 -17.19 36.51
N THR H 44 -42.06 -17.25 36.30
CA THR H 44 -42.80 -16.10 35.82
C THR H 44 -42.98 -15.05 36.92
N GLY H 45 -43.66 -15.41 38.00
CA GLY H 45 -43.92 -14.47 39.07
C GLY H 45 -45.37 -14.45 39.47
N LYS H 46 -45.64 -14.32 40.77
CA LYS H 46 -47.01 -14.42 41.26
C LYS H 46 -47.85 -13.21 40.86
N ALA H 47 -47.26 -12.01 40.80
CA ALA H 47 -48.01 -10.82 40.41
C ALA H 47 -48.33 -10.85 38.92
N ILE H 48 -47.37 -11.24 38.11
CA ILE H 48 -47.58 -11.34 36.66
C ILE H 48 -48.62 -12.41 36.35
N LEU H 49 -48.53 -13.55 37.03
CA LEU H 49 -49.46 -14.65 36.76
C LEU H 49 -50.86 -14.32 37.25
N ASN H 50 -50.97 -13.65 38.39
CA ASN H 50 -52.28 -13.19 38.86
C ASN H 50 -52.87 -12.16 37.92
N GLY H 51 -52.03 -11.27 37.37
CA GLY H 51 -52.52 -10.33 36.37
C GLY H 51 -53.01 -11.01 35.11
N ILE H 52 -52.30 -12.04 34.66
CA ILE H 52 -52.70 -12.78 33.46
C ILE H 52 -54.03 -13.51 33.68
N ASP H 53 -54.13 -14.24 34.80
CA ASP H 53 -55.34 -14.98 35.13
C ASP H 53 -56.53 -14.04 35.30
N SER H 54 -56.32 -12.88 35.94
CA SER H 54 -57.39 -11.92 36.16
C SER H 54 -57.82 -11.22 34.87
N ILE H 55 -56.89 -10.90 33.96
CA ILE H 55 -57.28 -10.37 32.65
C ILE H 55 -58.08 -11.39 31.87
N ASN H 56 -57.69 -12.67 31.97
CA ASN H 56 -58.46 -13.73 31.31
C ASN H 56 -59.87 -13.82 31.89
N LYS H 57 -60.00 -13.60 33.20
CA LYS H 57 -61.33 -13.55 33.82
C LYS H 57 -62.14 -12.36 33.30
N VAL H 58 -61.48 -11.20 33.11
CA VAL H 58 -62.17 -10.02 32.57
C VAL H 58 -62.70 -10.30 31.16
N LEU H 59 -61.87 -10.89 30.31
CA LEU H 59 -62.31 -11.14 28.94
C LEU H 59 -63.34 -12.26 28.88
N ASP H 60 -63.29 -13.21 29.82
CA ASP H 60 -64.35 -14.22 29.91
C ASP H 60 -65.68 -13.58 30.30
N HIS H 61 -65.67 -12.68 31.28
CA HIS H 61 -66.88 -11.97 31.66
C HIS H 61 -67.37 -11.04 30.56
N PHE H 62 -66.46 -10.53 29.74
CA PHE H 62 -66.85 -9.68 28.61
C PHE H 62 -67.55 -10.47 27.52
N ARG H 63 -66.96 -11.60 27.11
CA ARG H 63 -67.60 -12.40 26.06
C ARG H 63 -68.83 -13.14 26.55
N ARG H 64 -68.93 -13.38 27.87
CA ARG H 64 -70.06 -14.14 28.39
C ARG H 64 -71.34 -13.33 28.37
N LYS H 65 -71.25 -12.00 28.45
CA LYS H 65 -72.42 -11.14 28.43
C LYS H 65 -72.49 -10.30 27.15
N GLY H 66 -71.73 -10.68 26.12
CA GLY H 66 -71.92 -10.14 24.78
C GLY H 66 -71.59 -8.67 24.62
N ILE H 67 -70.78 -8.11 25.49
CA ILE H 67 -70.45 -6.69 25.46
C ILE H 67 -68.97 -6.52 25.18
N ASN H 68 -68.62 -5.34 24.65
CA ASN H 68 -67.25 -4.90 24.39
C ASN H 68 -66.54 -5.87 23.44
N GLN H 69 -67.14 -6.06 22.26
CA GLN H 69 -66.53 -6.92 21.26
C GLN H 69 -65.30 -6.27 20.64
N HIS H 70 -65.31 -4.94 20.50
CA HIS H 70 -64.13 -4.23 20.01
C HIS H 70 -62.98 -4.31 21.00
N VAL H 71 -63.29 -4.33 22.31
CA VAL H 71 -62.26 -4.54 23.32
C VAL H 71 -61.76 -5.98 23.29
N GLN H 72 -62.68 -6.93 23.08
CA GLN H 72 -62.31 -8.34 23.04
C GLN H 72 -61.39 -8.64 21.85
N ASN H 73 -61.66 -8.05 20.70
CA ASN H 73 -60.81 -8.23 19.52
C ASN H 73 -59.57 -7.36 19.55
N GLY H 74 -59.53 -6.34 20.41
CA GLY H 74 -58.37 -5.48 20.53
C GLY H 74 -57.30 -5.95 21.48
N TYR H 75 -57.48 -7.13 22.07
CA TYR H 75 -56.49 -7.71 22.98
C TYR H 75 -55.75 -8.81 22.25
N HIS H 76 -54.41 -8.68 22.16
CA HIS H 76 -53.59 -9.67 21.49
C HIS H 76 -52.67 -10.44 22.42
N GLY H 77 -52.42 -9.95 23.63
CA GLY H 77 -51.87 -10.80 24.66
C GLY H 77 -50.41 -10.49 24.97
N ILE H 78 -49.78 -11.41 25.69
CA ILE H 78 -48.43 -11.15 26.18
C ILE H 78 -47.43 -11.20 25.03
N VAL H 79 -46.29 -10.54 25.26
CA VAL H 79 -45.25 -10.46 24.23
C VAL H 79 -44.62 -11.83 24.02
N MET H 80 -44.47 -12.62 25.09
CA MET H 80 -43.75 -13.88 25.03
C MET H 80 -44.44 -14.91 24.14
N ASN H 81 -45.78 -14.88 24.08
CA ASN H 81 -46.53 -15.84 23.29
C ASN H 81 -46.86 -15.34 21.89
N ASN H 82 -46.20 -14.27 21.44
CA ASN H 82 -46.43 -13.71 20.10
C ASN H 82 -45.20 -13.75 19.22
N PHE H 83 -44.16 -14.50 19.60
CA PHE H 83 -43.03 -14.71 18.70
C PHE H 83 -42.35 -16.02 19.08
N GLU H 84 -41.47 -16.47 18.20
CA GLU H 84 -40.54 -17.54 18.52
C GLU H 84 -39.28 -17.34 17.68
N CYS H 85 -38.13 -17.62 18.29
CA CYS H 85 -36.84 -17.49 17.65
C CYS H 85 -36.08 -18.81 17.79
N GLU H 86 -34.94 -18.88 17.12
CA GLU H 86 -34.07 -20.03 17.28
C GLU H 86 -33.56 -20.08 18.73
N PRO H 87 -33.44 -21.28 19.32
CA PRO H 87 -33.14 -21.36 20.75
C PRO H 87 -31.80 -20.76 21.18
N ALA H 88 -30.84 -20.63 20.25
CA ALA H 88 -29.54 -20.07 20.60
C ALA H 88 -29.65 -18.60 21.02
N PHE H 89 -30.67 -17.90 20.55
CA PHE H 89 -30.89 -16.52 20.96
C PHE H 89 -31.65 -16.39 22.27
N TYR H 90 -32.12 -17.52 22.84
CA TYR H 90 -33.02 -17.49 24.00
C TYR H 90 -32.40 -16.77 25.19
N THR H 91 -31.09 -16.86 25.36
CA THR H 91 -30.42 -16.15 26.45
C THR H 91 -30.41 -14.64 26.20
N CYS H 92 -30.10 -14.21 24.97
CA CYS H 92 -29.89 -12.78 24.77
C CYS H 92 -31.18 -12.00 24.55
N VAL H 93 -32.25 -12.65 24.08
CA VAL H 93 -33.52 -11.97 23.92
C VAL H 93 -34.15 -11.64 25.28
N GLU H 94 -34.16 -12.63 26.18
CA GLU H 94 -34.83 -12.50 27.48
C GLU H 94 -34.27 -11.33 28.28
N VAL H 95 -32.96 -11.35 28.54
CA VAL H 95 -32.32 -10.25 29.26
C VAL H 95 -32.32 -8.94 28.49
N THR H 96 -32.68 -8.96 27.20
CA THR H 96 -32.90 -7.70 26.50
C THR H 96 -34.25 -7.09 26.89
N ALA H 97 -35.26 -7.93 27.10
CA ALA H 97 -36.60 -7.46 27.39
C ALA H 97 -36.99 -7.62 28.85
N GLY H 98 -36.62 -8.73 29.47
CA GLY H 98 -36.95 -8.94 30.87
C GLY H 98 -38.45 -9.04 31.06
N ASN H 99 -38.97 -8.22 31.97
CA ASN H 99 -40.40 -8.17 32.20
C ASN H 99 -41.16 -7.54 31.04
N ARG H 100 -40.46 -6.97 30.05
CA ARG H 100 -41.12 -6.59 28.80
C ARG H 100 -41.62 -7.81 28.04
N LEU H 101 -41.12 -9.01 28.34
CA LEU H 101 -41.75 -10.23 27.86
C LEU H 101 -43.19 -10.36 28.30
N PHE H 102 -43.57 -9.73 29.41
CA PHE H 102 -44.89 -9.89 29.99
C PHE H 102 -45.74 -8.63 29.88
N TYR H 103 -45.39 -7.72 28.97
CA TYR H 103 -46.29 -6.63 28.64
C TYR H 103 -47.47 -7.17 27.84
N HIS H 104 -48.59 -6.46 27.92
CA HIS H 104 -49.83 -6.88 27.26
C HIS H 104 -50.03 -6.06 26.00
N ILE H 105 -49.74 -6.67 24.84
CA ILE H 105 -49.99 -6.07 23.54
C ILE H 105 -51.49 -5.92 23.34
N VAL H 106 -51.94 -4.68 23.16
CA VAL H 106 -53.32 -4.31 22.85
C VAL H 106 -53.29 -3.29 21.72
N ASP H 107 -54.49 -2.94 21.22
CA ASP H 107 -54.58 -2.03 20.08
C ASP H 107 -54.42 -0.57 20.49
N SER H 108 -55.28 -0.09 21.38
CA SER H 108 -55.31 1.33 21.68
C SER H 108 -55.43 1.52 23.19
N ASP H 109 -55.63 2.78 23.60
CA ASP H 109 -55.87 3.10 25.00
C ASP H 109 -57.29 2.71 25.42
N GLU H 110 -58.19 2.53 24.47
CA GLU H 110 -59.59 2.19 24.76
C GLU H 110 -59.69 0.84 25.46
N VAL H 111 -59.07 -0.18 24.87
CA VAL H 111 -59.14 -1.53 25.41
C VAL H 111 -58.44 -1.60 26.78
N SER H 112 -57.32 -0.88 26.93
CA SER H 112 -56.63 -0.83 28.21
C SER H 112 -57.51 -0.19 29.28
N THR H 113 -58.17 0.91 28.95
CA THR H 113 -59.03 1.60 29.92
C THR H 113 -60.23 0.74 30.29
N LYS H 114 -60.81 0.02 29.33
CA LYS H 114 -61.99 -0.79 29.61
C LYS H 114 -61.62 -1.99 30.50
N ILE H 115 -60.54 -2.69 30.14
CA ILE H 115 -60.08 -3.83 30.93
C ILE H 115 -59.67 -3.38 32.34
N LEU H 116 -59.07 -2.19 32.46
CA LEU H 116 -58.67 -1.72 33.78
C LEU H 116 -59.85 -1.23 34.61
N MET H 117 -60.90 -0.71 33.97
CA MET H 117 -62.12 -0.38 34.70
C MET H 117 -62.77 -1.63 35.28
N GLU H 118 -62.87 -2.68 34.46
CA GLU H 118 -63.40 -3.94 34.98
C GLU H 118 -62.45 -4.58 35.99
N PHE H 119 -61.15 -4.30 35.86
CA PHE H 119 -60.14 -4.78 36.80
C PHE H 119 -60.36 -4.20 38.19
N ASN H 120 -60.38 -2.87 38.28
CA ASN H 120 -60.51 -2.22 39.58
C ASN H 120 -61.95 -2.24 40.11
N LYS H 121 -62.94 -2.48 39.24
CA LYS H 121 -64.31 -2.59 39.73
C LYS H 121 -64.49 -3.86 40.54
N MET H 122 -64.27 -5.01 39.93
CA MET H 122 -64.45 -6.29 40.61
C MET H 122 -63.30 -6.62 41.56
N ASN H 123 -62.28 -5.75 41.66
CA ASN H 123 -61.18 -5.86 42.62
C ASN H 123 -60.37 -7.14 42.42
N LEU H 124 -59.49 -7.15 41.42
CA LEU H 124 -58.72 -8.30 40.94
C LEU H 124 -57.25 -8.09 41.21
N PRO H 125 -56.46 -9.16 41.43
CA PRO H 125 -55.06 -8.95 41.81
C PRO H 125 -54.06 -9.15 40.68
N GLY H 126 -52.92 -8.47 40.76
CA GLY H 126 -51.83 -8.68 39.82
C GLY H 126 -51.28 -7.47 39.12
N GLU H 127 -49.98 -7.49 38.82
CA GLU H 127 -49.36 -6.45 38.02
C GLU H 127 -49.70 -6.67 36.55
N VAL H 128 -50.16 -5.62 35.88
CA VAL H 128 -50.40 -5.66 34.44
C VAL H 128 -49.86 -4.38 33.82
N THR H 129 -49.08 -4.54 32.75
CA THR H 129 -48.50 -3.43 32.01
C THR H 129 -48.93 -3.56 30.55
N PHE H 130 -49.48 -2.49 30.00
CA PHE H 130 -50.11 -2.54 28.68
C PHE H 130 -49.22 -1.87 27.63
N LEU H 131 -49.26 -2.41 26.42
CA LEU H 131 -48.55 -1.86 25.26
C LEU H 131 -49.58 -1.51 24.19
N PRO H 132 -50.10 -0.28 24.19
CA PRO H 132 -51.04 0.13 23.14
C PRO H 132 -50.31 0.49 21.85
N LEU H 133 -50.67 -0.19 20.76
CA LEU H 133 -50.01 0.01 19.49
C LEU H 133 -50.29 1.40 18.91
N ASN H 134 -51.45 1.97 19.24
CA ASN H 134 -51.85 3.26 18.67
C ASN H 134 -51.06 4.44 19.23
N LYS H 135 -50.32 4.26 20.32
CA LYS H 135 -49.62 5.36 20.98
C LYS H 135 -48.11 5.09 21.07
N LEU H 136 -47.56 4.42 20.07
CA LEU H 136 -46.14 4.11 20.02
C LEU H 136 -45.51 4.89 18.87
N ASP H 137 -44.85 5.99 19.18
CA ASP H 137 -44.12 6.77 18.18
C ASP H 137 -42.94 5.94 17.70
N VAL H 138 -43.08 5.34 16.52
CA VAL H 138 -42.10 4.39 16.00
C VAL H 138 -41.07 5.15 15.18
N ARG H 139 -39.85 5.23 15.68
CA ARG H 139 -38.73 5.82 14.95
C ARG H 139 -38.08 4.75 14.09
N ASP H 140 -37.90 5.04 12.81
CA ASP H 140 -37.09 4.17 11.96
C ASP H 140 -35.65 4.24 12.42
N THR H 141 -35.00 3.07 12.46
CA THR H 141 -33.62 2.96 12.90
C THR H 141 -32.78 2.29 11.82
N ALA H 142 -31.48 2.59 11.81
CA ALA H 142 -30.56 2.12 10.77
C ALA H 142 -29.47 1.28 11.40
N TYR H 143 -29.49 -0.02 11.13
CA TYR H 143 -28.51 -0.97 11.64
C TYR H 143 -27.34 -1.08 10.69
N PRO H 144 -26.15 -1.43 11.19
CA PRO H 144 -25.01 -1.68 10.29
C PRO H 144 -25.15 -3.01 9.57
N GLU H 145 -24.54 -3.08 8.40
CA GLU H 145 -24.66 -4.24 7.53
C GLU H 145 -23.39 -5.09 7.57
N THR H 146 -23.06 -5.56 8.76
CA THR H 146 -21.90 -6.40 8.96
C THR H 146 -22.32 -7.84 9.27
N ASN H 147 -21.32 -8.72 9.30
CA ASN H 147 -21.54 -10.14 9.53
C ASN H 147 -21.52 -10.50 11.00
N ASP H 148 -20.80 -9.74 11.83
CA ASP H 148 -20.66 -10.02 13.24
C ASP H 148 -21.51 -9.11 14.12
N ALA H 149 -22.51 -8.44 13.55
CA ALA H 149 -23.51 -7.72 14.33
C ALA H 149 -24.80 -7.67 13.52
N ILE H 150 -25.84 -8.30 14.05
CA ILE H 150 -27.15 -8.37 13.40
C ILE H 150 -28.14 -7.67 14.33
N PRO H 151 -29.12 -6.93 13.83
CA PRO H 151 -30.17 -6.44 14.72
C PRO H 151 -31.01 -7.59 15.27
N MET H 152 -31.38 -7.47 16.54
CA MET H 152 -32.04 -8.58 17.23
C MET H 152 -33.42 -8.87 16.66
N ILE H 153 -34.12 -7.82 16.21
CA ILE H 153 -35.44 -7.98 15.60
C ILE H 153 -35.38 -8.75 14.29
N SER H 154 -34.20 -8.83 13.66
CA SER H 154 -34.05 -9.66 12.45
C SER H 154 -34.15 -11.14 12.77
N LYS H 155 -33.97 -11.55 14.03
CA LYS H 155 -34.01 -12.95 14.40
C LYS H 155 -35.31 -13.32 15.11
N LEU H 156 -36.34 -12.48 15.00
CA LEU H 156 -37.61 -12.69 15.68
C LEU H 156 -38.69 -12.95 14.64
N ARG H 157 -39.34 -14.11 14.76
CA ARG H 157 -40.40 -14.51 13.84
C ARG H 157 -41.73 -14.19 14.51
N TYR H 158 -42.35 -13.09 14.08
CA TYR H 158 -43.55 -12.57 14.73
C TYR H 158 -44.47 -11.98 13.67
N ASN H 159 -45.76 -11.90 14.01
CA ASN H 159 -46.77 -11.44 13.07
C ASN H 159 -46.58 -9.95 12.83
N PRO H 160 -46.57 -9.48 11.57
CA PRO H 160 -46.27 -8.06 11.30
C PRO H 160 -47.30 -7.09 11.84
N ARG H 161 -48.51 -7.55 12.15
CA ARG H 161 -49.54 -6.66 12.72
C ARG H 161 -49.12 -6.09 14.06
N PHE H 162 -48.26 -6.80 14.79
CA PHE H 162 -47.75 -6.34 16.08
C PHE H 162 -46.42 -5.62 15.94
N ASP H 163 -46.06 -5.19 14.72
CA ASP H 163 -44.72 -4.71 14.42
C ASP H 163 -44.34 -3.47 15.21
N LYS H 164 -45.33 -2.69 15.66
CA LYS H 164 -45.02 -1.51 16.48
C LYS H 164 -44.58 -1.90 17.88
N ALA H 165 -45.07 -3.02 18.41
CA ALA H 165 -44.68 -3.43 19.76
C ALA H 165 -43.25 -3.94 19.79
N PHE H 166 -42.92 -4.85 18.87
CA PHE H 166 -41.61 -5.49 18.90
C PHE H 166 -40.50 -4.50 18.57
N LYS H 167 -40.74 -3.61 17.59
CA LYS H 167 -39.83 -2.51 17.33
C LYS H 167 -39.66 -1.61 18.55
N HIS H 168 -40.67 -1.54 19.41
CA HIS H 168 -40.54 -0.76 20.64
C HIS H 168 -39.57 -1.39 21.61
N VAL H 169 -39.43 -2.72 21.59
CA VAL H 169 -38.61 -3.43 22.56
C VAL H 169 -37.24 -3.79 21.98
N PHE H 170 -37.22 -4.36 20.78
CA PHE H 170 -36.01 -4.96 20.24
C PHE H 170 -35.42 -4.17 19.07
N GLY H 171 -36.09 -3.13 18.60
CA GLY H 171 -35.63 -2.39 17.44
C GLY H 171 -34.43 -1.49 17.69
N LYS H 172 -34.00 -1.36 18.95
CA LYS H 172 -32.85 -0.52 19.28
C LYS H 172 -31.61 -1.30 19.65
N THR H 173 -31.74 -2.59 19.94
CA THR H 173 -30.63 -3.39 20.44
C THR H 173 -30.05 -4.30 19.36
N LEU H 174 -28.73 -4.49 19.43
CA LEU H 174 -27.99 -5.27 18.45
C LEU H 174 -27.42 -6.53 19.10
N ILE H 175 -27.11 -7.52 18.25
CA ILE H 175 -26.49 -8.77 18.65
C ILE H 175 -25.10 -8.79 18.03
N CYS H 176 -24.07 -8.74 18.87
CA CYS H 176 -22.69 -8.68 18.43
C CYS H 176 -21.98 -10.00 18.70
N ARG H 177 -20.90 -10.23 17.97
CA ARG H 177 -20.16 -11.49 18.09
C ARG H 177 -19.37 -11.55 19.39
N SER H 178 -18.75 -10.45 19.79
CA SER H 178 -17.93 -10.40 20.99
C SER H 178 -18.21 -9.11 21.74
N MET H 179 -17.61 -8.98 22.93
CA MET H 179 -17.82 -7.76 23.69
C MET H 179 -16.98 -6.61 23.20
N GLU H 180 -15.81 -6.87 22.61
CA GLU H 180 -15.01 -5.79 22.04
C GLU H 180 -15.71 -5.20 20.82
N VAL H 181 -16.29 -6.07 19.98
CA VAL H 181 -17.12 -5.62 18.86
C VAL H 181 -18.30 -4.80 19.39
N SER H 182 -18.86 -5.22 20.52
CA SER H 182 -20.03 -4.53 21.06
C SER H 182 -19.66 -3.16 21.63
N THR H 183 -18.54 -3.04 22.33
CA THR H 183 -18.17 -1.73 22.86
C THR H 183 -17.67 -0.81 21.75
N GLN H 184 -17.16 -1.35 20.65
CA GLN H 184 -16.83 -0.50 19.52
C GLN H 184 -18.09 -0.02 18.81
N LEU H 185 -19.09 -0.90 18.66
CA LEU H 185 -20.29 -0.58 17.90
C LEU H 185 -21.27 0.29 18.70
N ALA H 186 -21.28 0.15 20.03
CA ALA H 186 -22.38 0.67 20.84
C ALA H 186 -22.39 2.20 20.87
N ARG H 187 -21.25 2.83 21.13
CA ARG H 187 -21.23 4.29 21.05
C ARG H 187 -21.09 4.79 19.62
N ALA H 188 -20.63 3.95 18.70
CA ALA H 188 -20.53 4.37 17.31
C ALA H 188 -21.90 4.54 16.66
N PHE H 189 -22.89 3.75 17.11
CA PHE H 189 -24.24 3.86 16.56
C PHE H 189 -25.27 4.37 17.56
N THR H 190 -24.90 4.51 18.83
CA THR H 190 -25.82 4.74 19.96
C THR H 190 -26.99 3.75 19.91
N MET H 191 -26.61 2.48 20.06
CA MET H 191 -27.54 1.38 20.19
C MET H 191 -27.09 0.51 21.34
N ASP H 192 -28.06 -0.06 22.06
CA ASP H 192 -27.74 -1.07 23.04
C ASP H 192 -27.19 -2.30 22.32
N CYS H 193 -26.23 -2.96 22.94
CA CYS H 193 -25.60 -4.11 22.31
C CYS H 193 -25.45 -5.23 23.33
N ILE H 194 -25.45 -6.47 22.84
CA ILE H 194 -25.47 -7.64 23.70
C ILE H 194 -25.02 -8.83 22.87
N THR H 195 -24.20 -9.69 23.47
CA THR H 195 -23.72 -10.88 22.79
C THR H 195 -24.72 -12.02 22.95
N LEU H 196 -24.35 -13.19 22.44
CA LEU H 196 -25.24 -14.34 22.50
C LEU H 196 -25.39 -14.89 23.91
N GLU H 197 -24.38 -14.69 24.77
CA GLU H 197 -24.43 -15.21 26.13
C GLU H 197 -24.73 -14.12 27.16
N GLY H 198 -25.30 -13.00 26.74
CA GLY H 198 -26.00 -12.09 27.64
C GLY H 198 -25.23 -10.90 28.14
N ASP H 199 -23.93 -10.79 27.86
CA ASP H 199 -23.16 -9.65 28.33
C ASP H 199 -23.55 -8.41 27.53
N GLN H 200 -24.14 -7.43 28.20
CA GLN H 200 -24.68 -6.26 27.54
C GLN H 200 -23.68 -5.09 27.56
N VAL H 201 -23.96 -4.10 26.75
CA VAL H 201 -23.36 -2.77 26.85
C VAL H 201 -24.37 -1.76 26.35
N SER H 202 -24.69 -0.77 27.18
CA SER H 202 -25.74 0.17 26.85
C SER H 202 -25.26 1.18 25.84
N HIS H 203 -26.21 1.96 25.30
CA HIS H 203 -25.86 3.02 24.37
C HIS H 203 -25.18 4.19 25.07
N ARG H 204 -25.34 4.32 26.39
CA ARG H 204 -24.59 5.29 27.19
C ARG H 204 -23.30 4.73 27.75
N GLY H 205 -23.02 3.45 27.53
CA GLY H 205 -21.79 2.84 28.01
C GLY H 205 -21.91 2.05 29.29
N ALA H 206 -23.12 1.70 29.72
CA ALA H 206 -23.29 0.89 30.93
C ALA H 206 -22.97 -0.56 30.61
N LEU H 207 -21.93 -1.09 31.26
CA LEU H 207 -21.49 -2.45 31.04
C LEU H 207 -22.19 -3.37 32.05
N THR H 208 -22.89 -4.39 31.54
CA THR H 208 -23.58 -5.34 32.40
C THR H 208 -23.43 -6.73 31.79
N GLY H 209 -22.78 -7.62 32.54
CA GLY H 209 -22.61 -8.99 32.09
C GLY H 209 -22.34 -9.88 33.27
N GLY H 210 -22.18 -11.16 32.97
CA GLY H 210 -21.93 -12.15 34.00
C GLY H 210 -22.38 -13.52 33.52
N TYR H 211 -22.78 -14.34 34.48
CA TYR H 211 -23.21 -15.71 34.22
C TYR H 211 -24.74 -15.78 34.29
N TYR H 212 -25.37 -15.86 33.13
CA TYR H 212 -26.79 -16.16 33.03
C TYR H 212 -26.95 -17.64 32.74
N ASP H 213 -27.79 -18.31 33.52
CA ASP H 213 -28.04 -19.73 33.36
C ASP H 213 -29.15 -19.96 32.35
N THR H 214 -29.04 -21.06 31.62
CA THR H 214 -30.06 -21.46 30.66
C THR H 214 -31.14 -22.31 31.33
N ARG H 215 -30.90 -22.76 32.57
CA ARG H 215 -31.91 -23.48 33.34
C ARG H 215 -33.11 -22.60 33.67
N LYS H 216 -32.91 -21.28 33.74
CA LYS H 216 -33.97 -20.36 34.16
C LYS H 216 -34.41 -19.43 33.03
N SER H 217 -33.97 -19.69 31.79
CA SER H 217 -34.43 -18.92 30.65
C SER H 217 -35.90 -19.24 30.37
N ARG H 218 -36.76 -18.22 30.46
CA ARG H 218 -38.20 -18.41 30.34
C ARG H 218 -38.60 -18.92 28.96
N LEU H 219 -37.87 -18.51 27.92
CA LEU H 219 -38.18 -18.97 26.57
C LEU H 219 -37.83 -20.44 26.39
N GLU H 220 -36.74 -20.88 27.02
CA GLU H 220 -36.39 -22.30 26.99
C GLU H 220 -37.42 -23.13 27.76
N LEU H 221 -37.95 -22.58 28.86
CA LEU H 221 -39.01 -23.26 29.58
C LEU H 221 -40.30 -23.32 28.75
N GLN H 222 -40.57 -22.26 27.99
CA GLN H 222 -41.71 -22.27 27.08
C GLN H 222 -41.56 -23.34 26.01
N LYS H 223 -40.35 -23.47 25.46
CA LYS H 223 -40.11 -24.50 24.44
C LYS H 223 -40.20 -25.90 25.05
N ASP H 224 -39.72 -26.07 26.28
CA ASP H 224 -39.87 -27.33 27.00
C ASP H 224 -41.34 -27.71 27.13
N VAL H 225 -42.17 -26.76 27.59
CA VAL H 225 -43.58 -27.02 27.83
C VAL H 225 -44.30 -27.32 26.52
N ARG H 226 -44.01 -26.56 25.45
CA ARG H 226 -44.68 -26.78 24.17
C ARG H 226 -44.28 -28.11 23.56
N LYS H 227 -43.00 -28.48 23.64
CA LYS H 227 -42.56 -29.75 23.06
C LYS H 227 -43.13 -30.93 23.85
N ALA H 228 -43.23 -30.78 25.18
CA ALA H 228 -43.85 -31.83 25.99
C ALA H 228 -45.33 -31.96 25.67
N GLU H 229 -46.01 -30.84 25.42
CA GLU H 229 -47.43 -30.91 25.02
C GLU H 229 -47.61 -31.59 23.68
N GLU H 230 -46.69 -31.35 22.74
CA GLU H 230 -46.79 -32.01 21.44
C GLU H 230 -46.52 -33.51 21.54
N GLU H 231 -45.55 -33.90 22.39
CA GLU H 231 -45.30 -35.33 22.61
C GLU H 231 -46.48 -36.02 23.28
N LEU H 232 -47.13 -35.33 24.23
CA LEU H 232 -48.33 -35.88 24.86
C LEU H 232 -49.46 -36.00 23.84
N GLY H 233 -49.55 -35.06 22.90
CA GLY H 233 -50.52 -35.17 21.83
C GLY H 233 -50.28 -36.39 20.95
N GLU H 234 -49.01 -36.66 20.64
CA GLU H 234 -48.64 -37.89 19.92
C GLU H 234 -49.13 -39.13 20.65
N LEU H 235 -48.82 -39.22 21.95
CA LEU H 235 -49.16 -40.43 22.70
C LEU H 235 -50.67 -40.59 22.87
N GLU H 236 -51.39 -39.47 23.06
CA GLU H 236 -52.85 -39.56 23.18
C GLU H 236 -53.50 -39.94 21.87
N ALA H 237 -52.97 -39.46 20.74
CA ALA H 237 -53.50 -39.88 19.44
C ALA H 237 -53.28 -41.38 19.23
N LYS H 238 -52.10 -41.89 19.58
CA LYS H 238 -51.84 -43.32 19.44
C LYS H 238 -52.75 -44.15 20.35
N LEU H 239 -53.01 -43.68 21.57
CA LEU H 239 -53.79 -44.47 22.50
C LEU H 239 -55.27 -44.44 22.12
N ASN H 240 -55.77 -43.29 21.64
CA ASN H 240 -57.11 -43.23 21.07
C ASN H 240 -57.27 -44.15 19.86
N GLU H 241 -56.24 -44.21 19.01
CA GLU H 241 -56.29 -45.10 17.85
C GLU H 241 -56.39 -46.57 18.27
N ASN H 242 -55.54 -46.97 19.23
CA ASN H 242 -55.58 -48.36 19.71
C ASN H 242 -56.91 -48.68 20.39
N LEU H 243 -57.47 -47.73 21.14
CA LEU H 243 -58.70 -48.01 21.87
C LEU H 243 -59.91 -48.09 20.95
N ARG H 244 -59.99 -47.21 19.94
CA ARG H 244 -61.12 -47.30 19.01
C ARG H 244 -60.96 -48.46 18.04
N ARG H 245 -59.74 -48.87 17.72
CA ARG H 245 -59.53 -50.09 16.97
C ARG H 245 -59.65 -51.34 17.84
N ASN H 246 -59.79 -51.17 19.16
CA ASN H 246 -59.93 -52.28 20.09
C ASN H 246 -61.37 -52.72 20.30
N ILE H 247 -62.33 -51.79 20.24
CA ILE H 247 -63.73 -52.02 20.60
C ILE H 247 -64.33 -53.19 19.83
N GLU H 248 -64.59 -54.29 20.54
CA GLU H 248 -64.95 -55.60 19.99
C GLU H 248 -63.93 -56.07 18.94
N ARG I 27 -25.70 -14.65 -37.56
CA ARG I 27 -24.97 -14.82 -38.81
C ARG I 27 -23.57 -15.37 -38.57
N GLN I 28 -22.94 -14.90 -37.49
CA GLN I 28 -21.61 -15.38 -37.13
C GLN I 28 -21.67 -16.84 -36.67
N GLN I 29 -22.71 -17.21 -35.93
CA GLN I 29 -22.87 -18.59 -35.51
C GLN I 29 -23.21 -19.49 -36.69
N ARG I 30 -24.00 -18.98 -37.65
CA ARG I 30 -24.49 -19.80 -38.75
C ARG I 30 -23.39 -20.17 -39.73
N LYS I 31 -22.38 -19.31 -39.91
CA LYS I 31 -21.33 -19.63 -40.87
C LYS I 31 -20.37 -20.68 -40.30
N ALA I 32 -20.06 -20.61 -39.01
CA ALA I 32 -19.28 -21.67 -38.38
C ALA I 32 -20.05 -22.97 -38.30
N GLU I 33 -21.39 -22.90 -38.13
CA GLU I 33 -22.20 -24.11 -38.15
C GLU I 33 -22.19 -24.75 -39.54
N ILE I 34 -22.31 -23.94 -40.59
CA ILE I 34 -22.22 -24.45 -41.96
C ILE I 34 -20.84 -25.03 -42.23
N MET I 35 -19.80 -24.39 -41.67
CA MET I 35 -18.43 -24.90 -41.80
C MET I 35 -18.28 -26.28 -41.16
N GLU I 36 -18.80 -26.45 -39.95
CA GLU I 36 -18.71 -27.75 -39.29
C GLU I 36 -19.54 -28.79 -40.03
N SER I 37 -20.68 -28.40 -40.61
CA SER I 37 -21.49 -29.34 -41.38
C SER I 37 -20.78 -29.80 -42.64
N ILE I 38 -20.17 -28.87 -43.40
CA ILE I 38 -19.45 -29.28 -44.61
C ILE I 38 -18.15 -30.01 -44.29
N LYS I 39 -17.59 -29.80 -43.10
CA LYS I 39 -16.46 -30.63 -42.67
C LYS I 39 -16.94 -32.04 -42.34
N ARG I 40 -18.13 -32.17 -41.77
CA ARG I 40 -18.67 -33.48 -41.42
C ARG I 40 -19.13 -34.25 -42.65
N LEU I 41 -19.53 -33.56 -43.71
CA LEU I 41 -20.04 -34.27 -44.89
C LEU I 41 -18.93 -34.83 -45.76
N TYR I 42 -17.86 -34.06 -45.98
CA TYR I 42 -16.72 -34.49 -46.79
C TYR I 42 -15.46 -34.35 -45.93
N PRO I 43 -15.20 -35.33 -45.05
CA PRO I 43 -14.11 -35.15 -44.08
C PRO I 43 -12.72 -35.27 -44.69
N GLY I 44 -12.54 -36.11 -45.69
CA GLY I 44 -11.25 -36.24 -46.34
C GLY I 44 -10.96 -35.22 -47.42
N SER I 45 -11.76 -34.15 -47.51
CA SER I 45 -11.61 -33.20 -48.61
C SER I 45 -11.79 -31.74 -48.18
N VAL I 46 -11.99 -31.45 -46.91
CA VAL I 46 -12.15 -30.08 -46.42
C VAL I 46 -11.04 -29.84 -45.40
N TYR I 47 -10.01 -29.10 -45.81
CA TYR I 47 -8.84 -28.91 -44.96
C TYR I 47 -9.02 -27.78 -43.95
N GLY I 48 -10.11 -27.03 -44.05
CA GLY I 48 -10.40 -25.95 -43.13
C GLY I 48 -10.18 -24.57 -43.75
N ARG I 49 -10.57 -23.56 -42.99
CA ARG I 49 -10.30 -22.18 -43.39
C ARG I 49 -8.81 -21.87 -43.25
N LEU I 50 -8.42 -20.72 -43.79
CA LEU I 50 -7.00 -20.39 -43.80
C LEU I 50 -6.51 -19.97 -42.42
N ILE I 51 -7.31 -19.20 -41.68
CA ILE I 51 -6.85 -18.70 -40.38
C ILE I 51 -6.71 -19.82 -39.35
N ASP I 52 -7.48 -20.89 -39.48
CA ASP I 52 -7.40 -21.99 -38.52
C ASP I 52 -6.16 -22.84 -38.71
N LEU I 53 -5.36 -22.60 -39.75
CA LEU I 53 -4.23 -23.47 -40.07
C LEU I 53 -2.87 -22.80 -39.91
N CYS I 54 -2.82 -21.53 -39.49
CA CYS I 54 -1.52 -20.86 -39.46
C CYS I 54 -1.53 -19.70 -38.48
N GLN I 55 -0.33 -19.11 -38.32
CA GLN I 55 0.01 -17.95 -37.51
C GLN I 55 1.45 -17.58 -37.82
N PRO I 56 1.78 -16.29 -37.96
CA PRO I 56 3.16 -15.90 -38.29
C PRO I 56 4.11 -16.13 -37.11
N THR I 57 5.40 -15.93 -37.40
CA THR I 57 6.44 -16.16 -36.40
C THR I 57 6.52 -15.02 -35.39
N GLN I 58 6.44 -13.78 -35.85
CA GLN I 58 6.47 -12.62 -34.97
C GLN I 58 5.05 -12.10 -34.76
N LYS I 59 4.95 -10.89 -34.20
CA LYS I 59 3.67 -10.29 -33.84
C LYS I 59 3.25 -9.19 -34.80
N LYS I 60 4.21 -8.36 -35.24
CA LYS I 60 3.94 -7.38 -36.29
C LYS I 60 3.61 -8.06 -37.61
N TYR I 61 4.20 -9.24 -37.83
CA TYR I 61 3.95 -9.97 -39.06
C TYR I 61 2.55 -10.57 -39.09
N GLN I 62 1.86 -10.63 -37.95
CA GLN I 62 0.43 -10.94 -37.97
C GLN I 62 -0.35 -9.86 -38.71
N ILE I 63 -0.05 -8.59 -38.41
CA ILE I 63 -0.70 -7.48 -39.11
C ILE I 63 -0.27 -7.47 -40.58
N ALA I 64 1.00 -7.77 -40.84
CA ALA I 64 1.47 -7.83 -42.22
C ALA I 64 0.77 -8.93 -43.02
N VAL I 65 0.58 -10.10 -42.40
CA VAL I 65 -0.08 -11.22 -43.05
C VAL I 65 -1.57 -10.94 -43.23
N THR I 66 -2.18 -10.21 -42.29
CA THR I 66 -3.55 -9.73 -42.48
C THR I 66 -3.64 -8.84 -43.72
N LYS I 67 -2.70 -7.91 -43.87
CA LYS I 67 -2.68 -7.03 -45.03
C LYS I 67 -2.49 -7.81 -46.33
N VAL I 68 -1.63 -8.83 -46.32
CA VAL I 68 -1.37 -9.59 -47.54
C VAL I 68 -2.58 -10.46 -47.91
N LEU I 69 -3.18 -11.13 -46.92
CA LEU I 69 -4.28 -12.04 -47.20
C LEU I 69 -5.57 -11.28 -47.55
N GLY I 70 -6.03 -10.43 -46.64
CA GLY I 70 -7.27 -9.69 -46.88
C GLY I 70 -8.50 -10.57 -46.86
N LYS I 71 -9.11 -10.77 -48.02
CA LYS I 71 -10.26 -11.66 -48.13
C LYS I 71 -9.87 -13.13 -48.07
N ASN I 72 -8.58 -13.44 -48.17
CA ASN I 72 -8.14 -14.83 -48.10
C ASN I 72 -8.19 -15.39 -46.70
N MET I 73 -8.29 -14.54 -45.67
CA MET I 73 -8.30 -15.04 -44.29
C MET I 73 -9.55 -15.85 -44.00
N ASP I 74 -10.67 -15.51 -44.63
CA ASP I 74 -11.91 -16.27 -44.48
C ASP I 74 -12.11 -17.29 -45.60
N ALA I 75 -11.09 -17.51 -46.43
CA ALA I 75 -11.21 -18.46 -47.54
C ALA I 75 -11.01 -19.89 -47.04
N ILE I 76 -11.94 -20.76 -47.40
CA ILE I 76 -11.91 -22.17 -47.00
C ILE I 76 -11.06 -22.93 -48.01
N ILE I 77 -10.20 -23.82 -47.52
CA ILE I 77 -9.35 -24.65 -48.36
C ILE I 77 -9.99 -26.03 -48.49
N VAL I 78 -10.29 -26.43 -49.73
CA VAL I 78 -10.85 -27.75 -50.00
C VAL I 78 -9.87 -28.54 -50.86
N ASP I 79 -10.22 -29.78 -51.17
CA ASP I 79 -9.33 -30.69 -51.88
C ASP I 79 -9.55 -30.66 -53.38
N SER I 80 -10.76 -30.99 -53.83
CA SER I 80 -11.03 -31.14 -55.24
C SER I 80 -12.02 -30.07 -55.72
N GLU I 81 -11.98 -29.82 -57.03
CA GLU I 81 -12.93 -28.92 -57.66
C GLU I 81 -14.36 -29.45 -57.56
N LYS I 82 -14.52 -30.77 -57.67
CA LYS I 82 -15.83 -31.40 -57.52
C LYS I 82 -16.41 -31.16 -56.12
N THR I 83 -15.58 -31.34 -55.09
CA THR I 83 -16.01 -31.00 -53.72
C THR I 83 -16.26 -29.52 -53.58
N GLY I 84 -15.56 -28.69 -54.37
CA GLY I 84 -15.83 -27.25 -54.35
C GLY I 84 -17.23 -26.92 -54.81
N ARG I 85 -17.62 -27.42 -55.99
CA ARG I 85 -18.97 -27.11 -56.47
C ARG I 85 -20.05 -27.84 -55.67
N ASP I 86 -19.73 -29.01 -55.11
CA ASP I 86 -20.67 -29.68 -54.22
C ASP I 86 -20.93 -28.87 -52.95
N CYS I 87 -19.86 -28.35 -52.33
CA CYS I 87 -20.02 -27.50 -51.16
C CYS I 87 -20.73 -26.20 -51.51
N ILE I 88 -20.50 -25.66 -52.71
CA ILE I 88 -21.18 -24.44 -53.14
C ILE I 88 -22.67 -24.68 -53.25
N GLN I 89 -23.08 -25.80 -53.86
CA GLN I 89 -24.51 -26.08 -53.99
C GLN I 89 -25.13 -26.42 -52.64
N TYR I 90 -24.39 -27.08 -51.74
CA TYR I 90 -24.93 -27.34 -50.41
C TYR I 90 -25.12 -26.04 -49.62
N ILE I 91 -24.20 -25.09 -49.77
CA ILE I 91 -24.36 -23.78 -49.13
C ILE I 91 -25.55 -23.05 -49.72
N LYS I 92 -25.73 -23.13 -51.04
CA LYS I 92 -26.86 -22.46 -51.68
C LYS I 92 -28.20 -23.07 -51.25
N GLU I 93 -28.25 -24.38 -51.00
CA GLU I 93 -29.49 -24.97 -50.49
C GLU I 93 -29.76 -24.57 -49.04
N GLN I 94 -28.70 -24.37 -48.24
CA GLN I 94 -28.86 -24.04 -46.84
C GLN I 94 -29.13 -22.56 -46.58
N ARG I 95 -29.16 -21.73 -47.63
CA ARG I 95 -29.44 -20.30 -47.55
C ARG I 95 -28.47 -19.59 -46.61
N GLY I 96 -27.18 -19.89 -46.76
CA GLY I 96 -26.16 -19.38 -45.88
C GLY I 96 -25.32 -18.28 -46.50
N GLU I 97 -24.31 -17.87 -45.75
CA GLU I 97 -23.37 -16.84 -46.19
C GLU I 97 -22.53 -17.36 -47.35
N PRO I 98 -22.51 -16.69 -48.50
CA PRO I 98 -21.66 -17.14 -49.61
C PRO I 98 -20.19 -16.95 -49.26
N GLU I 99 -19.40 -18.01 -49.47
CA GLU I 99 -17.98 -18.00 -49.12
C GLU I 99 -17.15 -18.37 -50.35
N THR I 100 -15.83 -18.30 -50.19
CA THR I 100 -14.89 -18.54 -51.28
C THR I 100 -14.04 -19.75 -50.94
N PHE I 101 -13.99 -20.72 -51.86
CA PHE I 101 -13.24 -21.95 -51.66
C PHE I 101 -11.98 -21.94 -52.51
N LEU I 102 -10.95 -22.64 -52.01
CA LEU I 102 -9.68 -22.79 -52.71
C LEU I 102 -9.43 -24.27 -52.96
N PRO I 103 -9.69 -24.78 -54.16
CA PRO I 103 -9.33 -26.16 -54.46
C PRO I 103 -7.83 -26.32 -54.59
N LEU I 104 -7.38 -27.57 -54.60
CA LEU I 104 -5.96 -27.87 -54.75
C LEU I 104 -5.61 -28.52 -56.08
N ASP I 105 -6.45 -29.42 -56.59
CA ASP I 105 -6.19 -30.00 -57.89
C ASP I 105 -6.39 -28.97 -59.01
N TYR I 106 -7.38 -28.08 -58.83
CA TYR I 106 -7.79 -27.15 -59.87
C TYR I 106 -7.04 -25.82 -59.81
N LEU I 107 -6.51 -25.45 -58.66
CA LEU I 107 -5.79 -24.19 -58.52
C LEU I 107 -4.47 -24.24 -59.27
N GLU I 108 -4.22 -23.23 -60.10
CA GLU I 108 -2.97 -23.10 -60.82
C GLU I 108 -2.19 -21.91 -60.29
N VAL I 109 -0.95 -22.17 -59.87
CA VAL I 109 -0.02 -21.14 -59.42
C VAL I 109 1.28 -21.29 -60.20
N LYS I 110 2.12 -20.27 -60.08
CA LYS I 110 3.53 -20.30 -60.47
C LYS I 110 4.36 -20.59 -59.22
N PRO I 111 5.43 -21.39 -59.34
CA PRO I 111 6.26 -21.69 -58.17
C PRO I 111 6.91 -20.44 -57.59
N THR I 112 7.12 -20.47 -56.28
CA THR I 112 7.75 -19.35 -55.59
C THR I 112 9.17 -19.16 -56.08
N ASP I 113 9.50 -17.90 -56.42
CA ASP I 113 10.82 -17.55 -56.90
C ASP I 113 11.81 -17.74 -55.76
N GLU I 114 12.53 -18.87 -55.79
CA GLU I 114 13.48 -19.19 -54.73
C GLU I 114 14.68 -18.24 -54.73
N LYS I 115 14.93 -17.56 -55.86
CA LYS I 115 15.94 -16.51 -55.91
C LYS I 115 15.64 -15.37 -54.95
N LEU I 116 14.39 -15.22 -54.51
CA LEU I 116 14.01 -14.22 -53.52
C LEU I 116 14.41 -14.62 -52.11
N ARG I 117 15.03 -15.78 -51.91
CA ARG I 117 15.64 -16.07 -50.62
C ARG I 117 16.95 -15.33 -50.45
N GLU I 118 17.62 -14.98 -51.55
CA GLU I 118 18.89 -14.24 -51.54
C GLU I 118 18.70 -12.73 -51.56
N LEU I 119 17.69 -12.22 -50.86
CA LEU I 119 17.34 -10.81 -50.89
C LEU I 119 17.91 -10.07 -49.68
N LYS I 120 18.28 -8.81 -49.91
CA LYS I 120 19.13 -8.09 -48.96
C LYS I 120 18.35 -7.62 -47.73
N GLY I 121 17.09 -7.21 -47.92
CA GLY I 121 16.39 -6.57 -46.83
C GLY I 121 15.00 -7.06 -46.51
N ALA I 122 14.67 -8.31 -46.85
CA ALA I 122 13.36 -8.86 -46.53
C ALA I 122 13.42 -10.37 -46.49
N LYS I 123 12.33 -10.96 -46.00
CA LYS I 123 12.13 -12.40 -45.99
C LYS I 123 10.75 -12.68 -46.57
N LEU I 124 10.58 -13.89 -47.12
CA LEU I 124 9.36 -14.23 -47.84
C LEU I 124 8.18 -14.29 -46.88
N VAL I 125 7.02 -13.84 -47.36
CA VAL I 125 5.83 -13.82 -46.49
C VAL I 125 5.34 -15.23 -46.24
N ILE I 126 5.49 -16.14 -47.21
CA ILE I 126 4.97 -17.50 -47.06
C ILE I 126 5.82 -18.27 -46.04
N ASP I 127 7.12 -17.98 -45.97
CA ASP I 127 7.97 -18.61 -44.97
C ASP I 127 7.73 -18.08 -43.56
N VAL I 128 7.04 -16.95 -43.43
CA VAL I 128 6.64 -16.46 -42.11
C VAL I 128 5.42 -17.22 -41.61
N ILE I 129 4.56 -17.66 -42.54
CA ILE I 129 3.33 -18.38 -42.22
C ILE I 129 3.63 -19.87 -42.15
N ARG I 130 3.00 -20.57 -41.19
CA ARG I 130 3.29 -21.97 -40.93
C ARG I 130 2.06 -22.83 -41.23
N TYR I 131 2.21 -23.82 -42.10
CA TYR I 131 1.10 -24.63 -42.59
C TYR I 131 1.34 -26.08 -42.20
N GLU I 132 0.61 -26.56 -41.19
CA GLU I 132 0.85 -27.92 -40.68
C GLU I 132 0.41 -29.01 -41.66
N PRO I 133 -0.78 -28.98 -42.27
CA PRO I 133 -1.06 -29.99 -43.31
C PRO I 133 -0.23 -29.72 -44.55
N PRO I 134 0.47 -30.74 -45.05
CA PRO I 134 1.30 -30.57 -46.24
C PRO I 134 0.43 -30.50 -47.48
N HIS I 135 1.10 -30.35 -48.63
CA HIS I 135 0.56 -30.24 -49.98
C HIS I 135 -0.56 -29.21 -50.16
N ILE I 136 -0.78 -28.35 -49.16
CA ILE I 136 -1.60 -27.15 -49.33
C ILE I 136 -0.75 -25.94 -49.73
N LYS I 137 0.55 -26.16 -50.01
CA LYS I 137 1.48 -25.09 -50.35
C LYS I 137 1.02 -24.27 -51.55
N LYS I 138 0.25 -24.87 -52.45
CA LYS I 138 -0.27 -24.14 -53.59
C LYS I 138 -1.31 -23.10 -53.17
N ALA I 139 -2.04 -23.34 -52.08
CA ALA I 139 -3.03 -22.37 -51.61
C ALA I 139 -2.37 -21.12 -51.08
N LEU I 140 -1.35 -21.28 -50.23
CA LEU I 140 -0.61 -20.12 -49.75
C LEU I 140 0.29 -19.53 -50.82
N GLN I 141 0.65 -20.31 -51.85
CA GLN I 141 1.35 -19.75 -53.01
C GLN I 141 0.41 -18.85 -53.81
N TYR I 142 -0.86 -19.22 -53.91
CA TYR I 142 -1.84 -18.39 -54.57
C TYR I 142 -2.13 -17.13 -53.76
N ALA I 143 -2.27 -17.27 -52.44
CA ALA I 143 -2.63 -16.14 -51.60
C ALA I 143 -1.46 -15.17 -51.41
N CYS I 144 -0.23 -15.70 -51.33
CA CYS I 144 0.96 -14.91 -51.04
C CYS I 144 1.77 -14.58 -52.29
N GLY I 145 2.11 -15.60 -53.08
CA GLY I 145 2.92 -15.35 -54.27
C GLY I 145 4.36 -15.07 -53.90
N ASN I 146 4.96 -14.12 -54.62
CA ASN I 146 6.32 -13.67 -54.36
C ASN I 146 6.35 -12.38 -53.55
N ALA I 147 5.51 -12.29 -52.52
CA ALA I 147 5.44 -11.10 -51.68
C ALA I 147 6.47 -11.19 -50.55
N LEU I 148 6.94 -10.02 -50.11
CA LEU I 148 7.99 -9.93 -49.10
C LEU I 148 7.54 -8.95 -48.01
N VAL I 149 7.99 -9.23 -46.78
CA VAL I 149 7.66 -8.43 -45.61
C VAL I 149 8.95 -7.79 -45.07
N CYS I 150 8.89 -6.47 -44.78
CA CYS I 150 10.05 -5.64 -44.47
C CYS I 150 9.98 -5.05 -43.06
N ASP I 151 11.02 -4.32 -42.67
CA ASP I 151 11.20 -3.84 -41.31
C ASP I 151 10.60 -2.45 -41.13
N ASN I 152 10.57 -1.67 -42.23
CA ASN I 152 9.94 -0.35 -42.17
C ASN I 152 9.40 0.00 -43.56
N VAL I 153 8.87 1.22 -43.68
CA VAL I 153 8.28 1.64 -44.94
C VAL I 153 9.35 1.86 -45.99
N GLU I 154 10.46 2.51 -45.61
CA GLU I 154 11.48 2.86 -46.59
C GLU I 154 12.32 1.66 -47.02
N ASP I 155 12.40 0.61 -46.20
CA ASP I 155 13.08 -0.62 -46.64
C ASP I 155 12.29 -1.30 -47.77
N ALA I 156 10.98 -1.46 -47.58
CA ALA I 156 10.14 -1.98 -48.65
C ALA I 156 10.12 -1.03 -49.85
N ARG I 157 10.24 0.27 -49.60
CA ARG I 157 10.37 1.23 -50.69
C ARG I 157 11.64 1.00 -51.49
N ARG I 158 12.73 0.66 -50.79
CA ARG I 158 14.00 0.38 -51.47
C ARG I 158 13.92 -0.90 -52.29
N ILE I 159 13.30 -1.95 -51.75
CA ILE I 159 13.21 -3.19 -52.53
C ILE I 159 12.19 -3.05 -53.67
N ALA I 160 11.17 -2.22 -53.52
CA ALA I 160 10.16 -2.08 -54.56
C ALA I 160 10.52 -1.05 -55.63
N PHE I 161 11.36 -0.07 -55.30
CA PHE I 161 11.70 1.01 -56.23
C PHE I 161 13.19 1.06 -56.59
N GLY I 162 14.02 0.20 -56.02
CA GLY I 162 15.46 0.33 -56.21
C GLY I 162 16.06 -0.59 -57.24
N GLY I 163 15.49 -1.79 -57.40
CA GLY I 163 15.99 -2.73 -58.37
C GLY I 163 15.41 -2.51 -59.75
N HIS I 164 16.01 -3.18 -60.73
CA HIS I 164 15.51 -3.12 -62.10
C HIS I 164 14.28 -3.98 -62.31
N GLN I 165 13.89 -4.78 -61.32
CA GLN I 165 12.65 -5.55 -61.35
C GLN I 165 11.85 -5.22 -60.09
N ARG I 166 10.57 -4.89 -60.26
CA ARG I 166 9.74 -4.51 -59.14
C ARG I 166 9.17 -5.76 -58.46
N HIS I 167 8.95 -5.66 -57.14
CA HIS I 167 8.44 -6.77 -56.36
C HIS I 167 7.41 -6.28 -55.37
N LYS I 168 6.35 -7.07 -55.21
CA LYS I 168 5.27 -6.77 -54.27
C LYS I 168 5.79 -6.92 -52.85
N THR I 169 5.84 -5.81 -52.10
CA THR I 169 6.46 -5.79 -50.79
C THR I 169 5.58 -5.04 -49.80
N VAL I 170 5.50 -5.56 -48.58
CA VAL I 170 4.70 -4.96 -47.51
C VAL I 170 5.62 -4.70 -46.32
N ALA I 171 5.31 -3.67 -45.54
CA ALA I 171 6.08 -3.30 -44.35
C ALA I 171 5.39 -3.88 -43.11
N LEU I 172 5.83 -3.46 -41.90
CA LEU I 172 5.18 -3.95 -40.69
C LEU I 172 3.84 -3.25 -40.53
N ASP I 173 3.73 -2.05 -41.07
CA ASP I 173 2.58 -1.19 -41.09
C ASP I 173 1.61 -1.67 -42.14
N GLY I 174 0.46 -1.00 -42.20
CA GLY I 174 -0.54 -1.38 -43.18
C GLY I 174 -0.17 -1.03 -44.61
N THR I 175 0.85 -0.19 -44.80
CA THR I 175 1.23 0.25 -46.13
C THR I 175 1.74 -0.90 -46.99
N LEU I 176 1.18 -1.03 -48.18
CA LEU I 176 1.52 -2.08 -49.13
C LEU I 176 2.01 -1.45 -50.42
N PHE I 177 3.07 -2.02 -50.99
CA PHE I 177 3.70 -1.49 -52.19
C PHE I 177 3.43 -2.46 -53.33
N GLN I 178 2.47 -2.10 -54.19
CA GLN I 178 2.13 -2.93 -55.32
C GLN I 178 3.23 -2.86 -56.40
N LYS I 179 3.10 -3.73 -57.40
CA LYS I 179 4.06 -3.73 -58.50
C LYS I 179 3.96 -2.47 -59.34
N SER I 180 2.76 -1.91 -59.47
CA SER I 180 2.60 -0.64 -60.17
C SER I 180 3.15 0.53 -59.37
N GLY I 181 3.31 0.36 -58.05
CA GLY I 181 3.74 1.42 -57.18
C GLY I 181 2.63 2.05 -56.36
N VAL I 182 1.41 1.54 -56.47
CA VAL I 182 0.27 2.11 -55.75
C VAL I 182 0.44 1.83 -54.26
N ILE I 183 0.21 2.85 -53.44
CA ILE I 183 0.52 2.79 -52.02
C ILE I 183 -0.74 2.50 -51.19
N SER I 184 -1.33 1.32 -51.39
CA SER I 184 -2.51 0.92 -50.63
C SER I 184 -2.13 0.58 -49.20
N GLY I 185 -3.11 0.73 -48.29
CA GLY I 185 -2.93 0.39 -46.91
C GLY I 185 -3.36 1.50 -45.98
N GLY I 186 -2.88 1.44 -44.74
CA GLY I 186 -3.24 2.42 -43.73
C GLY I 186 -4.68 2.33 -43.28
N ALA I 187 -5.18 1.13 -43.03
CA ALA I 187 -6.58 0.92 -42.68
C ALA I 187 -6.67 0.48 -41.22
N SER I 188 -7.53 1.15 -40.45
CA SER I 188 -7.76 0.73 -39.07
C SER I 188 -8.57 -0.56 -39.00
N ASP I 189 -9.33 -0.85 -40.06
CA ASP I 189 -10.11 -2.08 -40.13
C ASP I 189 -9.19 -3.30 -40.10
N LEU I 190 -8.07 -3.23 -40.82
CA LEU I 190 -7.16 -4.36 -40.92
C LEU I 190 -6.29 -4.49 -39.68
N LYS I 191 -5.89 -3.35 -39.12
CA LYS I 191 -5.23 -3.31 -37.82
C LYS I 191 -6.11 -3.94 -36.74
N ALA I 192 -7.43 -3.75 -36.84
CA ALA I 192 -8.35 -4.42 -35.93
C ALA I 192 -8.58 -5.88 -36.33
N LYS I 193 -8.41 -6.21 -37.62
CA LYS I 193 -8.53 -7.59 -38.07
C LYS I 193 -7.39 -8.45 -37.54
N ALA I 194 -6.27 -7.84 -37.14
CA ALA I 194 -5.22 -8.58 -36.42
C ALA I 194 -5.70 -9.16 -35.08
N ARG I 195 -6.75 -8.57 -34.48
CA ARG I 195 -7.32 -9.15 -33.27
C ARG I 195 -7.86 -10.55 -33.50
N ARG I 196 -8.30 -10.84 -34.73
CA ARG I 196 -8.72 -12.20 -35.07
C ARG I 196 -7.54 -13.17 -35.03
N TRP I 197 -6.33 -12.69 -35.37
CA TRP I 197 -5.15 -13.52 -35.16
C TRP I 197 -4.91 -13.74 -33.67
N ASP I 198 -5.13 -12.70 -32.85
CA ASP I 198 -5.02 -12.91 -31.42
C ASP I 198 -6.19 -13.72 -30.84
N GLU I 199 -7.37 -13.64 -31.45
CA GLU I 199 -8.55 -14.33 -30.93
C GLU I 199 -8.52 -15.82 -31.24
N ASN J 13 -71.73 16.18 -54.72
CA ASN J 13 -71.45 15.92 -53.30
C ASN J 13 -70.57 14.68 -53.14
N TYR J 14 -70.44 13.92 -54.21
CA TYR J 14 -69.71 12.66 -54.19
C TYR J 14 -68.28 12.79 -54.71
N LEU J 15 -67.81 14.01 -54.94
CA LEU J 15 -66.55 14.24 -55.66
C LEU J 15 -65.36 14.39 -54.72
N TRP J 16 -65.54 15.13 -53.62
CA TRP J 16 -64.43 15.40 -52.70
C TRP J 16 -63.95 14.13 -52.00
N ARG J 17 -64.85 13.18 -51.74
CA ARG J 17 -64.44 11.92 -51.15
C ARG J 17 -63.57 11.11 -52.11
N GLU J 18 -63.92 11.13 -53.40
CA GLU J 18 -63.09 10.50 -54.42
C GLU J 18 -61.73 11.18 -54.52
N GLU J 19 -61.70 12.51 -54.39
CA GLU J 19 -60.44 13.24 -54.42
C GLU J 19 -59.56 12.88 -53.23
N ASN J 20 -60.16 12.77 -52.04
CA ASN J 20 -59.40 12.38 -50.85
C ASN J 20 -58.87 10.95 -50.97
N ALA J 21 -59.67 10.04 -51.54
CA ALA J 21 -59.22 8.67 -51.74
C ALA J 21 -58.05 8.60 -52.72
N GLU J 22 -58.12 9.36 -53.82
CA GLU J 22 -57.03 9.35 -54.78
C GLU J 22 -55.77 10.00 -54.21
N GLN J 23 -55.93 11.00 -53.34
CA GLN J 23 -54.77 11.59 -52.68
C GLN J 23 -54.13 10.61 -51.71
N GLN J 24 -54.93 9.84 -50.97
CA GLN J 24 -54.37 8.85 -50.08
C GLN J 24 -53.66 7.75 -50.86
N ALA J 25 -54.16 7.42 -52.06
CA ALA J 25 -53.44 6.48 -52.94
C ALA J 25 -52.09 7.05 -53.37
N LEU J 26 -52.08 8.34 -53.74
CA LEU J 26 -50.82 9.00 -54.12
C LEU J 26 -49.82 9.01 -52.96
N ALA J 27 -50.30 9.31 -51.75
CA ALA J 27 -49.43 9.33 -50.58
C ALA J 27 -48.91 7.94 -50.24
N ALA J 28 -49.72 6.91 -50.46
CA ALA J 28 -49.24 5.54 -50.26
C ALA J 28 -48.13 5.19 -51.25
N LYS J 29 -48.31 5.56 -52.53
CA LYS J 29 -47.27 5.29 -53.52
C LYS J 29 -46.00 6.06 -53.22
N ARG J 30 -46.13 7.28 -52.70
CA ARG J 30 -44.95 8.08 -52.37
C ARG J 30 -44.22 7.53 -51.15
N GLU J 31 -44.96 7.04 -50.15
CA GLU J 31 -44.32 6.39 -49.01
C GLU J 31 -43.61 5.11 -49.42
N ASP J 32 -44.22 4.36 -50.35
CA ASP J 32 -43.57 3.15 -50.87
C ASP J 32 -42.29 3.49 -51.62
N LEU J 33 -42.32 4.55 -52.43
CA LEU J 33 -41.13 4.96 -53.18
C LEU J 33 -40.03 5.44 -52.23
N GLU J 34 -40.39 6.20 -51.20
CA GLU J 34 -39.41 6.63 -50.20
C GLU J 34 -38.80 5.45 -49.47
N LYS J 35 -39.61 4.44 -49.14
CA LYS J 35 -39.09 3.29 -48.42
C LYS J 35 -38.15 2.46 -49.29
N LYS J 36 -38.48 2.29 -50.57
CA LYS J 36 -37.61 1.51 -51.44
C LYS J 36 -36.33 2.27 -51.79
N GLN J 37 -36.42 3.60 -51.91
CA GLN J 37 -35.21 4.42 -52.04
C GLN J 37 -34.34 4.30 -50.79
N GLN J 38 -34.96 4.25 -49.60
CA GLN J 38 -34.21 4.06 -48.37
C GLN J 38 -33.55 2.68 -48.32
N LEU J 39 -34.21 1.66 -48.88
CA LEU J 39 -33.59 0.35 -49.01
C LEU J 39 -32.35 0.40 -49.87
N LEU J 40 -32.43 1.08 -51.02
CA LEU J 40 -31.25 1.24 -51.88
C LEU J 40 -30.16 2.02 -51.16
N ARG J 41 -30.53 3.06 -50.41
CA ARG J 41 -29.54 3.87 -49.70
C ARG J 41 -28.86 3.10 -48.58
N ALA J 42 -29.60 2.19 -47.93
CA ALA J 42 -28.99 1.34 -46.92
C ALA J 42 -28.07 0.30 -47.56
N ALA J 43 -28.47 -0.25 -48.70
CA ALA J 43 -27.64 -1.25 -49.38
C ALA J 43 -26.45 -0.64 -50.11
N THR J 44 -26.42 0.68 -50.28
CA THR J 44 -25.30 1.34 -50.96
C THR J 44 -24.10 1.50 -50.03
N GLY J 45 -24.32 2.03 -48.83
CA GLY J 45 -23.24 2.31 -47.90
C GLY J 45 -23.15 3.79 -47.56
N LYS J 46 -22.63 4.11 -46.38
CA LYS J 46 -22.61 5.50 -45.94
C LYS J 46 -21.51 6.30 -46.63
N ALA J 47 -20.35 5.69 -46.88
CA ALA J 47 -19.23 6.39 -47.47
C ALA J 47 -19.45 6.66 -48.95
N ILE J 48 -20.01 5.68 -49.67
CA ILE J 48 -20.29 5.87 -51.09
C ILE J 48 -21.39 6.93 -51.28
N LEU J 49 -22.39 6.94 -50.40
CA LEU J 49 -23.46 7.93 -50.52
C LEU J 49 -22.97 9.32 -50.13
N ASN J 50 -22.09 9.41 -49.12
CA ASN J 50 -21.47 10.70 -48.80
C ASN J 50 -20.60 11.18 -49.95
N GLY J 51 -19.92 10.26 -50.63
CA GLY J 51 -19.17 10.62 -51.83
C GLY J 51 -20.07 11.16 -52.93
N ILE J 52 -21.20 10.50 -53.18
CA ILE J 52 -22.13 10.94 -54.21
C ILE J 52 -22.69 12.32 -53.87
N ASP J 53 -23.11 12.51 -52.62
CA ASP J 53 -23.72 13.77 -52.22
C ASP J 53 -22.70 14.91 -52.23
N SER J 54 -21.45 14.62 -51.85
CA SER J 54 -20.42 15.65 -51.89
C SER J 54 -19.98 15.96 -53.32
N ILE J 55 -20.03 14.97 -54.23
CA ILE J 55 -19.77 15.24 -55.64
C ILE J 55 -20.84 16.16 -56.20
N ASN J 56 -22.10 15.92 -55.82
CA ASN J 56 -23.19 16.79 -56.24
C ASN J 56 -23.01 18.20 -55.67
N LYS J 57 -22.52 18.30 -54.43
CA LYS J 57 -22.23 19.62 -53.86
C LYS J 57 -21.10 20.33 -54.59
N VAL J 58 -20.05 19.59 -54.96
CA VAL J 58 -18.95 20.16 -55.74
C VAL J 58 -19.45 20.68 -57.08
N LEU J 59 -20.31 19.91 -57.76
CA LEU J 59 -20.79 20.36 -59.07
C LEU J 59 -21.76 21.52 -58.96
N ASP J 60 -22.56 21.59 -57.89
CA ASP J 60 -23.46 22.72 -57.69
C ASP J 60 -22.67 23.99 -57.39
N HIS J 61 -21.70 23.90 -56.47
CA HIS J 61 -20.82 25.03 -56.16
C HIS J 61 -19.90 25.37 -57.34
N PHE J 62 -19.70 24.42 -58.26
CA PHE J 62 -18.86 24.59 -59.43
C PHE J 62 -19.57 25.35 -60.53
N ARG J 63 -20.86 25.05 -60.75
CA ARG J 63 -21.63 25.81 -61.72
C ARG J 63 -22.12 27.14 -61.14
N ARG J 64 -22.29 27.22 -59.82
CA ARG J 64 -22.81 28.44 -59.20
C ARG J 64 -21.86 29.61 -59.39
N LYS J 65 -20.55 29.36 -59.42
CA LYS J 65 -19.57 30.36 -59.78
C LYS J 65 -19.10 30.23 -61.22
N GLY J 66 -19.48 29.14 -61.91
CA GLY J 66 -19.23 29.00 -63.33
C GLY J 66 -17.78 28.84 -63.71
N ILE J 67 -17.07 27.89 -63.11
CA ILE J 67 -15.68 27.63 -63.46
C ILE J 67 -15.57 26.23 -64.03
N ASN J 68 -14.63 26.07 -64.97
CA ASN J 68 -14.28 24.81 -65.62
C ASN J 68 -15.51 24.12 -66.23
N GLN J 69 -16.15 24.83 -67.17
CA GLN J 69 -17.31 24.26 -67.85
C GLN J 69 -16.92 23.10 -68.76
N HIS J 70 -15.67 23.08 -69.22
CA HIS J 70 -15.14 21.92 -69.92
C HIS J 70 -15.06 20.70 -69.00
N VAL J 71 -14.82 20.93 -67.71
CA VAL J 71 -14.77 19.86 -66.72
C VAL J 71 -16.19 19.42 -66.33
N GLN J 72 -17.16 20.34 -66.42
CA GLN J 72 -18.49 20.11 -65.86
C GLN J 72 -19.24 19.01 -66.62
N ASN J 73 -19.23 19.07 -67.95
CA ASN J 73 -19.91 18.05 -68.74
C ASN J 73 -19.09 16.77 -68.87
N GLY J 74 -17.93 16.68 -68.24
CA GLY J 74 -17.07 15.51 -68.26
C GLY J 74 -17.33 14.51 -67.16
N TYR J 75 -18.26 14.78 -66.25
CA TYR J 75 -18.66 13.84 -65.21
C TYR J 75 -20.02 13.28 -65.57
N HIS J 76 -20.11 11.95 -65.70
CA HIS J 76 -21.33 11.31 -66.19
C HIS J 76 -22.03 10.45 -65.15
N GLY J 77 -21.49 10.32 -63.95
CA GLY J 77 -22.15 9.59 -62.89
C GLY J 77 -21.50 8.23 -62.64
N ILE J 78 -22.20 7.41 -61.87
CA ILE J 78 -21.69 6.11 -61.47
C ILE J 78 -21.93 5.09 -62.56
N VAL J 79 -21.31 3.91 -62.41
CA VAL J 79 -21.47 2.84 -63.40
C VAL J 79 -22.88 2.28 -63.35
N MET J 80 -23.45 2.15 -62.15
CA MET J 80 -24.76 1.53 -61.98
C MET J 80 -25.87 2.34 -62.63
N ASN J 81 -25.72 3.66 -62.72
CA ASN J 81 -26.71 4.51 -63.37
C ASN J 81 -26.39 4.77 -64.83
N ASN J 82 -25.42 4.06 -65.41
CA ASN J 82 -25.01 4.28 -66.80
C ASN J 82 -25.20 3.03 -67.66
N PHE J 83 -25.97 2.06 -67.19
CA PHE J 83 -26.32 0.90 -68.01
C PHE J 83 -27.62 0.30 -67.50
N GLU J 84 -28.28 -0.45 -68.38
CA GLU J 84 -29.44 -1.26 -68.02
C GLU J 84 -29.27 -2.64 -68.64
N CYS J 85 -29.78 -3.65 -67.94
CA CYS J 85 -29.75 -5.03 -68.42
C CYS J 85 -31.06 -5.71 -68.04
N GLU J 86 -31.30 -6.86 -68.65
CA GLU J 86 -32.47 -7.65 -68.31
C GLU J 86 -32.33 -8.21 -66.90
N PRO J 87 -33.45 -8.35 -66.16
CA PRO J 87 -33.36 -8.62 -64.72
C PRO J 87 -32.72 -9.95 -64.34
N ALA J 88 -32.75 -10.96 -65.23
CA ALA J 88 -32.17 -12.26 -64.91
C ALA J 88 -30.66 -12.21 -64.72
N PHE J 89 -29.99 -11.20 -65.27
CA PHE J 89 -28.56 -11.02 -65.05
C PHE J 89 -28.25 -10.27 -63.76
N TYR J 90 -29.28 -9.79 -63.05
CA TYR J 90 -29.10 -8.86 -61.93
C TYR J 90 -28.22 -9.44 -60.83
N THR J 91 -28.33 -10.75 -60.58
CA THR J 91 -27.46 -11.38 -59.59
C THR J 91 -26.04 -11.53 -60.12
N CYS J 92 -25.90 -11.94 -61.38
CA CYS J 92 -24.59 -12.32 -61.88
C CYS J 92 -23.73 -11.11 -62.26
N VAL J 93 -24.36 -9.99 -62.61
CA VAL J 93 -23.58 -8.79 -62.93
C VAL J 93 -23.02 -8.16 -61.65
N GLU J 94 -23.89 -7.96 -60.65
CA GLU J 94 -23.54 -7.23 -59.44
C GLU J 94 -22.32 -7.80 -58.74
N VAL J 95 -22.38 -9.08 -58.36
CA VAL J 95 -21.27 -9.70 -57.65
C VAL J 95 -20.03 -9.82 -58.53
N THR J 96 -20.16 -9.66 -59.85
CA THR J 96 -18.96 -9.61 -60.69
C THR J 96 -18.25 -8.28 -60.55
N ALA J 97 -19.00 -7.19 -60.40
CA ALA J 97 -18.40 -5.87 -60.24
C ALA J 97 -18.39 -5.38 -58.80
N GLY J 98 -19.43 -5.70 -58.04
CA GLY J 98 -19.47 -5.33 -56.63
C GLY J 98 -19.50 -3.82 -56.46
N ASN J 99 -18.55 -3.32 -55.65
CA ASN J 99 -18.42 -1.89 -55.45
C ASN J 99 -17.93 -1.16 -56.70
N ARG J 100 -17.49 -1.88 -57.72
CA ARG J 100 -17.24 -1.29 -59.04
C ARG J 100 -18.50 -0.76 -59.68
N LEU J 101 -19.69 -1.13 -59.17
CA LEU J 101 -20.93 -0.45 -59.53
C LEU J 101 -20.90 1.04 -59.23
N PHE J 102 -20.07 1.48 -58.27
CA PHE J 102 -20.11 2.84 -57.78
C PHE J 102 -18.86 3.63 -58.16
N TYR J 103 -18.11 3.18 -59.16
CA TYR J 103 -17.03 3.97 -59.70
C TYR J 103 -17.59 5.12 -60.53
N HIS J 104 -16.90 6.26 -60.50
CA HIS J 104 -17.36 7.45 -61.19
C HIS J 104 -16.74 7.49 -62.59
N ILE J 105 -17.58 7.43 -63.61
CA ILE J 105 -17.13 7.44 -65.00
C ILE J 105 -16.94 8.89 -65.43
N VAL J 106 -15.71 9.25 -65.78
CA VAL J 106 -15.36 10.60 -66.20
C VAL J 106 -14.53 10.53 -67.47
N ASP J 107 -14.41 11.68 -68.15
CA ASP J 107 -13.79 11.71 -69.47
C ASP J 107 -12.28 11.51 -69.39
N SER J 108 -11.60 12.20 -68.47
CA SER J 108 -10.15 12.16 -68.41
C SER J 108 -9.73 12.20 -66.94
N ASP J 109 -8.41 12.29 -66.72
CA ASP J 109 -7.88 12.51 -65.38
C ASP J 109 -7.94 13.98 -64.98
N GLU J 110 -8.17 14.88 -65.95
CA GLU J 110 -8.24 16.31 -65.66
C GLU J 110 -9.47 16.64 -64.81
N VAL J 111 -10.64 16.15 -65.23
CA VAL J 111 -11.87 16.35 -64.47
C VAL J 111 -11.78 15.69 -63.10
N SER J 112 -11.15 14.51 -63.02
CA SER J 112 -10.97 13.84 -61.73
C SER J 112 -10.10 14.67 -60.79
N THR J 113 -8.99 15.20 -61.31
CA THR J 113 -8.08 15.95 -60.45
C THR J 113 -8.69 17.28 -60.02
N LYS J 114 -9.45 17.94 -60.90
CA LYS J 114 -10.10 19.19 -60.51
C LYS J 114 -11.21 18.94 -59.48
N ILE J 115 -11.95 17.83 -59.64
CA ILE J 115 -12.94 17.43 -58.67
C ILE J 115 -12.30 17.17 -57.30
N LEU J 116 -11.17 16.46 -57.29
CA LEU J 116 -10.51 16.17 -56.02
C LEU J 116 -9.88 17.43 -55.41
N MET J 117 -9.47 18.38 -56.25
CA MET J 117 -9.01 19.67 -55.75
C MET J 117 -10.10 20.40 -55.00
N GLU J 118 -11.28 20.53 -55.61
CA GLU J 118 -12.39 21.17 -54.90
C GLU J 118 -12.85 20.33 -53.71
N PHE J 119 -12.68 19.00 -53.80
CA PHE J 119 -13.08 18.08 -52.75
C PHE J 119 -12.27 18.32 -51.47
N ASN J 120 -10.95 18.30 -51.58
CA ASN J 120 -10.13 18.52 -50.39
C ASN J 120 -10.02 19.98 -50.01
N LYS J 121 -10.32 20.91 -50.93
CA LYS J 121 -10.34 22.32 -50.56
C LYS J 121 -11.56 22.64 -49.69
N MET J 122 -12.75 22.21 -50.11
CA MET J 122 -13.92 22.44 -49.29
C MET J 122 -14.04 21.44 -48.14
N ASN J 123 -13.21 20.39 -48.14
CA ASN J 123 -13.19 19.31 -47.15
C ASN J 123 -14.56 18.68 -46.98
N LEU J 124 -14.93 17.81 -47.92
CA LEU J 124 -16.19 17.12 -47.88
C LEU J 124 -15.94 15.61 -47.74
N PRO J 125 -16.82 14.89 -47.04
CA PRO J 125 -16.55 13.48 -46.75
C PRO J 125 -17.06 12.54 -47.83
N GLY J 126 -16.61 11.29 -47.73
CA GLY J 126 -17.07 10.24 -48.64
C GLY J 126 -15.96 9.60 -49.46
N GLU J 127 -16.18 8.36 -49.87
CA GLU J 127 -15.27 7.65 -50.75
C GLU J 127 -15.67 7.87 -52.20
N VAL J 128 -14.71 8.27 -53.03
CA VAL J 128 -14.91 8.36 -54.47
C VAL J 128 -13.79 7.59 -55.16
N THR J 129 -14.16 6.76 -56.13
CA THR J 129 -13.21 6.04 -56.96
C THR J 129 -13.51 6.39 -58.41
N PHE J 130 -12.51 6.91 -59.12
CA PHE J 130 -12.73 7.52 -60.42
C PHE J 130 -12.22 6.62 -61.53
N LEU J 131 -12.94 6.62 -62.66
CA LEU J 131 -12.59 5.87 -63.86
C LEU J 131 -12.40 6.86 -65.00
N PRO J 132 -11.17 7.32 -65.24
CA PRO J 132 -10.91 8.24 -66.36
C PRO J 132 -10.86 7.48 -67.68
N LEU J 133 -11.72 7.85 -68.62
CA LEU J 133 -11.80 7.15 -69.91
C LEU J 133 -10.54 7.35 -70.74
N ASN J 134 -9.86 8.49 -70.59
CA ASN J 134 -8.74 8.82 -71.45
C ASN J 134 -7.51 7.94 -71.19
N LYS J 135 -7.45 7.24 -70.06
CA LYS J 135 -6.26 6.48 -69.68
C LYS J 135 -6.64 5.06 -69.27
N LEU J 136 -7.41 4.38 -70.11
CA LEU J 136 -7.74 2.98 -69.93
C LEU J 136 -7.11 2.18 -71.07
N ASP J 137 -5.93 1.64 -70.80
CA ASP J 137 -5.21 0.81 -71.77
C ASP J 137 -5.99 -0.49 -71.96
N VAL J 138 -6.78 -0.56 -73.03
CA VAL J 138 -7.69 -1.68 -73.28
C VAL J 138 -7.05 -2.64 -74.26
N ARG J 139 -6.81 -3.87 -73.82
CA ARG J 139 -6.44 -4.96 -74.72
C ARG J 139 -7.73 -5.57 -75.27
N ASP J 140 -7.86 -5.60 -76.59
CA ASP J 140 -9.05 -6.17 -77.21
C ASP J 140 -9.06 -7.68 -77.03
N THR J 141 -10.05 -8.17 -76.30
CA THR J 141 -10.10 -9.58 -75.90
C THR J 141 -10.81 -10.43 -76.94
N ALA J 142 -10.48 -11.71 -76.95
CA ALA J 142 -11.04 -12.68 -77.89
C ALA J 142 -11.79 -13.74 -77.10
N TYR J 143 -13.12 -13.69 -77.16
CA TYR J 143 -14.01 -14.56 -76.41
C TYR J 143 -14.17 -15.91 -77.11
N PRO J 144 -14.40 -16.98 -76.34
CA PRO J 144 -14.51 -18.32 -76.94
C PRO J 144 -15.75 -18.46 -77.80
N GLU J 145 -15.69 -19.43 -78.71
CA GLU J 145 -16.75 -19.68 -79.69
C GLU J 145 -17.66 -20.83 -79.24
N THR J 146 -18.07 -20.81 -77.98
CA THR J 146 -18.89 -21.86 -77.41
C THR J 146 -20.36 -21.45 -77.37
N ASN J 147 -21.22 -22.43 -77.11
CA ASN J 147 -22.65 -22.23 -77.07
C ASN J 147 -23.23 -22.16 -75.67
N ASP J 148 -22.50 -22.67 -74.67
CA ASP J 148 -22.97 -22.65 -73.29
C ASP J 148 -22.21 -21.64 -72.43
N ALA J 149 -21.58 -20.65 -73.05
CA ALA J 149 -20.92 -19.58 -72.32
C ALA J 149 -20.97 -18.31 -73.16
N ILE J 150 -21.66 -17.31 -72.65
CA ILE J 150 -21.87 -16.04 -73.35
C ILE J 150 -21.06 -14.97 -72.64
N PRO J 151 -20.43 -14.03 -73.36
CA PRO J 151 -19.71 -12.94 -72.66
C PRO J 151 -20.67 -12.03 -71.91
N MET J 152 -20.24 -11.61 -70.72
CA MET J 152 -21.07 -10.75 -69.89
C MET J 152 -21.34 -9.41 -70.56
N ILE J 153 -20.30 -8.82 -71.15
CA ILE J 153 -20.43 -7.51 -71.80
C ILE J 153 -21.33 -7.56 -73.02
N SER J 154 -21.56 -8.75 -73.59
CA SER J 154 -22.50 -8.89 -74.69
C SER J 154 -23.94 -8.66 -74.24
N LYS J 155 -24.24 -8.82 -72.95
CA LYS J 155 -25.58 -8.62 -72.43
C LYS J 155 -25.70 -7.33 -71.62
N LEU J 156 -24.89 -6.32 -71.98
CA LEU J 156 -24.88 -5.04 -71.29
C LEU J 156 -25.19 -3.93 -72.28
N ARG J 157 -26.22 -3.14 -71.99
CA ARG J 157 -26.65 -2.05 -72.86
C ARG J 157 -26.14 -0.74 -72.27
N TYR J 158 -25.24 -0.09 -73.01
CA TYR J 158 -24.53 1.08 -72.51
C TYR J 158 -24.03 1.90 -73.70
N ASN J 159 -23.79 3.18 -73.44
CA ASN J 159 -23.36 4.10 -74.50
C ASN J 159 -21.96 3.71 -74.96
N PRO J 160 -21.74 3.53 -76.27
CA PRO J 160 -20.44 3.03 -76.74
C PRO J 160 -19.26 3.97 -76.48
N ARG J 161 -19.51 5.27 -76.26
CA ARG J 161 -18.46 6.17 -75.82
C ARG J 161 -17.83 5.70 -74.51
N PHE J 162 -18.62 5.10 -73.63
CA PHE J 162 -18.12 4.54 -72.39
C PHE J 162 -17.56 3.12 -72.55
N ASP J 163 -17.32 2.68 -73.79
CA ASP J 163 -16.88 1.30 -74.05
C ASP J 163 -15.51 1.01 -73.43
N LYS J 164 -14.69 2.04 -73.22
CA LYS J 164 -13.42 1.85 -72.53
C LYS J 164 -13.63 1.48 -71.07
N ALA J 165 -14.67 2.02 -70.42
CA ALA J 165 -14.88 1.78 -69.00
C ALA J 165 -15.38 0.36 -68.75
N PHE J 166 -16.45 -0.03 -69.46
CA PHE J 166 -17.12 -1.29 -69.16
C PHE J 166 -16.23 -2.48 -69.51
N LYS J 167 -15.44 -2.36 -70.58
CA LYS J 167 -14.45 -3.38 -70.92
C LYS J 167 -13.41 -3.53 -69.81
N HIS J 168 -13.17 -2.46 -69.05
CA HIS J 168 -12.27 -2.56 -67.90
C HIS J 168 -12.90 -3.39 -66.78
N VAL J 169 -14.22 -3.35 -66.64
CA VAL J 169 -14.90 -4.00 -65.52
C VAL J 169 -15.40 -5.39 -65.89
N PHE J 170 -16.13 -5.50 -67.00
CA PHE J 170 -16.81 -6.73 -67.37
C PHE J 170 -16.16 -7.43 -68.56
N GLY J 171 -15.07 -6.90 -69.09
CA GLY J 171 -14.50 -7.38 -70.34
C GLY J 171 -13.85 -8.74 -70.27
N LYS J 172 -13.58 -9.27 -69.07
CA LYS J 172 -12.88 -10.54 -68.94
C LYS J 172 -13.73 -11.67 -68.34
N THR J 173 -14.96 -11.40 -67.93
CA THR J 173 -15.76 -12.39 -67.24
C THR J 173 -16.87 -12.91 -68.15
N LEU J 174 -17.19 -14.21 -67.99
CA LEU J 174 -18.12 -14.92 -68.84
C LEU J 174 -19.29 -15.44 -68.02
N ILE J 175 -20.40 -15.73 -68.70
CA ILE J 175 -21.61 -16.27 -68.10
C ILE J 175 -21.80 -17.67 -68.65
N CYS J 176 -21.67 -18.67 -67.78
CA CYS J 176 -21.76 -20.06 -68.19
C CYS J 176 -23.09 -20.67 -67.76
N ARG J 177 -23.43 -21.79 -68.41
CA ARG J 177 -24.72 -22.42 -68.17
C ARG J 177 -24.75 -23.15 -66.84
N SER J 178 -23.67 -23.84 -66.49
CA SER J 178 -23.59 -24.60 -65.25
C SER J 178 -22.24 -24.35 -64.59
N MET J 179 -22.05 -24.95 -63.42
CA MET J 179 -20.82 -24.72 -62.67
C MET J 179 -19.69 -25.62 -63.15
N GLU J 180 -20.00 -26.85 -63.55
CA GLU J 180 -18.98 -27.72 -64.14
C GLU J 180 -18.50 -27.16 -65.47
N VAL J 181 -19.41 -26.63 -66.27
CA VAL J 181 -19.03 -25.94 -67.51
C VAL J 181 -18.19 -24.71 -67.20
N SER J 182 -18.48 -24.04 -66.08
CA SER J 182 -17.75 -22.83 -65.73
C SER J 182 -16.32 -23.15 -65.28
N THR J 183 -16.14 -24.17 -64.44
CA THR J 183 -14.80 -24.55 -64.04
C THR J 183 -14.05 -25.23 -65.16
N GLN J 184 -14.76 -25.74 -66.18
CA GLN J 184 -14.11 -26.16 -67.40
C GLN J 184 -13.57 -24.97 -68.18
N LEU J 185 -14.44 -24.00 -68.47
CA LEU J 185 -14.09 -22.92 -69.39
C LEU J 185 -13.13 -21.92 -68.77
N ALA J 186 -13.14 -21.77 -67.45
CA ALA J 186 -12.32 -20.74 -66.82
C ALA J 186 -10.83 -21.08 -66.91
N ARG J 187 -10.48 -22.35 -66.71
CA ARG J 187 -9.09 -22.78 -66.85
C ARG J 187 -8.78 -23.21 -68.27
N ALA J 188 -9.80 -23.60 -69.06
CA ALA J 188 -9.59 -23.87 -70.47
C ALA J 188 -9.04 -22.65 -71.20
N PHE J 189 -9.59 -21.48 -70.89
CA PHE J 189 -9.03 -20.22 -71.37
C PHE J 189 -8.46 -19.49 -70.16
N THR J 190 -8.55 -18.16 -70.13
CA THR J 190 -8.02 -17.39 -69.02
C THR J 190 -9.02 -16.30 -68.62
N MET J 191 -10.26 -16.72 -68.35
CA MET J 191 -11.35 -15.79 -68.08
C MET J 191 -12.10 -16.20 -66.82
N ASP J 192 -12.58 -15.19 -66.09
CA ASP J 192 -13.50 -15.46 -64.98
C ASP J 192 -14.83 -15.93 -65.54
N CYS J 193 -15.51 -16.77 -64.75
CA CYS J 193 -16.77 -17.35 -65.16
C CYS J 193 -17.74 -17.30 -63.99
N ILE J 194 -19.03 -17.20 -64.31
CA ILE J 194 -20.06 -17.05 -63.29
C ILE J 194 -21.38 -17.52 -63.88
N THR J 195 -22.16 -18.25 -63.09
CA THR J 195 -23.49 -18.66 -63.47
C THR J 195 -24.48 -17.52 -63.23
N LEU J 196 -25.73 -17.73 -63.62
CA LEU J 196 -26.77 -16.72 -63.39
C LEU J 196 -27.12 -16.58 -61.92
N GLU J 197 -26.85 -17.60 -61.09
CA GLU J 197 -27.13 -17.55 -59.67
C GLU J 197 -25.89 -17.17 -58.85
N GLY J 198 -24.91 -16.52 -59.46
CA GLY J 198 -23.86 -15.84 -58.73
C GLY J 198 -22.61 -16.65 -58.44
N ASP J 199 -22.62 -17.96 -58.66
CA ASP J 199 -21.46 -18.78 -58.34
C ASP J 199 -20.35 -18.51 -59.35
N GLN J 200 -19.19 -18.08 -58.85
CA GLN J 200 -18.08 -17.69 -59.70
C GLN J 200 -16.98 -18.74 -59.67
N VAL J 201 -16.05 -18.58 -60.62
CA VAL J 201 -14.77 -19.29 -60.61
C VAL J 201 -13.76 -18.41 -61.34
N SER J 202 -12.66 -18.07 -60.66
CA SER J 202 -11.71 -17.12 -61.19
C SER J 202 -10.84 -17.76 -62.27
N HIS J 203 -10.09 -16.92 -62.97
CA HIS J 203 -9.16 -17.42 -63.98
C HIS J 203 -7.97 -18.13 -63.34
N ARG J 204 -7.71 -17.90 -62.06
CA ARG J 204 -6.69 -18.61 -61.31
C ARG J 204 -7.23 -19.86 -60.64
N GLY J 205 -8.53 -20.11 -60.73
CA GLY J 205 -9.12 -21.27 -60.10
C GLY J 205 -9.73 -21.04 -58.74
N ALA J 206 -9.99 -19.78 -58.37
CA ALA J 206 -10.58 -19.47 -57.07
C ALA J 206 -12.09 -19.69 -57.13
N LEU J 207 -12.56 -20.70 -56.40
CA LEU J 207 -13.97 -21.05 -56.42
C LEU J 207 -14.76 -20.18 -55.46
N THR J 208 -15.83 -19.56 -55.96
CA THR J 208 -16.62 -18.63 -55.16
C THR J 208 -18.10 -18.88 -55.44
N GLY J 209 -18.85 -19.19 -54.40
CA GLY J 209 -20.27 -19.45 -54.58
C GLY J 209 -21.00 -19.43 -53.26
N GLY J 210 -22.32 -19.53 -53.36
CA GLY J 210 -23.17 -19.51 -52.18
C GLY J 210 -24.59 -19.13 -52.56
N TYR J 211 -25.33 -18.62 -51.57
CA TYR J 211 -26.70 -18.19 -51.75
C TYR J 211 -26.73 -16.68 -51.81
N TYR J 212 -26.83 -16.13 -53.03
CA TYR J 212 -27.03 -14.71 -53.24
C TYR J 212 -28.52 -14.42 -53.29
N ASP J 213 -28.98 -13.55 -52.40
CA ASP J 213 -30.40 -13.22 -52.32
C ASP J 213 -30.78 -12.21 -53.41
N THR J 214 -32.08 -12.13 -53.69
CA THR J 214 -32.63 -11.09 -54.53
C THR J 214 -33.07 -9.87 -53.73
N ARG J 215 -33.18 -10.00 -52.41
CA ARG J 215 -33.58 -8.88 -51.57
C ARG J 215 -32.49 -7.81 -51.48
N LYS J 216 -31.22 -8.22 -51.55
CA LYS J 216 -30.10 -7.29 -51.47
C LYS J 216 -29.43 -7.07 -52.82
N SER J 217 -30.02 -7.56 -53.92
CA SER J 217 -29.51 -7.26 -55.25
C SER J 217 -29.75 -5.78 -55.53
N ARG J 218 -28.67 -5.02 -55.66
CA ARG J 218 -28.75 -3.56 -55.72
C ARG J 218 -29.44 -3.10 -56.99
N LEU J 219 -29.21 -3.80 -58.10
CA LEU J 219 -29.86 -3.45 -59.35
C LEU J 219 -31.35 -3.78 -59.32
N GLU J 220 -31.75 -4.81 -58.59
CA GLU J 220 -33.17 -5.08 -58.40
C GLU J 220 -33.84 -3.97 -57.59
N LEU J 221 -33.14 -3.43 -56.59
CA LEU J 221 -33.68 -2.30 -55.84
C LEU J 221 -33.74 -1.04 -56.70
N GLN J 222 -32.77 -0.88 -57.61
CA GLN J 222 -32.82 0.20 -58.58
C GLN J 222 -34.04 0.07 -59.50
N LYS J 223 -34.31 -1.14 -59.96
CA LYS J 223 -35.47 -1.38 -60.82
C LYS J 223 -36.77 -1.18 -60.05
N ASP J 224 -36.81 -1.57 -58.78
CA ASP J 224 -37.97 -1.31 -57.92
C ASP J 224 -38.24 0.18 -57.83
N VAL J 225 -37.20 0.97 -57.54
CA VAL J 225 -37.35 2.41 -57.39
C VAL J 225 -37.79 3.06 -58.70
N ARG J 226 -37.21 2.61 -59.83
CA ARG J 226 -37.52 3.24 -61.11
C ARG J 226 -38.94 2.89 -61.58
N LYS J 227 -39.36 1.64 -61.37
CA LYS J 227 -40.73 1.28 -61.74
C LYS J 227 -41.75 1.95 -60.84
N ALA J 228 -41.41 2.14 -59.56
CA ALA J 228 -42.27 2.92 -58.67
C ALA J 228 -42.36 4.37 -59.12
N GLU J 229 -41.25 4.92 -59.63
CA GLU J 229 -41.26 6.28 -60.15
C GLU J 229 -42.16 6.41 -61.38
N GLU J 230 -42.11 5.43 -62.28
CA GLU J 230 -42.97 5.45 -63.47
C GLU J 230 -44.44 5.33 -63.09
N GLU J 231 -44.75 4.43 -62.15
CA GLU J 231 -46.13 4.29 -61.68
C GLU J 231 -46.62 5.57 -61.01
N LEU J 232 -45.76 6.22 -60.23
CA LEU J 232 -46.13 7.45 -59.55
C LEU J 232 -46.36 8.57 -60.55
N GLY J 233 -45.54 8.63 -61.60
CA GLY J 233 -45.75 9.63 -62.64
C GLY J 233 -47.07 9.44 -63.39
N GLU J 234 -47.41 8.18 -63.69
CA GLU J 234 -48.70 7.89 -64.30
C GLU J 234 -49.86 8.33 -63.42
N LEU J 235 -49.77 8.00 -62.11
CA LEU J 235 -50.83 8.39 -61.18
C LEU J 235 -50.94 9.90 -61.04
N GLU J 236 -49.82 10.61 -61.01
CA GLU J 236 -49.84 12.07 -60.91
C GLU J 236 -50.45 12.69 -62.16
N ALA J 237 -50.15 12.15 -63.34
CA ALA J 237 -50.74 12.67 -64.56
C ALA J 237 -52.26 12.46 -64.57
N LYS J 238 -52.71 11.29 -64.14
CA LYS J 238 -54.16 11.03 -64.11
C LYS J 238 -54.87 11.92 -63.10
N LEU J 239 -54.26 12.13 -61.93
CA LEU J 239 -54.90 12.98 -60.92
C LEU J 239 -54.90 14.45 -61.37
N ASN J 240 -53.85 14.88 -62.07
CA ASN J 240 -53.81 16.25 -62.57
C ASN J 240 -54.88 16.46 -63.65
N GLU J 241 -55.10 15.46 -64.50
CA GLU J 241 -56.18 15.57 -65.49
C GLU J 241 -57.54 15.61 -64.81
N ASN J 242 -57.72 14.80 -63.76
CA ASN J 242 -58.99 14.83 -63.02
C ASN J 242 -59.23 16.17 -62.36
N LEU J 243 -58.18 16.80 -61.83
CA LEU J 243 -58.36 18.10 -61.20
C LEU J 243 -58.61 19.21 -62.23
N ARG J 244 -57.95 19.13 -63.39
CA ARG J 244 -58.21 20.10 -64.45
C ARG J 244 -59.64 19.97 -64.97
N ARG J 245 -60.19 18.76 -65.00
CA ARG J 245 -61.59 18.61 -65.36
C ARG J 245 -62.55 18.88 -64.20
N ASN J 246 -62.05 18.93 -62.96
CA ASN J 246 -62.90 19.29 -61.83
C ASN J 246 -63.01 20.81 -61.66
N ILE J 247 -61.97 21.57 -61.99
CA ILE J 247 -62.08 23.02 -61.89
C ILE J 247 -62.89 23.60 -63.04
N GLU J 248 -62.70 23.07 -64.26
CA GLU J 248 -63.48 23.53 -65.40
C GLU J 248 -64.95 23.12 -65.34
N ARG J 249 -65.31 22.21 -64.43
CA ARG J 249 -66.70 21.90 -64.14
C ARG J 249 -67.27 22.76 -63.01
N ILE J 250 -66.80 24.00 -62.88
CA ILE J 250 -67.34 24.92 -61.88
C ILE J 250 -67.77 26.22 -62.54
N ARG K 27 43.65 -14.07 -8.10
CA ARG K 27 44.06 -15.31 -8.76
C ARG K 27 43.39 -15.44 -10.13
N GLN K 28 42.07 -15.30 -10.16
CA GLN K 28 41.33 -15.36 -11.43
C GLN K 28 41.65 -14.17 -12.32
N GLN K 29 41.91 -13.00 -11.71
CA GLN K 29 42.33 -11.83 -12.48
C GLN K 29 43.67 -12.06 -13.15
N ARG K 30 44.58 -12.76 -12.46
CA ARG K 30 45.84 -13.16 -13.08
C ARG K 30 45.63 -14.13 -14.24
N LYS K 31 44.65 -15.02 -14.12
CA LYS K 31 44.32 -15.95 -15.21
C LYS K 31 43.84 -15.20 -16.44
N ALA K 32 42.90 -14.26 -16.25
CA ALA K 32 42.41 -13.47 -17.38
C ALA K 32 43.49 -12.57 -17.96
N GLU K 33 44.38 -12.04 -17.11
CA GLU K 33 45.49 -11.22 -17.59
C GLU K 33 46.46 -12.03 -18.43
N ILE K 34 46.77 -13.26 -17.99
CA ILE K 34 47.67 -14.12 -18.76
C ILE K 34 47.02 -14.52 -20.08
N MET K 35 45.71 -14.76 -20.07
CA MET K 35 45.00 -15.09 -21.31
C MET K 35 45.03 -13.92 -22.29
N GLU K 36 44.81 -12.69 -21.80
CA GLU K 36 44.88 -11.53 -22.69
C GLU K 36 46.30 -11.26 -23.17
N SER K 37 47.31 -11.59 -22.36
CA SER K 37 48.70 -11.40 -22.79
C SER K 37 49.06 -12.38 -23.91
N ILE K 38 48.71 -13.66 -23.75
CA ILE K 38 48.98 -14.62 -24.80
C ILE K 38 48.09 -14.36 -26.03
N LYS K 39 46.94 -13.70 -25.85
CA LYS K 39 46.17 -13.26 -27.00
C LYS K 39 46.86 -12.10 -27.72
N ARG K 40 47.52 -11.23 -26.97
CA ARG K 40 48.24 -10.11 -27.59
C ARG K 40 49.49 -10.58 -28.32
N LEU K 41 50.11 -11.67 -27.87
CA LEU K 41 51.30 -12.16 -28.57
C LEU K 41 50.94 -12.87 -29.88
N TYR K 42 49.87 -13.66 -29.89
CA TYR K 42 49.43 -14.39 -31.09
C TYR K 42 47.96 -14.08 -31.34
N PRO K 43 47.65 -12.95 -31.97
CA PRO K 43 46.25 -12.55 -32.10
C PRO K 43 45.45 -13.38 -33.09
N GLY K 44 46.07 -13.83 -34.18
CA GLY K 44 45.37 -14.67 -35.12
C GLY K 44 45.31 -16.14 -34.76
N SER K 45 45.67 -16.51 -33.54
CA SER K 45 45.73 -17.91 -33.17
C SER K 45 45.34 -18.21 -31.72
N VAL K 46 44.84 -17.24 -30.96
CA VAL K 46 44.34 -17.46 -29.61
C VAL K 46 42.89 -17.03 -29.60
N TYR K 47 41.97 -17.98 -29.77
CA TYR K 47 40.57 -17.66 -29.94
C TYR K 47 39.86 -17.39 -28.62
N GLY K 48 40.45 -17.78 -27.50
CA GLY K 48 39.86 -17.62 -26.19
C GLY K 48 39.37 -18.96 -25.64
N ARG K 49 38.97 -18.93 -24.37
CA ARG K 49 38.44 -20.14 -23.76
C ARG K 49 36.97 -20.34 -24.15
N LEU K 50 36.41 -21.46 -23.71
CA LEU K 50 35.14 -21.93 -24.26
C LEU K 50 33.94 -21.18 -23.71
N ILE K 51 34.02 -20.67 -22.48
CA ILE K 51 32.85 -20.03 -21.87
C ILE K 51 32.60 -18.65 -22.47
N ASP K 52 33.66 -17.92 -22.79
CA ASP K 52 33.50 -16.61 -23.42
C ASP K 52 33.01 -16.72 -24.86
N LEU K 53 33.13 -17.90 -25.47
CA LEU K 53 32.86 -18.07 -26.89
C LEU K 53 31.58 -18.84 -27.17
N CYS K 54 30.86 -19.29 -26.13
CA CYS K 54 29.68 -20.12 -26.33
C CYS K 54 28.59 -19.71 -25.35
N GLN K 55 27.37 -20.16 -25.64
CA GLN K 55 26.20 -19.85 -24.82
C GLN K 55 25.08 -20.84 -25.11
N PRO K 56 24.39 -21.36 -24.10
CA PRO K 56 23.26 -22.26 -24.38
C PRO K 56 22.05 -21.48 -24.89
N THR K 57 21.09 -22.24 -25.45
CA THR K 57 19.83 -21.64 -25.88
C THR K 57 19.04 -21.12 -24.69
N GLN K 58 18.85 -21.96 -23.67
CA GLN K 58 18.07 -21.59 -22.51
C GLN K 58 18.88 -21.85 -21.25
N LYS K 59 18.42 -21.26 -20.15
CA LYS K 59 19.02 -21.50 -18.84
C LYS K 59 18.50 -22.79 -18.22
N LYS K 60 17.40 -23.34 -18.75
CA LYS K 60 16.87 -24.60 -18.27
C LYS K 60 17.84 -25.75 -18.51
N TYR K 61 18.59 -25.71 -19.62
CA TYR K 61 19.53 -26.78 -19.98
C TYR K 61 20.97 -26.46 -19.61
N GLN K 62 21.20 -25.45 -18.76
CA GLN K 62 22.56 -25.05 -18.42
C GLN K 62 23.27 -26.09 -17.56
N ILE K 63 22.53 -26.80 -16.71
CA ILE K 63 23.15 -27.78 -15.84
C ILE K 63 23.66 -28.97 -16.62
N ALA K 64 22.90 -29.40 -17.64
CA ALA K 64 23.36 -30.48 -18.51
C ALA K 64 24.56 -30.06 -19.34
N VAL K 65 24.59 -28.80 -19.77
CA VAL K 65 25.73 -28.26 -20.49
C VAL K 65 26.98 -28.28 -19.60
N THR K 66 26.81 -27.87 -18.33
CA THR K 66 27.91 -27.96 -17.37
C THR K 66 28.38 -29.40 -17.17
N LYS K 67 27.43 -30.33 -17.10
CA LYS K 67 27.77 -31.74 -16.90
C LYS K 67 28.53 -32.32 -18.08
N VAL K 68 28.17 -31.92 -19.30
CA VAL K 68 28.89 -32.41 -20.48
C VAL K 68 30.26 -31.76 -20.59
N LEU K 69 30.35 -30.45 -20.36
CA LEU K 69 31.63 -29.75 -20.50
C LEU K 69 32.61 -30.15 -19.40
N GLY K 70 32.29 -29.83 -18.14
CA GLY K 70 33.15 -30.19 -17.04
C GLY K 70 34.43 -29.38 -16.98
N LYS K 71 35.58 -30.04 -17.20
CA LYS K 71 36.85 -29.36 -17.26
C LYS K 71 37.04 -28.60 -18.58
N ASN K 72 36.19 -28.85 -19.56
CA ASN K 72 36.29 -28.21 -20.87
C ASN K 72 35.78 -26.77 -20.88
N MET K 73 35.08 -26.33 -19.82
CA MET K 73 34.55 -24.97 -19.80
C MET K 73 35.66 -23.94 -19.62
N ASP K 74 36.77 -24.33 -19.01
CA ASP K 74 37.92 -23.45 -18.83
C ASP K 74 39.05 -23.77 -19.80
N ALA K 75 38.76 -24.50 -20.87
CA ALA K 75 39.77 -24.91 -21.84
C ALA K 75 39.95 -23.80 -22.88
N ILE K 76 41.19 -23.34 -23.02
CA ILE K 76 41.51 -22.28 -23.97
C ILE K 76 41.58 -22.88 -25.38
N ILE K 77 40.97 -22.20 -26.34
CA ILE K 77 40.97 -22.64 -27.73
C ILE K 77 42.03 -21.85 -28.49
N VAL K 78 42.97 -22.56 -29.10
CA VAL K 78 43.98 -21.93 -29.95
C VAL K 78 43.81 -22.46 -31.37
N ASP K 79 44.63 -21.96 -32.30
CA ASP K 79 44.53 -22.38 -33.70
C ASP K 79 45.38 -23.63 -33.93
N SER K 80 46.69 -23.51 -33.72
CA SER K 80 47.62 -24.58 -34.07
C SER K 80 48.23 -25.21 -32.84
N GLU K 81 48.75 -26.43 -33.03
CA GLU K 81 49.48 -27.12 -31.97
C GLU K 81 50.82 -26.45 -31.68
N LYS K 82 51.41 -25.82 -32.70
CA LYS K 82 52.64 -25.05 -32.49
C LYS K 82 52.39 -23.84 -31.59
N THR K 83 51.28 -23.12 -31.83
CA THR K 83 50.89 -22.05 -30.91
C THR K 83 50.50 -22.61 -29.55
N GLY K 84 50.06 -23.88 -29.51
CA GLY K 84 49.87 -24.54 -28.22
C GLY K 84 51.15 -24.67 -27.43
N ARG K 85 52.22 -25.16 -28.08
CA ARG K 85 53.52 -25.25 -27.40
C ARG K 85 54.05 -23.86 -27.04
N ASP K 86 53.80 -22.87 -27.89
CA ASP K 86 54.28 -21.52 -27.62
C ASP K 86 53.59 -20.92 -26.39
N CYS K 87 52.27 -21.11 -26.28
CA CYS K 87 51.54 -20.64 -25.11
C CYS K 87 51.96 -21.40 -23.86
N ILE K 88 52.18 -22.71 -23.98
CA ILE K 88 52.66 -23.52 -22.86
C ILE K 88 54.01 -23.02 -22.36
N GLN K 89 54.93 -22.74 -23.28
CA GLN K 89 56.27 -22.30 -22.91
C GLN K 89 56.25 -20.89 -22.32
N TYR K 90 55.39 -20.01 -22.86
CA TYR K 90 55.31 -18.67 -22.30
C TYR K 90 54.70 -18.68 -20.90
N ILE K 91 53.68 -19.52 -20.68
CA ILE K 91 53.10 -19.65 -19.34
C ILE K 91 54.11 -20.27 -18.38
N LYS K 92 54.90 -21.23 -18.86
CA LYS K 92 55.94 -21.85 -18.03
C LYS K 92 57.05 -20.87 -17.68
N GLU K 93 57.38 -19.95 -18.59
CA GLU K 93 58.31 -18.88 -18.23
C GLU K 93 57.69 -17.90 -17.25
N GLN K 94 56.40 -17.62 -17.38
CA GLN K 94 55.72 -16.65 -16.53
C GLN K 94 55.36 -17.20 -15.15
N ARG K 95 55.59 -18.49 -14.90
CA ARG K 95 55.27 -19.16 -13.63
C ARG K 95 53.79 -19.02 -13.29
N GLY K 96 52.93 -19.37 -14.25
CA GLY K 96 51.51 -19.16 -14.13
C GLY K 96 50.71 -20.44 -13.98
N GLU K 97 49.39 -20.28 -14.03
CA GLU K 97 48.48 -21.40 -13.87
C GLU K 97 48.48 -22.25 -15.14
N PRO K 98 48.72 -23.56 -15.04
CA PRO K 98 48.62 -24.42 -16.22
C PRO K 98 47.17 -24.56 -16.67
N GLU K 99 46.94 -24.39 -17.96
CA GLU K 99 45.61 -24.53 -18.55
C GLU K 99 45.66 -25.58 -19.66
N THR K 100 44.51 -25.81 -20.30
CA THR K 100 44.38 -26.81 -21.34
C THR K 100 44.10 -26.11 -22.66
N PHE K 101 44.91 -26.40 -23.68
CA PHE K 101 44.80 -25.77 -24.99
C PHE K 101 44.20 -26.75 -25.99
N LEU K 102 43.33 -26.23 -26.84
CA LEU K 102 42.70 -27.03 -27.90
C LEU K 102 43.11 -26.49 -29.26
N PRO K 103 44.06 -27.14 -29.96
CA PRO K 103 44.39 -26.72 -31.32
C PRO K 103 43.27 -27.02 -32.30
N LEU K 104 43.42 -26.61 -33.55
CA LEU K 104 42.44 -26.94 -34.57
C LEU K 104 43.02 -27.78 -35.70
N ASP K 105 44.26 -27.50 -36.11
CA ASP K 105 44.88 -28.29 -37.18
C ASP K 105 45.23 -29.69 -36.70
N TYR K 106 45.65 -29.83 -35.44
CA TYR K 106 46.07 -31.11 -34.88
C TYR K 106 45.15 -31.57 -33.75
N LEU K 107 43.87 -31.24 -33.85
CA LEU K 107 42.86 -31.78 -32.94
C LEU K 107 42.22 -33.00 -33.58
N GLU K 108 42.09 -34.07 -32.80
CA GLU K 108 41.49 -35.31 -33.27
C GLU K 108 40.02 -35.32 -32.89
N VAL K 109 39.15 -35.17 -33.90
CA VAL K 109 37.72 -35.22 -33.70
C VAL K 109 37.12 -36.22 -34.66
N LYS K 110 35.88 -36.61 -34.37
CA LYS K 110 35.00 -37.31 -35.28
C LYS K 110 33.86 -36.37 -35.66
N PRO K 111 33.42 -36.38 -36.92
CA PRO K 111 32.30 -35.52 -37.30
C PRO K 111 31.03 -35.89 -36.56
N THR K 112 30.15 -34.90 -36.40
CA THR K 112 28.94 -35.08 -35.62
C THR K 112 28.02 -36.10 -36.28
N ASP K 113 27.49 -37.01 -35.47
CA ASP K 113 26.67 -38.12 -35.96
C ASP K 113 25.39 -37.60 -36.59
N GLU K 114 25.29 -37.73 -37.92
CA GLU K 114 24.14 -37.21 -38.66
C GLU K 114 22.87 -38.00 -38.36
N LYS K 115 23.01 -39.29 -38.01
CA LYS K 115 21.84 -40.12 -37.78
C LYS K 115 21.14 -39.76 -36.49
N LEU K 116 21.86 -39.25 -35.50
CA LEU K 116 21.28 -38.94 -34.19
C LEU K 116 20.38 -37.72 -34.21
N ARG K 117 20.37 -36.94 -35.29
CA ARG K 117 19.34 -35.92 -35.45
C ARG K 117 17.99 -36.51 -35.83
N GLU K 118 17.97 -37.77 -36.26
CA GLU K 118 16.71 -38.48 -36.46
C GLU K 118 16.09 -38.97 -35.16
N LEU K 119 16.82 -38.88 -34.04
CA LEU K 119 16.36 -39.45 -32.79
C LEU K 119 15.23 -38.59 -32.22
N LYS K 120 14.20 -39.25 -31.72
CA LYS K 120 12.93 -38.59 -31.40
C LYS K 120 12.85 -38.11 -29.97
N GLY K 121 13.56 -38.76 -29.04
CA GLY K 121 13.36 -38.52 -27.63
C GLY K 121 14.00 -37.27 -27.09
N ALA K 122 15.06 -36.77 -27.72
CA ALA K 122 15.80 -35.66 -27.13
C ALA K 122 16.59 -34.92 -28.20
N LYS K 123 16.70 -33.61 -28.04
CA LYS K 123 17.52 -32.79 -28.92
C LYS K 123 19.00 -33.02 -28.60
N LEU K 124 19.84 -32.77 -29.61
CA LEU K 124 21.28 -33.03 -29.46
C LEU K 124 21.90 -31.97 -28.55
N VAL K 125 22.99 -32.36 -27.86
CA VAL K 125 23.62 -31.48 -26.89
C VAL K 125 24.28 -30.29 -27.58
N ILE K 126 25.05 -30.55 -28.64
CA ILE K 126 25.85 -29.51 -29.28
C ILE K 126 24.96 -28.48 -29.96
N ASP K 127 23.78 -28.90 -30.43
CA ASP K 127 22.83 -27.97 -31.04
C ASP K 127 22.14 -27.08 -30.02
N VAL K 128 22.32 -27.32 -28.72
CA VAL K 128 21.83 -26.41 -27.68
C VAL K 128 22.84 -25.30 -27.39
N ILE K 129 24.08 -25.44 -27.85
CA ILE K 129 25.12 -24.44 -27.62
C ILE K 129 25.35 -23.67 -28.91
N ARG K 130 25.40 -22.35 -28.81
CA ARG K 130 25.85 -21.49 -29.90
C ARG K 130 27.26 -21.01 -29.61
N TYR K 131 27.95 -20.62 -30.68
CA TYR K 131 29.39 -20.39 -30.63
C TYR K 131 29.76 -19.42 -31.74
N GLU K 132 30.85 -18.66 -31.51
CA GLU K 132 31.32 -17.67 -32.47
C GLU K 132 32.82 -17.48 -32.32
N PRO K 133 33.59 -17.38 -33.43
CA PRO K 133 33.24 -17.47 -34.86
C PRO K 133 32.86 -18.89 -35.31
N PRO K 134 32.08 -19.01 -36.39
CA PRO K 134 31.53 -20.33 -36.76
C PRO K 134 32.55 -21.32 -37.29
N HIS K 135 33.82 -20.94 -37.48
CA HIS K 135 34.80 -21.86 -38.05
C HIS K 135 35.28 -22.89 -37.03
N ILE K 136 35.19 -22.59 -35.74
CA ILE K 136 35.89 -23.34 -34.70
C ILE K 136 34.98 -24.31 -33.95
N LYS K 137 34.02 -24.92 -34.64
CA LYS K 137 33.12 -25.91 -34.05
C LYS K 137 33.83 -27.18 -33.59
N LYS K 138 35.09 -27.37 -34.02
CA LYS K 138 35.80 -28.63 -33.79
C LYS K 138 36.02 -28.91 -32.31
N ALA K 139 36.24 -27.85 -31.51
CA ALA K 139 36.36 -28.03 -30.07
C ALA K 139 35.05 -28.48 -29.45
N LEU K 140 33.92 -27.94 -29.94
CA LEU K 140 32.61 -28.41 -29.49
C LEU K 140 32.34 -29.83 -29.98
N GLN K 141 32.92 -30.22 -31.11
CA GLN K 141 32.81 -31.61 -31.56
C GLN K 141 33.56 -32.56 -30.64
N TYR K 142 34.73 -32.12 -30.14
CA TYR K 142 35.44 -32.94 -29.16
C TYR K 142 34.70 -32.99 -27.84
N ALA K 143 34.18 -31.85 -27.37
CA ALA K 143 33.59 -31.79 -26.03
C ALA K 143 32.23 -32.47 -25.98
N CYS K 144 31.36 -32.18 -26.96
CA CYS K 144 30.01 -32.74 -26.95
C CYS K 144 29.96 -34.10 -27.64
N GLY K 145 30.26 -34.13 -28.95
CA GLY K 145 30.26 -35.39 -29.66
C GLY K 145 28.84 -35.88 -29.91
N ASN K 146 28.59 -37.13 -29.51
CA ASN K 146 27.27 -37.75 -29.65
C ASN K 146 26.49 -37.75 -28.34
N ALA K 147 26.65 -36.72 -27.53
CA ALA K 147 25.95 -36.63 -26.25
C ALA K 147 24.51 -36.19 -26.48
N LEU K 148 23.64 -36.57 -25.53
CA LEU K 148 22.20 -36.34 -25.64
C LEU K 148 21.69 -35.74 -24.34
N VAL K 149 20.77 -34.78 -24.45
CA VAL K 149 20.24 -34.07 -23.29
C VAL K 149 18.73 -34.24 -23.26
N CYS K 150 18.20 -34.76 -22.16
CA CYS K 150 16.77 -35.03 -22.01
C CYS K 150 16.12 -33.99 -21.11
N ASP K 151 14.79 -34.10 -20.99
CA ASP K 151 14.02 -33.18 -20.17
C ASP K 151 14.14 -33.53 -18.68
N ASN K 152 13.75 -34.75 -18.32
CA ASN K 152 13.77 -35.21 -16.95
C ASN K 152 14.48 -36.56 -16.86
N VAL K 153 14.46 -37.15 -15.66
CA VAL K 153 15.26 -38.34 -15.39
C VAL K 153 14.65 -39.57 -16.06
N GLU K 154 13.31 -39.64 -16.08
CA GLU K 154 12.65 -40.82 -16.65
C GLU K 154 12.86 -40.93 -18.14
N ASP K 155 12.99 -39.79 -18.84
CA ASP K 155 13.21 -39.82 -20.29
C ASP K 155 14.58 -40.41 -20.63
N ALA K 156 15.62 -39.94 -19.95
CA ALA K 156 16.97 -40.46 -20.19
C ALA K 156 17.09 -41.91 -19.71
N ARG K 157 16.40 -42.25 -18.62
CA ARG K 157 16.41 -43.62 -18.13
C ARG K 157 15.70 -44.56 -19.10
N ARG K 158 14.66 -44.08 -19.78
CA ARG K 158 13.95 -44.90 -20.73
C ARG K 158 14.72 -45.05 -22.04
N ILE K 159 15.36 -43.98 -22.52
CA ILE K 159 16.04 -44.08 -23.81
C ILE K 159 17.44 -44.68 -23.70
N ALA K 160 18.07 -44.63 -22.52
CA ALA K 160 19.40 -45.21 -22.39
C ALA K 160 19.35 -46.70 -22.06
N PHE K 161 18.33 -47.14 -21.32
CA PHE K 161 18.19 -48.53 -20.92
C PHE K 161 16.99 -49.20 -21.58
N GLY K 162 16.52 -48.66 -22.71
CA GLY K 162 15.34 -49.22 -23.35
C GLY K 162 15.53 -49.53 -24.82
N GLY K 163 16.55 -48.92 -25.44
CA GLY K 163 16.90 -49.22 -26.80
C GLY K 163 18.00 -50.25 -26.88
N HIS K 164 18.07 -50.94 -28.03
CA HIS K 164 19.12 -51.93 -28.24
C HIS K 164 20.49 -51.31 -28.48
N GLN K 165 20.55 -50.00 -28.75
CA GLN K 165 21.79 -49.26 -28.84
C GLN K 165 21.76 -48.10 -27.85
N ARG K 166 22.75 -48.04 -26.97
CA ARG K 166 22.80 -47.01 -25.94
C ARG K 166 23.63 -45.82 -26.40
N HIS K 167 23.25 -44.64 -25.92
CA HIS K 167 23.94 -43.41 -26.26
C HIS K 167 24.19 -42.60 -25.00
N LYS K 168 25.25 -41.80 -25.04
CA LYS K 168 25.67 -40.96 -23.92
C LYS K 168 24.60 -39.90 -23.68
N THR K 169 23.82 -40.06 -22.61
CA THR K 169 22.66 -39.22 -22.36
C THR K 169 22.73 -38.66 -20.95
N VAL K 170 22.47 -37.35 -20.82
CA VAL K 170 22.39 -36.67 -19.54
C VAL K 170 20.93 -36.31 -19.27
N ALA K 171 20.52 -36.45 -18.01
CA ALA K 171 19.15 -36.14 -17.59
C ALA K 171 19.04 -34.77 -16.93
N LEU K 172 20.01 -33.89 -17.19
CA LEU K 172 20.01 -32.45 -16.88
C LEU K 172 20.16 -32.16 -15.39
N ASP K 173 19.56 -32.96 -14.51
CA ASP K 173 19.70 -32.75 -13.07
C ASP K 173 21.02 -33.27 -12.50
N GLY K 174 22.01 -33.57 -13.36
CA GLY K 174 23.28 -34.11 -12.95
C GLY K 174 23.40 -35.61 -13.13
N THR K 175 22.28 -36.32 -13.21
CA THR K 175 22.28 -37.77 -13.38
C THR K 175 22.63 -38.10 -14.83
N LEU K 176 23.89 -38.48 -15.04
CA LEU K 176 24.42 -38.76 -16.37
C LEU K 176 24.37 -40.27 -16.63
N PHE K 177 23.91 -40.65 -17.81
CA PHE K 177 23.76 -42.05 -18.20
C PHE K 177 24.80 -42.34 -19.29
N GLN K 178 26.00 -42.76 -18.88
CA GLN K 178 27.03 -43.15 -19.83
C GLN K 178 26.76 -44.56 -20.35
N LYS K 179 27.60 -45.01 -21.29
CA LYS K 179 27.40 -46.31 -21.91
C LYS K 179 27.69 -47.47 -20.95
N SER K 180 28.51 -47.23 -19.93
CA SER K 180 28.81 -48.26 -18.93
C SER K 180 27.65 -48.53 -17.98
N GLY K 181 26.63 -47.66 -17.96
CA GLY K 181 25.57 -47.77 -16.99
C GLY K 181 25.83 -47.03 -15.70
N VAL K 182 26.97 -46.35 -15.57
CA VAL K 182 27.29 -45.60 -14.37
C VAL K 182 26.50 -44.30 -14.35
N ILE K 183 25.92 -43.98 -13.20
CA ILE K 183 25.11 -42.79 -13.03
C ILE K 183 25.88 -41.83 -12.13
N SER K 184 26.20 -40.65 -12.67
CA SER K 184 26.81 -39.61 -11.86
C SER K 184 25.77 -39.02 -10.91
N GLY K 185 26.11 -38.98 -9.63
CA GLY K 185 25.18 -38.48 -8.63
C GLY K 185 25.64 -37.21 -7.94
N GLY K 186 24.85 -36.14 -8.07
CA GLY K 186 25.16 -34.88 -7.43
C GLY K 186 25.45 -33.74 -8.39
N ALA K 187 25.25 -32.51 -7.93
CA ALA K 187 25.43 -31.30 -8.73
C ALA K 187 25.85 -30.14 -7.85
N SER K 188 26.69 -30.41 -6.85
CA SER K 188 27.17 -29.37 -5.95
C SER K 188 28.11 -28.41 -6.65
N ASP K 189 28.95 -28.92 -7.55
CA ASP K 189 29.77 -28.05 -8.38
C ASP K 189 28.97 -27.46 -9.53
N LEU K 190 27.90 -28.15 -9.95
CA LEU K 190 27.19 -27.76 -11.16
C LEU K 190 26.31 -26.52 -10.94
N LYS K 191 25.75 -26.36 -9.74
CA LYS K 191 24.99 -25.14 -9.46
C LYS K 191 25.92 -23.94 -9.38
N ALA K 192 27.12 -24.13 -8.83
CA ALA K 192 28.10 -23.05 -8.79
C ALA K 192 28.56 -22.68 -10.20
N LYS K 193 28.74 -23.66 -11.07
CA LYS K 193 29.13 -23.35 -12.45
C LYS K 193 27.97 -22.77 -13.27
N ALA K 194 26.71 -23.08 -12.91
CA ALA K 194 25.59 -22.40 -13.54
C ALA K 194 25.50 -20.94 -13.08
N ARG K 195 25.81 -20.69 -11.80
CA ARG K 195 25.91 -19.29 -11.36
C ARG K 195 27.10 -18.60 -12.00
N ARG K 196 28.15 -19.36 -12.35
CA ARG K 196 29.25 -18.81 -13.15
C ARG K 196 28.78 -18.44 -14.55
N TRP K 197 27.92 -19.28 -15.16
CA TRP K 197 27.27 -18.95 -16.42
C TRP K 197 26.51 -17.63 -16.31
N ASP K 198 25.69 -17.50 -15.26
CA ASP K 198 24.93 -16.26 -15.07
C ASP K 198 25.83 -15.08 -14.74
N GLU K 199 26.99 -15.32 -14.14
CA GLU K 199 27.97 -14.27 -13.93
C GLU K 199 28.52 -13.78 -15.26
N LYS K 200 28.73 -14.69 -16.21
CA LYS K 200 29.06 -14.25 -17.57
C LYS K 200 27.83 -13.72 -18.30
N ALA K 201 26.74 -14.50 -18.31
CA ALA K 201 25.51 -14.06 -18.97
C ALA K 201 24.77 -13.05 -18.12
N ARG L 12 81.08 -28.16 35.19
CA ARG L 12 80.14 -29.25 34.97
C ARG L 12 78.87 -28.78 34.25
N ASN L 13 78.89 -27.53 33.79
CA ASN L 13 77.75 -26.96 33.07
C ASN L 13 77.66 -27.45 31.63
N TYR L 14 78.73 -28.07 31.13
CA TYR L 14 78.85 -28.42 29.72
C TYR L 14 77.81 -29.46 29.32
N LEU L 15 77.66 -30.50 30.16
CA LEU L 15 76.73 -31.60 29.87
C LEU L 15 75.29 -31.11 29.84
N TRP L 16 74.89 -30.33 30.85
CA TRP L 16 73.54 -29.80 30.94
C TRP L 16 73.22 -28.88 29.75
N ARG L 17 74.12 -27.95 29.45
CA ARG L 17 73.84 -27.02 28.36
C ARG L 17 73.82 -27.71 27.00
N GLU L 18 74.68 -28.71 26.81
CA GLU L 18 74.66 -29.51 25.58
C GLU L 18 73.35 -30.29 25.46
N GLU L 19 72.85 -30.83 26.58
CA GLU L 19 71.59 -31.57 26.56
C GLU L 19 70.42 -30.66 26.20
N ASN L 20 70.39 -29.46 26.77
CA ASN L 20 69.33 -28.51 26.45
C ASN L 20 69.38 -28.10 24.97
N ALA L 21 70.59 -27.89 24.44
CA ALA L 21 70.72 -27.54 23.03
C ALA L 21 70.27 -28.67 22.11
N GLU L 22 70.64 -29.91 22.45
CA GLU L 22 70.23 -31.05 21.63
C GLU L 22 68.72 -31.26 21.66
N GLN L 23 68.09 -31.03 22.82
CA GLN L 23 66.65 -31.17 22.90
C GLN L 23 65.95 -30.07 22.11
N GLN L 24 66.48 -28.85 22.12
CA GLN L 24 65.92 -27.80 21.27
C GLN L 24 66.07 -28.13 19.79
N ALA L 25 67.19 -28.75 19.40
CA ALA L 25 67.37 -29.16 18.02
C ALA L 25 66.36 -30.23 17.62
N LEU L 26 66.13 -31.21 18.51
CA LEU L 26 65.14 -32.25 18.23
C LEU L 26 63.73 -31.66 18.13
N ALA L 27 63.41 -30.68 18.98
CA ALA L 27 62.10 -30.04 18.91
C ALA L 27 61.94 -29.27 17.61
N ALA L 28 63.01 -28.63 17.13
CA ALA L 28 62.96 -27.96 15.83
C ALA L 28 62.71 -28.96 14.70
N LYS L 29 63.37 -30.12 14.74
CA LYS L 29 63.15 -31.13 13.71
C LYS L 29 61.73 -31.69 13.75
N ARG L 30 61.19 -31.88 14.96
CA ARG L 30 59.82 -32.38 15.08
C ARG L 30 58.81 -31.36 14.55
N GLU L 31 59.04 -30.07 14.84
CA GLU L 31 58.15 -29.03 14.32
C GLU L 31 58.23 -28.94 12.81
N ASP L 32 59.43 -29.11 12.24
CA ASP L 32 59.57 -29.10 10.79
C ASP L 32 58.84 -30.27 10.15
N LEU L 33 58.94 -31.46 10.77
CA LEU L 33 58.23 -32.63 10.27
C LEU L 33 56.72 -32.43 10.34
N GLU L 34 56.23 -31.84 11.43
CA GLU L 34 54.80 -31.59 11.55
C GLU L 34 54.33 -30.58 10.52
N LYS L 35 55.16 -29.57 10.22
CA LYS L 35 54.84 -28.59 9.19
C LYS L 35 54.71 -29.25 7.82
N LYS L 36 55.67 -30.12 7.48
CA LYS L 36 55.64 -30.74 6.16
C LYS L 36 54.52 -31.77 6.04
N GLN L 37 54.21 -32.49 7.12
CA GLN L 37 53.05 -33.38 7.12
C GLN L 37 51.75 -32.59 6.97
N GLN L 38 51.67 -31.43 7.63
CA GLN L 38 50.50 -30.57 7.49
C GLN L 38 50.36 -30.05 6.06
N LEU L 39 51.49 -29.75 5.40
CA LEU L 39 51.45 -29.34 3.99
C LEU L 39 50.94 -30.46 3.10
N LEU L 40 51.40 -31.70 3.33
CA LEU L 40 50.89 -32.82 2.55
C LEU L 40 49.39 -33.04 2.81
N ARG L 41 48.96 -32.91 4.07
CA ARG L 41 47.56 -33.12 4.39
C ARG L 41 46.67 -32.02 3.83
N ALA L 42 47.20 -30.81 3.72
CA ALA L 42 46.44 -29.73 3.07
C ALA L 42 46.37 -29.94 1.57
N ALA L 43 47.44 -30.44 0.97
CA ALA L 43 47.45 -30.69 -0.47
C ALA L 43 46.70 -31.97 -0.85
N THR L 44 46.23 -32.75 0.12
CA THR L 44 45.51 -33.99 -0.12
C THR L 44 44.02 -33.77 -0.37
N GLY L 45 43.36 -33.03 0.51
CA GLY L 45 41.93 -32.83 0.41
C GLY L 45 41.18 -33.36 1.61
N LYS L 46 40.14 -32.65 2.05
CA LYS L 46 39.42 -33.05 3.26
C LYS L 46 38.61 -34.34 3.04
N ALA L 47 38.05 -34.54 1.85
CA ALA L 47 37.24 -35.72 1.61
C ALA L 47 38.09 -36.98 1.45
N ILE L 48 39.21 -36.85 0.74
CA ILE L 48 40.13 -37.97 0.56
C ILE L 48 40.71 -38.41 1.91
N LEU L 49 41.16 -37.44 2.70
CA LEU L 49 41.75 -37.74 4.00
C LEU L 49 40.71 -38.31 4.96
N ASN L 50 39.48 -37.79 4.90
CA ASN L 50 38.40 -38.36 5.69
C ASN L 50 38.12 -39.81 5.29
N GLY L 51 38.19 -40.10 3.99
CA GLY L 51 37.98 -41.48 3.54
C GLY L 51 39.07 -42.42 4.02
N ILE L 52 40.33 -41.97 3.97
CA ILE L 52 41.44 -42.80 4.44
C ILE L 52 41.33 -43.05 5.94
N ASP L 53 41.06 -41.99 6.72
CA ASP L 53 40.96 -42.11 8.17
C ASP L 53 39.79 -42.99 8.57
N SER L 54 38.67 -42.89 7.84
CA SER L 54 37.50 -43.69 8.18
C SER L 54 37.66 -45.15 7.77
N ILE L 55 38.37 -45.42 6.67
CA ILE L 55 38.68 -46.81 6.34
C ILE L 55 39.62 -47.41 7.38
N ASN L 56 40.56 -46.60 7.90
CA ASN L 56 41.41 -47.06 8.99
C ASN L 56 40.59 -47.36 10.24
N LYS L 57 39.56 -46.55 10.51
CA LYS L 57 38.66 -46.83 11.63
C LYS L 57 37.88 -48.13 11.40
N VAL L 58 37.45 -48.39 10.16
CA VAL L 58 36.76 -49.64 9.83
C VAL L 58 37.66 -50.85 10.07
N LEU L 59 38.94 -50.74 9.68
CA LEU L 59 39.86 -51.85 9.88
C LEU L 59 40.21 -52.04 11.36
N ASP L 60 40.26 -50.94 12.13
CA ASP L 60 40.48 -51.06 13.57
C ASP L 60 39.29 -51.76 14.24
N HIS L 61 38.08 -51.40 13.84
CA HIS L 61 36.88 -52.10 14.31
C HIS L 61 36.90 -53.57 13.92
N PHE L 62 37.39 -53.87 12.71
CA PHE L 62 37.43 -55.24 12.22
C PHE L 62 38.42 -56.09 12.99
N ARG L 63 39.59 -55.54 13.33
CA ARG L 63 40.49 -56.29 14.22
C ARG L 63 39.97 -56.36 15.64
N ARG L 64 39.21 -55.35 16.07
CA ARG L 64 38.68 -55.35 17.42
C ARG L 64 37.67 -56.47 17.62
N LYS L 65 36.86 -56.76 16.61
CA LYS L 65 35.99 -57.93 16.72
C LYS L 65 36.60 -59.20 16.12
N GLY L 66 37.50 -59.06 15.15
CA GLY L 66 38.14 -60.21 14.55
C GLY L 66 37.31 -60.87 13.47
N ILE L 67 36.82 -60.07 12.52
CA ILE L 67 35.98 -60.56 11.45
C ILE L 67 36.69 -60.38 10.13
N ASN L 68 36.47 -61.33 9.21
CA ASN L 68 36.75 -61.17 7.78
C ASN L 68 38.25 -60.96 7.51
N GLN L 69 39.03 -61.99 7.86
CA GLN L 69 40.47 -61.90 7.64
C GLN L 69 40.84 -61.98 6.17
N HIS L 70 39.97 -62.57 5.34
CA HIS L 70 40.16 -62.48 3.89
C HIS L 70 39.91 -61.07 3.38
N VAL L 71 39.01 -60.33 4.04
CA VAL L 71 38.73 -58.95 3.66
C VAL L 71 39.81 -58.01 4.20
N GLN L 72 40.32 -58.29 5.41
CA GLN L 72 41.38 -57.46 5.98
C GLN L 72 42.67 -57.57 5.18
N ASN L 73 42.92 -58.72 4.57
CA ASN L 73 44.02 -58.87 3.63
C ASN L 73 43.69 -58.35 2.25
N GLY L 74 42.45 -57.90 2.05
CA GLY L 74 42.01 -57.36 0.77
C GLY L 74 42.20 -55.87 0.59
N TYR L 75 42.56 -55.15 1.65
CA TYR L 75 42.85 -53.73 1.56
C TYR L 75 44.36 -53.56 1.60
N HIS L 76 44.93 -53.01 0.52
CA HIS L 76 46.36 -52.88 0.37
C HIS L 76 46.85 -51.45 0.46
N GLY L 77 45.95 -50.48 0.47
CA GLY L 77 46.29 -49.09 0.68
C GLY L 77 46.00 -48.24 -0.55
N ILE L 78 46.40 -46.98 -0.45
CA ILE L 78 46.23 -46.01 -1.53
C ILE L 78 47.31 -46.26 -2.58
N VAL L 79 47.14 -45.70 -3.77
CA VAL L 79 48.14 -45.87 -4.83
C VAL L 79 49.42 -45.12 -4.47
N MET L 80 49.29 -43.96 -3.83
CA MET L 80 50.45 -43.10 -3.56
C MET L 80 51.43 -43.74 -2.58
N ASN L 81 50.97 -44.63 -1.71
CA ASN L 81 51.82 -45.30 -0.75
C ASN L 81 52.24 -46.70 -1.19
N ASN L 82 52.01 -47.06 -2.46
CA ASN L 82 52.32 -48.40 -2.94
C ASN L 82 53.24 -48.40 -4.17
N PHE L 83 53.88 -47.27 -4.47
CA PHE L 83 54.94 -47.28 -5.48
C PHE L 83 55.96 -46.21 -5.13
N GLU L 84 57.14 -46.32 -5.72
CA GLU L 84 58.16 -45.29 -5.64
C GLU L 84 58.81 -45.12 -7.01
N CYS L 85 59.19 -43.89 -7.32
CA CYS L 85 59.92 -43.57 -8.53
C CYS L 85 60.96 -42.51 -8.22
N GLU L 86 61.86 -42.28 -9.17
CA GLU L 86 62.89 -41.27 -8.99
C GLU L 86 62.26 -39.88 -9.02
N PRO L 87 62.81 -38.93 -8.25
CA PRO L 87 62.15 -37.62 -8.08
C PRO L 87 61.99 -36.82 -9.37
N ALA L 88 62.86 -37.03 -10.37
CA ALA L 88 62.77 -36.26 -11.60
C ALA L 88 61.50 -36.58 -12.40
N PHE L 89 60.88 -37.72 -12.14
CA PHE L 89 59.61 -38.07 -12.77
C PHE L 89 58.41 -37.56 -11.99
N TYR L 90 58.61 -37.03 -10.78
CA TYR L 90 57.51 -36.72 -9.85
C TYR L 90 56.44 -35.87 -10.50
N THR L 91 56.85 -34.73 -11.06
CA THR L 91 55.93 -33.79 -11.70
C THR L 91 55.16 -34.44 -12.84
N CYS L 92 55.80 -35.32 -13.62
CA CYS L 92 55.06 -35.92 -14.72
C CYS L 92 54.29 -37.16 -14.29
N VAL L 93 54.54 -37.70 -13.09
CA VAL L 93 53.78 -38.87 -12.66
C VAL L 93 52.47 -38.44 -12.02
N GLU L 94 52.54 -37.46 -11.11
CA GLU L 94 51.38 -37.04 -10.32
C GLU L 94 50.24 -36.57 -11.20
N VAL L 95 50.53 -35.64 -12.12
CA VAL L 95 49.48 -35.13 -13.01
C VAL L 95 48.98 -36.19 -13.98
N THR L 96 49.72 -37.29 -14.15
CA THR L 96 49.20 -38.39 -14.95
C THR L 96 48.09 -39.13 -14.22
N ALA L 97 48.17 -39.20 -12.89
CA ALA L 97 47.15 -39.87 -12.09
C ALA L 97 46.26 -38.91 -11.33
N GLY L 98 46.84 -37.83 -10.77
CA GLY L 98 46.09 -36.86 -10.00
C GLY L 98 45.44 -37.45 -8.77
N ASN L 99 44.11 -37.34 -8.70
CA ASN L 99 43.36 -37.94 -7.61
C ASN L 99 43.37 -39.47 -7.67
N ARG L 100 43.79 -40.06 -8.79
CA ARG L 100 44.07 -41.49 -8.84
C ARG L 100 45.20 -41.89 -7.90
N LEU L 101 46.01 -40.93 -7.42
CA LEU L 101 46.96 -41.21 -6.34
C LEU L 101 46.28 -41.69 -5.07
N PHE L 102 44.98 -41.45 -4.90
CA PHE L 102 44.29 -41.83 -3.68
C PHE L 102 43.22 -42.89 -3.92
N TYR L 103 43.31 -43.59 -5.04
CA TYR L 103 42.47 -44.77 -5.24
C TYR L 103 42.94 -45.88 -4.31
N HIS L 104 42.01 -46.69 -3.83
CA HIS L 104 42.32 -47.75 -2.88
C HIS L 104 42.37 -49.09 -3.61
N ILE L 105 43.51 -49.78 -3.49
CA ILE L 105 43.75 -51.00 -4.24
C ILE L 105 43.20 -52.18 -3.45
N VAL L 106 42.30 -52.95 -4.08
CA VAL L 106 41.67 -54.11 -3.45
C VAL L 106 41.73 -55.29 -4.42
N ASP L 107 41.62 -56.50 -3.86
CA ASP L 107 41.73 -57.70 -4.67
C ASP L 107 40.47 -57.94 -5.49
N SER L 108 39.30 -57.72 -4.90
CA SER L 108 38.03 -57.99 -5.57
C SER L 108 37.00 -57.00 -5.05
N ASP L 109 35.75 -57.16 -5.52
CA ASP L 109 34.65 -56.36 -5.03
C ASP L 109 34.11 -56.86 -3.69
N GLU L 110 34.52 -58.06 -3.26
CA GLU L 110 34.08 -58.62 -1.98
C GLU L 110 34.53 -57.72 -0.82
N VAL L 111 35.83 -57.44 -0.75
CA VAL L 111 36.38 -56.55 0.27
C VAL L 111 35.81 -55.15 0.16
N SER L 112 35.55 -54.67 -1.06
CA SER L 112 34.96 -53.33 -1.23
C SER L 112 33.57 -53.25 -0.61
N THR L 113 32.70 -54.20 -0.94
CA THR L 113 31.36 -54.23 -0.35
C THR L 113 31.41 -54.45 1.16
N LYS L 114 32.34 -55.28 1.63
CA LYS L 114 32.41 -55.56 3.06
C LYS L 114 32.91 -54.36 3.86
N ILE L 115 33.79 -53.54 3.28
CA ILE L 115 34.16 -52.28 3.92
C ILE L 115 32.99 -51.30 3.88
N LEU L 116 32.28 -51.24 2.75
CA LEU L 116 31.19 -50.28 2.63
C LEU L 116 30.01 -50.61 3.53
N MET L 117 29.86 -51.87 3.94
CA MET L 117 28.86 -52.23 4.94
C MET L 117 29.06 -51.46 6.24
N GLU L 118 30.25 -51.62 6.86
CA GLU L 118 30.59 -50.84 8.05
C GLU L 118 30.60 -49.34 7.78
N PHE L 119 30.97 -48.95 6.56
CA PHE L 119 31.05 -47.53 6.21
C PHE L 119 29.68 -46.87 6.29
N ASN L 120 28.67 -47.50 5.72
CA ASN L 120 27.32 -46.94 5.77
C ASN L 120 26.61 -47.25 7.09
N LYS L 121 27.04 -48.28 7.82
CA LYS L 121 26.43 -48.55 9.11
C LYS L 121 26.84 -47.51 10.15
N MET L 122 28.14 -47.25 10.28
CA MET L 122 28.62 -46.32 11.28
C MET L 122 28.67 -44.87 10.78
N ASN L 123 28.25 -44.62 9.55
CA ASN L 123 28.09 -43.29 8.97
C ASN L 123 29.42 -42.52 8.95
N LEU L 124 30.32 -42.98 8.02
CA LEU L 124 31.65 -42.43 7.79
C LEU L 124 31.68 -41.53 6.57
N PRO L 125 32.47 -40.44 6.60
CA PRO L 125 32.17 -39.28 5.74
C PRO L 125 32.92 -39.16 4.42
N GLY L 126 34.00 -39.91 4.22
CA GLY L 126 34.94 -39.58 3.16
C GLY L 126 34.57 -40.11 1.78
N GLU L 127 35.29 -39.60 0.78
CA GLU L 127 35.23 -40.10 -0.59
C GLU L 127 36.25 -41.23 -0.74
N VAL L 128 35.83 -42.33 -1.36
CA VAL L 128 36.71 -43.47 -1.58
C VAL L 128 36.44 -44.05 -2.96
N THR L 129 37.51 -44.26 -3.72
CA THR L 129 37.44 -44.90 -5.03
C THR L 129 38.19 -46.22 -4.98
N PHE L 130 37.58 -47.27 -5.51
CA PHE L 130 38.09 -48.63 -5.36
C PHE L 130 38.54 -49.20 -6.69
N LEU L 131 39.59 -50.02 -6.64
CA LEU L 131 40.15 -50.66 -7.83
C LEU L 131 40.29 -52.16 -7.56
N PRO L 132 39.32 -52.97 -8.02
CA PRO L 132 39.41 -54.43 -7.79
C PRO L 132 40.35 -55.06 -8.80
N LEU L 133 41.34 -55.81 -8.29
CA LEU L 133 42.32 -56.46 -9.16
C LEU L 133 41.68 -57.54 -10.02
N ASN L 134 40.68 -58.23 -9.48
CA ASN L 134 40.11 -59.39 -10.14
C ASN L 134 39.27 -59.03 -11.36
N LYS L 135 38.87 -57.75 -11.52
CA LYS L 135 37.99 -57.36 -12.61
C LYS L 135 38.54 -56.17 -13.38
N LEU L 136 39.86 -56.09 -13.54
CA LEU L 136 40.48 -55.16 -14.47
C LEU L 136 40.94 -55.96 -15.69
N ASP L 137 40.11 -55.95 -16.74
CA ASP L 137 40.44 -56.64 -17.97
C ASP L 137 41.59 -55.91 -18.65
N VAL L 138 42.76 -56.55 -18.68
CA VAL L 138 43.98 -55.92 -19.19
C VAL L 138 44.17 -56.34 -20.64
N ARG L 139 44.04 -55.37 -21.55
CA ARG L 139 44.43 -55.58 -22.93
C ARG L 139 45.94 -55.39 -23.07
N ASP L 140 46.59 -56.30 -23.78
CA ASP L 140 48.04 -56.25 -23.95
C ASP L 140 48.39 -55.06 -24.83
N THR L 141 49.06 -54.07 -24.26
CA THR L 141 49.39 -52.84 -24.95
C THR L 141 50.73 -52.96 -25.66
N ALA L 142 50.82 -52.35 -26.84
CA ALA L 142 52.00 -52.40 -27.69
C ALA L 142 52.67 -51.03 -27.67
N TYR L 143 53.75 -50.91 -26.89
CA TYR L 143 54.51 -49.68 -26.75
C TYR L 143 55.40 -49.44 -27.97
N PRO L 144 55.69 -48.19 -28.30
CA PRO L 144 56.60 -47.91 -29.42
C PRO L 144 58.05 -48.22 -29.06
N GLU L 145 58.81 -48.61 -30.07
CA GLU L 145 60.23 -48.91 -29.90
C GLU L 145 61.10 -47.76 -30.38
N THR L 146 60.84 -46.56 -29.86
CA THR L 146 61.57 -45.37 -30.25
C THR L 146 62.64 -45.03 -29.21
N ASN L 147 63.48 -44.05 -29.55
CA ASN L 147 64.58 -43.66 -28.69
C ASN L 147 64.23 -42.49 -27.77
N ASP L 148 63.14 -41.77 -28.05
CA ASP L 148 62.79 -40.57 -27.30
C ASP L 148 61.48 -40.70 -26.54
N ALA L 149 61.02 -41.92 -26.30
CA ALA L 149 59.81 -42.12 -25.51
C ALA L 149 59.90 -43.44 -24.77
N ILE L 150 59.72 -43.38 -23.46
CA ILE L 150 59.73 -44.53 -22.56
C ILE L 150 58.32 -44.65 -21.99
N PRO L 151 57.77 -45.85 -21.82
CA PRO L 151 56.50 -45.97 -21.10
C PRO L 151 56.66 -45.55 -19.64
N MET L 152 55.62 -44.91 -19.10
CA MET L 152 55.68 -44.40 -17.74
C MET L 152 55.79 -45.54 -16.73
N ILE L 153 55.08 -46.64 -16.98
CA ILE L 153 55.09 -47.79 -16.10
C ILE L 153 56.46 -48.45 -16.02
N SER L 154 57.33 -48.19 -17.01
CA SER L 154 58.70 -48.68 -16.96
C SER L 154 59.56 -47.97 -15.92
N LYS L 155 59.09 -46.86 -15.36
CA LYS L 155 59.85 -46.11 -14.35
C LYS L 155 59.17 -46.14 -12.99
N LEU L 156 58.38 -47.18 -12.71
CA LEU L 156 57.63 -47.31 -11.47
C LEU L 156 58.03 -48.59 -10.75
N ARG L 157 58.40 -48.47 -9.48
CA ARG L 157 58.79 -49.60 -8.65
C ARG L 157 57.62 -49.97 -7.76
N TYR L 158 57.03 -51.14 -8.00
CA TYR L 158 55.80 -51.53 -7.33
C TYR L 158 55.74 -53.06 -7.29
N ASN L 159 54.89 -53.57 -6.40
CA ASN L 159 54.71 -55.01 -6.26
C ASN L 159 54.03 -55.55 -7.51
N PRO L 160 54.65 -56.47 -8.25
CA PRO L 160 54.11 -56.88 -9.56
C PRO L 160 52.77 -57.60 -9.49
N ARG L 161 52.38 -58.12 -8.32
CA ARG L 161 51.04 -58.69 -8.16
C ARG L 161 49.96 -57.64 -8.35
N PHE L 162 50.28 -56.36 -8.13
CA PHE L 162 49.38 -55.25 -8.40
C PHE L 162 49.47 -54.78 -9.85
N ASP L 163 50.07 -55.57 -10.74
CA ASP L 163 50.35 -55.11 -12.09
C ASP L 163 49.07 -54.82 -12.88
N LYS L 164 47.97 -55.47 -12.50
CA LYS L 164 46.70 -55.17 -13.15
C LYS L 164 46.17 -53.80 -12.77
N ALA L 165 46.45 -53.34 -11.54
CA ALA L 165 45.98 -52.02 -11.11
C ALA L 165 46.77 -50.91 -11.80
N PHE L 166 48.10 -50.98 -11.72
CA PHE L 166 48.94 -49.89 -12.19
C PHE L 166 48.85 -49.75 -13.71
N LYS L 167 48.68 -50.86 -14.43
CA LYS L 167 48.45 -50.81 -15.87
C LYS L 167 47.18 -50.04 -16.21
N HIS L 168 46.19 -50.04 -15.31
CA HIS L 168 45.01 -49.24 -15.53
C HIS L 168 45.29 -47.75 -15.36
N VAL L 169 46.24 -47.39 -14.49
CA VAL L 169 46.43 -45.99 -14.13
C VAL L 169 47.48 -45.32 -15.01
N PHE L 170 48.64 -45.97 -15.18
CA PHE L 170 49.73 -45.38 -15.93
C PHE L 170 50.07 -46.12 -17.21
N GLY L 171 49.43 -47.27 -17.47
CA GLY L 171 49.85 -48.14 -18.55
C GLY L 171 49.57 -47.61 -19.94
N LYS L 172 48.69 -46.62 -20.07
CA LYS L 172 48.33 -46.09 -21.38
C LYS L 172 49.08 -44.82 -21.75
N THR L 173 49.84 -44.23 -20.82
CA THR L 173 50.51 -42.96 -21.06
C THR L 173 52.02 -43.16 -21.19
N LEU L 174 52.64 -42.37 -22.06
CA LEU L 174 54.06 -42.44 -22.37
C LEU L 174 54.76 -41.17 -21.93
N ILE L 175 56.07 -41.27 -21.72
CA ILE L 175 56.93 -40.14 -21.40
C ILE L 175 57.81 -39.91 -22.62
N CYS L 176 57.59 -38.79 -23.30
CA CYS L 176 58.36 -38.46 -24.48
C CYS L 176 59.39 -37.38 -24.16
N ARG L 177 60.38 -37.25 -25.05
CA ARG L 177 61.47 -36.32 -24.79
C ARG L 177 61.04 -34.87 -24.99
N SER L 178 60.20 -34.62 -26.00
CA SER L 178 59.77 -33.27 -26.31
C SER L 178 58.27 -33.28 -26.61
N MET L 179 57.74 -32.11 -26.97
CA MET L 179 56.29 -31.98 -27.13
C MET L 179 55.83 -32.38 -28.53
N GLU L 180 56.60 -32.03 -29.56
CA GLU L 180 56.21 -32.39 -30.93
C GLU L 180 56.33 -33.89 -31.16
N VAL L 181 57.40 -34.50 -30.62
CA VAL L 181 57.50 -35.96 -30.62
C VAL L 181 56.34 -36.58 -29.87
N SER L 182 55.93 -35.94 -28.76
CA SER L 182 54.84 -36.46 -27.95
C SER L 182 53.51 -36.41 -28.71
N THR L 183 53.23 -35.32 -29.42
CA THR L 183 51.95 -35.25 -30.11
C THR L 183 51.94 -36.14 -31.35
N GLN L 184 53.07 -36.26 -32.04
CA GLN L 184 53.17 -37.19 -33.18
C GLN L 184 52.95 -38.63 -32.72
N LEU L 185 53.62 -39.04 -31.65
CA LEU L 185 53.49 -40.40 -31.16
C LEU L 185 52.14 -40.62 -30.47
N ALA L 186 51.52 -39.56 -29.96
CA ALA L 186 50.25 -39.70 -29.26
C ALA L 186 49.11 -39.92 -30.24
N ARG L 187 49.05 -39.11 -31.30
CA ARG L 187 48.03 -39.38 -32.30
C ARG L 187 48.43 -40.51 -33.25
N ALA L 188 49.72 -40.85 -33.32
CA ALA L 188 50.15 -41.92 -34.20
C ALA L 188 49.70 -43.29 -33.68
N PHE L 189 49.85 -43.51 -32.39
CA PHE L 189 49.31 -44.71 -31.76
C PHE L 189 47.97 -44.33 -31.15
N THR L 190 47.65 -44.85 -29.98
CA THR L 190 46.43 -44.46 -29.27
C THR L 190 46.75 -44.26 -27.79
N MET L 191 47.79 -43.49 -27.51
CA MET L 191 48.32 -43.34 -26.17
C MET L 191 48.48 -41.88 -25.82
N ASP L 192 48.14 -41.52 -24.57
CA ASP L 192 48.47 -40.20 -24.08
C ASP L 192 49.97 -40.06 -23.92
N CYS L 193 50.46 -38.83 -24.04
CA CYS L 193 51.89 -38.57 -23.94
C CYS L 193 52.09 -37.33 -23.09
N ILE L 194 53.27 -37.24 -22.47
CA ILE L 194 53.58 -36.16 -21.54
C ILE L 194 55.10 -36.07 -21.41
N THR L 195 55.60 -34.84 -21.36
CA THR L 195 57.03 -34.63 -21.14
C THR L 195 57.32 -34.68 -19.64
N LEU L 196 58.59 -34.45 -19.28
CA LEU L 196 58.99 -34.52 -17.88
C LEU L 196 58.50 -33.36 -17.04
N GLU L 197 58.03 -32.28 -17.65
CA GLU L 197 57.59 -31.10 -16.92
C GLU L 197 56.08 -30.89 -17.01
N GLY L 198 55.31 -31.97 -17.16
CA GLY L 198 53.88 -31.95 -16.97
C GLY L 198 53.05 -31.61 -18.19
N ASP L 199 53.65 -31.16 -19.28
CA ASP L 199 52.88 -30.81 -20.47
C ASP L 199 52.47 -32.08 -21.20
N GLN L 200 51.17 -32.23 -21.42
CA GLN L 200 50.58 -33.46 -21.94
C GLN L 200 50.02 -33.27 -23.34
N VAL L 201 49.69 -34.40 -23.97
CA VAL L 201 48.90 -34.45 -25.19
C VAL L 201 48.15 -35.77 -25.20
N SER L 202 46.83 -35.71 -25.35
CA SER L 202 46.00 -36.90 -25.24
C SER L 202 45.98 -37.67 -26.55
N HIS L 203 45.37 -38.86 -26.50
CA HIS L 203 45.11 -39.62 -27.71
C HIS L 203 43.98 -39.02 -28.55
N ARG L 204 43.25 -38.05 -28.01
CA ARG L 204 42.24 -37.30 -28.74
C ARG L 204 42.72 -35.92 -29.14
N GLY L 205 44.02 -35.66 -29.05
CA GLY L 205 44.57 -34.38 -29.45
C GLY L 205 44.41 -33.26 -28.45
N ALA L 206 44.09 -33.58 -27.20
CA ALA L 206 43.90 -32.56 -26.17
C ALA L 206 45.25 -32.14 -25.60
N LEU L 207 45.63 -30.89 -25.82
CA LEU L 207 46.91 -30.37 -25.36
C LEU L 207 46.74 -29.76 -23.98
N THR L 208 47.60 -30.15 -23.05
CA THR L 208 47.49 -29.68 -21.66
C THR L 208 48.90 -29.46 -21.12
N GLY L 209 49.21 -28.21 -20.78
CA GLY L 209 50.53 -27.90 -20.25
C GLY L 209 50.51 -26.62 -19.44
N GLY L 210 51.71 -26.21 -19.03
CA GLY L 210 51.87 -25.02 -18.24
C GLY L 210 53.06 -25.16 -17.31
N TYR L 211 53.04 -24.40 -16.22
CA TYR L 211 54.09 -24.44 -15.22
C TYR L 211 53.58 -25.19 -13.99
N TYR L 212 53.97 -26.46 -13.88
CA TYR L 212 53.71 -27.23 -12.68
C TYR L 212 54.87 -27.07 -11.72
N ASP L 213 54.57 -26.68 -10.48
CA ASP L 213 55.59 -26.43 -9.48
C ASP L 213 56.00 -27.74 -8.80
N THR L 214 57.14 -27.70 -8.12
CA THR L 214 57.59 -28.79 -7.27
C THR L 214 57.15 -28.59 -5.82
N ARG L 215 56.69 -27.39 -5.47
CA ARG L 215 56.31 -27.10 -4.09
C ARG L 215 55.03 -27.83 -3.69
N LYS L 216 54.09 -28.02 -4.63
CA LYS L 216 52.84 -28.72 -4.35
C LYS L 216 52.80 -30.12 -4.95
N SER L 217 53.93 -30.64 -5.45
CA SER L 217 53.97 -32.02 -5.92
C SER L 217 53.85 -32.94 -4.72
N ARG L 218 52.76 -33.71 -4.67
CA ARG L 218 52.44 -34.51 -3.49
C ARG L 218 53.47 -35.61 -3.27
N LEU L 219 54.09 -36.10 -4.34
CA LEU L 219 55.13 -37.11 -4.20
C LEU L 219 56.39 -36.51 -3.58
N GLU L 220 56.72 -35.27 -3.95
CA GLU L 220 57.84 -34.59 -3.32
C GLU L 220 57.55 -34.28 -1.85
N LEU L 221 56.29 -33.95 -1.52
CA LEU L 221 55.90 -33.77 -0.13
C LEU L 221 56.03 -35.07 0.65
N GLN L 222 55.67 -36.20 0.02
CA GLN L 222 55.85 -37.51 0.63
C GLN L 222 57.32 -37.80 0.90
N LYS L 223 58.18 -37.51 -0.08
CA LYS L 223 59.61 -37.76 0.10
C LYS L 223 60.21 -36.84 1.15
N ASP L 224 59.75 -35.58 1.22
CA ASP L 224 60.18 -34.66 2.25
C ASP L 224 59.81 -35.17 3.64
N VAL L 225 58.56 -35.63 3.79
CA VAL L 225 58.11 -36.16 5.08
C VAL L 225 58.91 -37.39 5.49
N ARG L 226 59.15 -38.31 4.54
CA ARG L 226 59.83 -39.55 4.91
C ARG L 226 61.31 -39.32 5.19
N LYS L 227 61.96 -38.40 4.46
CA LYS L 227 63.35 -38.08 4.75
C LYS L 227 63.48 -37.34 6.08
N ALA L 228 62.50 -36.49 6.41
CA ALA L 228 62.49 -35.86 7.72
C ALA L 228 62.31 -36.90 8.82
N GLU L 229 61.50 -37.93 8.57
CA GLU L 229 61.34 -39.02 9.53
C GLU L 229 62.63 -39.78 9.74
N GLU L 230 63.37 -40.04 8.65
CA GLU L 230 64.66 -40.73 8.77
C GLU L 230 65.67 -39.90 9.56
N GLU L 231 65.75 -38.59 9.26
CA GLU L 231 66.64 -37.71 10.00
C GLU L 231 66.25 -37.63 11.47
N LEU L 232 64.95 -37.58 11.75
CA LEU L 232 64.47 -37.52 13.13
C LEU L 232 64.81 -38.79 13.89
N GLY L 233 64.67 -39.96 13.24
CA GLY L 233 65.01 -41.20 13.89
C GLY L 233 66.50 -41.34 14.18
N GLU L 234 67.34 -40.90 13.23
CA GLU L 234 68.79 -40.94 13.45
C GLU L 234 69.19 -40.03 14.61
N LEU L 235 68.65 -38.80 14.63
CA LEU L 235 68.99 -37.89 15.73
C LEU L 235 68.41 -38.37 17.06
N GLU L 236 67.26 -39.05 17.03
CA GLU L 236 66.70 -39.61 18.25
C GLU L 236 67.58 -40.72 18.82
N ALA L 237 68.09 -41.61 17.95
CA ALA L 237 68.99 -42.65 18.40
C ALA L 237 70.28 -42.07 18.97
N LYS L 238 70.81 -41.02 18.31
CA LYS L 238 72.04 -40.40 18.79
C LYS L 238 71.83 -39.71 20.14
N LEU L 239 70.71 -38.99 20.31
CA LEU L 239 70.44 -38.32 21.58
C LEU L 239 70.19 -39.34 22.69
N ASN L 240 69.54 -40.46 22.38
CA ASN L 240 69.30 -41.48 23.39
C ASN L 240 70.59 -42.16 23.82
N GLU L 241 71.51 -42.39 22.87
CA GLU L 241 72.81 -42.95 23.23
C GLU L 241 73.63 -41.97 24.07
N ASN L 242 73.55 -40.68 23.74
CA ASN L 242 74.24 -39.67 24.55
C ASN L 242 73.66 -39.59 25.95
N LEU L 243 72.33 -39.70 26.09
CA LEU L 243 71.73 -39.64 27.41
C LEU L 243 72.02 -40.90 28.23
N ARG L 244 72.16 -42.06 27.58
CA ARG L 244 72.57 -43.25 28.31
C ARG L 244 74.01 -43.14 28.79
N ARG L 245 74.90 -42.66 27.92
CA ARG L 245 76.31 -42.48 28.30
C ARG L 245 76.49 -41.34 29.30
N ASN L 246 75.51 -40.45 29.43
CA ASN L 246 75.55 -39.42 30.46
C ASN L 246 74.94 -39.89 31.77
N ILE L 247 73.94 -40.77 31.71
CA ILE L 247 73.38 -41.37 32.92
C ILE L 247 74.41 -42.28 33.59
N GLU L 248 75.19 -43.02 32.79
CA GLU L 248 76.21 -43.90 33.36
C GLU L 248 77.29 -43.12 34.12
N ARG L 249 77.64 -41.93 33.62
CA ARG L 249 78.68 -41.12 34.26
C ARG L 249 78.13 -40.23 35.38
N ILE L 250 76.81 -40.03 35.44
CA ILE L 250 76.13 -39.20 36.44
C ILE L 250 76.67 -37.77 36.47
#